data_1QHQ
# 
_entry.id   1QHQ 
# 
_audit_conform.dict_name       mmcif_pdbx.dic 
_audit_conform.dict_version    5.383 
_audit_conform.dict_location   http://mmcif.pdb.org/dictionaries/ascii/mmcif_pdbx.dic 
# 
loop_
_database_2.database_id 
_database_2.database_code 
_database_2.pdbx_database_accession 
_database_2.pdbx_DOI 
PDB   1QHQ         pdb_00001qhq 10.2210/pdb1qhq/pdb 
RCSB  RCSB001105   ?            ?                   
WWPDB D_1000001105 ?            ?                   
# 
loop_
_pdbx_audit_revision_history.ordinal 
_pdbx_audit_revision_history.data_content_type 
_pdbx_audit_revision_history.major_revision 
_pdbx_audit_revision_history.minor_revision 
_pdbx_audit_revision_history.revision_date 
1 'Structure model' 1 0 2001-03-07 
2 'Structure model' 1 1 2007-10-16 
3 'Structure model' 1 2 2011-07-13 
4 'Structure model' 1 3 2023-12-27 
# 
_pdbx_audit_revision_details.ordinal             1 
_pdbx_audit_revision_details.revision_ordinal    1 
_pdbx_audit_revision_details.data_content_type   'Structure model' 
_pdbx_audit_revision_details.provider            repository 
_pdbx_audit_revision_details.type                'Initial release' 
_pdbx_audit_revision_details.description         ? 
_pdbx_audit_revision_details.details             ? 
# 
loop_
_pdbx_audit_revision_group.ordinal 
_pdbx_audit_revision_group.revision_ordinal 
_pdbx_audit_revision_group.data_content_type 
_pdbx_audit_revision_group.group 
1 2 'Structure model' 'Version format compliance' 
2 3 'Structure model' 'Derived calculations'      
3 3 'Structure model' 'Version format compliance' 
4 4 'Structure model' 'Data collection'           
5 4 'Structure model' 'Database references'       
6 4 'Structure model' 'Derived calculations'      
# 
loop_
_pdbx_audit_revision_category.ordinal 
_pdbx_audit_revision_category.revision_ordinal 
_pdbx_audit_revision_category.data_content_type 
_pdbx_audit_revision_category.category 
1 4 'Structure model' chem_comp_atom         
2 4 'Structure model' chem_comp_bond         
3 4 'Structure model' database_2             
4 4 'Structure model' pdbx_struct_conn_angle 
5 4 'Structure model' struct_conn            
6 4 'Structure model' struct_site            
# 
loop_
_pdbx_audit_revision_item.ordinal 
_pdbx_audit_revision_item.revision_ordinal 
_pdbx_audit_revision_item.data_content_type 
_pdbx_audit_revision_item.item 
1  4 'Structure model' '_database_2.pdbx_DOI'                        
2  4 'Structure model' '_database_2.pdbx_database_accession'         
3  4 'Structure model' '_pdbx_struct_conn_angle.ptnr1_auth_comp_id'  
4  4 'Structure model' '_pdbx_struct_conn_angle.ptnr1_auth_seq_id'   
5  4 'Structure model' '_pdbx_struct_conn_angle.ptnr1_label_atom_id' 
6  4 'Structure model' '_pdbx_struct_conn_angle.ptnr1_label_comp_id' 
7  4 'Structure model' '_pdbx_struct_conn_angle.ptnr1_label_seq_id'  
8  4 'Structure model' '_pdbx_struct_conn_angle.ptnr3_auth_comp_id'  
9  4 'Structure model' '_pdbx_struct_conn_angle.ptnr3_auth_seq_id'   
10 4 'Structure model' '_pdbx_struct_conn_angle.ptnr3_label_atom_id' 
11 4 'Structure model' '_pdbx_struct_conn_angle.ptnr3_label_comp_id' 
12 4 'Structure model' '_pdbx_struct_conn_angle.ptnr3_label_seq_id'  
13 4 'Structure model' '_pdbx_struct_conn_angle.value'               
14 4 'Structure model' '_struct_conn.pdbx_dist_value'                
15 4 'Structure model' '_struct_conn.ptnr1_auth_comp_id'             
16 4 'Structure model' '_struct_conn.ptnr1_auth_seq_id'              
17 4 'Structure model' '_struct_conn.ptnr1_label_asym_id'            
18 4 'Structure model' '_struct_conn.ptnr1_label_atom_id'            
19 4 'Structure model' '_struct_conn.ptnr1_label_comp_id'            
20 4 'Structure model' '_struct_conn.ptnr1_label_seq_id'             
21 4 'Structure model' '_struct_conn.ptnr2_auth_comp_id'             
22 4 'Structure model' '_struct_conn.ptnr2_auth_seq_id'              
23 4 'Structure model' '_struct_conn.ptnr2_label_asym_id'            
24 4 'Structure model' '_struct_conn.ptnr2_label_atom_id'            
25 4 'Structure model' '_struct_conn.ptnr2_label_comp_id'            
26 4 'Structure model' '_struct_conn.ptnr2_label_seq_id'             
27 4 'Structure model' '_struct_site.pdbx_auth_asym_id'              
28 4 'Structure model' '_struct_site.pdbx_auth_comp_id'              
29 4 'Structure model' '_struct_site.pdbx_auth_seq_id'               
# 
_pdbx_database_status.status_code                     REL 
_pdbx_database_status.entry_id                        1QHQ 
_pdbx_database_status.recvd_initial_deposition_date   1999-05-25 
_pdbx_database_status.deposit_site                    PDBE 
_pdbx_database_status.process_site                    RCSB 
_pdbx_database_status.status_code_sf                  REL 
_pdbx_database_status.SG_entry                        . 
_pdbx_database_status.status_code_mr                  ? 
_pdbx_database_status.status_code_cs                  ? 
_pdbx_database_status.pdb_format_compatible           Y 
_pdbx_database_status.status_code_nmr_data            ? 
_pdbx_database_status.methods_development_category    ? 
# 
loop_
_audit_author.name 
_audit_author.pdbx_ordinal 
'Bond, C.S.'        1 
'Blankenship, R.E.' 2 
'Freeman, H.C.'     3 
'Guss, J.M.'        4 
'Maher, M.'         5 
'Selvaraj, F.'      6 
'Wilce, M.C.J.'     7 
'Willingham, K.'    8 
# 
_citation.id                        primary 
_citation.title                     
;Crystal structure of auracyanin, a "blue" copper protein from the green thermophilic photosynthetic bacterium Chloroflexus aurantiacus.
;
_citation.journal_abbrev            J.Mol.Biol. 
_citation.journal_volume            306 
_citation.page_first                47 
_citation.page_last                 67 
_citation.year                      2001 
_citation.journal_id_ASTM           JMOBAK 
_citation.country                   UK 
_citation.journal_id_ISSN           0022-2836 
_citation.journal_id_CSD            0070 
_citation.book_publisher            ? 
_citation.pdbx_database_id_PubMed   11178893 
_citation.pdbx_database_id_DOI      10.1006/jmbi.2000.4201 
# 
loop_
_citation_author.citation_id 
_citation_author.name 
_citation_author.ordinal 
_citation_author.identifier_ORCID 
primary 'Bond, C.S.'        1 ? 
primary 'Blankenship, R.E.' 2 ? 
primary 'Freeman, H.C.'     3 ? 
primary 'Guss, J.M.'        4 ? 
primary 'Maher, M.J.'       5 ? 
primary 'Selvaraj, F.M.'    6 ? 
primary 'Wilce, M.C.'       7 ? 
primary 'Willingham, K.M.'  8 ? 
# 
loop_
_entity.id 
_entity.type 
_entity.src_method 
_entity.pdbx_description 
_entity.formula_weight 
_entity.pdbx_number_of_molecules 
_entity.pdbx_ec 
_entity.pdbx_mutation 
_entity.pdbx_fragment 
_entity.details 
1 polymer     nat 'PROTEIN (AURACYANIN)' 14410.964 1   ? ? ? ? 
2 non-polymer syn 'COPPER (II) ION'      63.546    1   ? ? ? ? 
3 non-polymer syn 'CHLORIDE ION'         35.453    1   ? ? ? ? 
4 non-polymer syn 'SULFATE ION'          96.063    2   ? ? ? ? 
5 water       nat water                  18.015    247 ? ? ? ? 
# 
_entity_poly.entity_id                      1 
_entity_poly.type                           'polypeptide(L)' 
_entity_poly.nstd_linkage                   no 
_entity_poly.nstd_monomer                   no 
_entity_poly.pdbx_seq_one_letter_code       
;AANAPGGSNVVNETPAQTVEVRAAPDALAFAQTSLSLPANTVVRLDFVNQNNLGVQHNWVLVNGGDDVAAAVNTAAQNNA
DALFVPPPDTPNALAWTAMLNAGESGSVTFRTPAPGTYLYICTFPGHYLAGMKGTLTVTP
;
_entity_poly.pdbx_seq_one_letter_code_can   
;AANAPGGSNVVNETPAQTVEVRAAPDALAFAQTSLSLPANTVVRLDFVNQNNLGVQHNWVLVNGGDDVAAAVNTAAQNNA
DALFVPPPDTPNALAWTAMLNAGESGSVTFRTPAPGTYLYICTFPGHYLAGMKGTLTVTP
;
_entity_poly.pdbx_strand_id                 A 
_entity_poly.pdbx_target_identifier         ? 
# 
loop_
_pdbx_entity_nonpoly.entity_id 
_pdbx_entity_nonpoly.name 
_pdbx_entity_nonpoly.comp_id 
2 'COPPER (II) ION' CU  
3 'CHLORIDE ION'    CL  
4 'SULFATE ION'     SO4 
5 water             HOH 
# 
loop_
_entity_poly_seq.entity_id 
_entity_poly_seq.num 
_entity_poly_seq.mon_id 
_entity_poly_seq.hetero 
1 1   ALA n 
1 2   ALA n 
1 3   ASN n 
1 4   ALA n 
1 5   PRO n 
1 6   GLY n 
1 7   GLY n 
1 8   SER n 
1 9   ASN n 
1 10  VAL n 
1 11  VAL n 
1 12  ASN n 
1 13  GLU n 
1 14  THR n 
1 15  PRO n 
1 16  ALA n 
1 17  GLN n 
1 18  THR n 
1 19  VAL n 
1 20  GLU n 
1 21  VAL n 
1 22  ARG n 
1 23  ALA n 
1 24  ALA n 
1 25  PRO n 
1 26  ASP n 
1 27  ALA n 
1 28  LEU n 
1 29  ALA n 
1 30  PHE n 
1 31  ALA n 
1 32  GLN n 
1 33  THR n 
1 34  SER n 
1 35  LEU n 
1 36  SER n 
1 37  LEU n 
1 38  PRO n 
1 39  ALA n 
1 40  ASN n 
1 41  THR n 
1 42  VAL n 
1 43  VAL n 
1 44  ARG n 
1 45  LEU n 
1 46  ASP n 
1 47  PHE n 
1 48  VAL n 
1 49  ASN n 
1 50  GLN n 
1 51  ASN n 
1 52  ASN n 
1 53  LEU n 
1 54  GLY n 
1 55  VAL n 
1 56  GLN n 
1 57  HIS n 
1 58  ASN n 
1 59  TRP n 
1 60  VAL n 
1 61  LEU n 
1 62  VAL n 
1 63  ASN n 
1 64  GLY n 
1 65  GLY n 
1 66  ASP n 
1 67  ASP n 
1 68  VAL n 
1 69  ALA n 
1 70  ALA n 
1 71  ALA n 
1 72  VAL n 
1 73  ASN n 
1 74  THR n 
1 75  ALA n 
1 76  ALA n 
1 77  GLN n 
1 78  ASN n 
1 79  ASN n 
1 80  ALA n 
1 81  ASP n 
1 82  ALA n 
1 83  LEU n 
1 84  PHE n 
1 85  VAL n 
1 86  PRO n 
1 87  PRO n 
1 88  PRO n 
1 89  ASP n 
1 90  THR n 
1 91  PRO n 
1 92  ASN n 
1 93  ALA n 
1 94  LEU n 
1 95  ALA n 
1 96  TRP n 
1 97  THR n 
1 98  ALA n 
1 99  MET n 
1 100 LEU n 
1 101 ASN n 
1 102 ALA n 
1 103 GLY n 
1 104 GLU n 
1 105 SER n 
1 106 GLY n 
1 107 SER n 
1 108 VAL n 
1 109 THR n 
1 110 PHE n 
1 111 ARG n 
1 112 THR n 
1 113 PRO n 
1 114 ALA n 
1 115 PRO n 
1 116 GLY n 
1 117 THR n 
1 118 TYR n 
1 119 LEU n 
1 120 TYR n 
1 121 ILE n 
1 122 CYS n 
1 123 THR n 
1 124 PHE n 
1 125 PRO n 
1 126 GLY n 
1 127 HIS n 
1 128 TYR n 
1 129 LEU n 
1 130 ALA n 
1 131 GLY n 
1 132 MET n 
1 133 LYS n 
1 134 GLY n 
1 135 THR n 
1 136 LEU n 
1 137 THR n 
1 138 VAL n 
1 139 THR n 
1 140 PRO n 
# 
_entity_src_nat.entity_id                  1 
_entity_src_nat.pdbx_src_id                1 
_entity_src_nat.pdbx_alt_source_flag       sample 
_entity_src_nat.pdbx_beg_seq_num           ? 
_entity_src_nat.pdbx_end_seq_num           ? 
_entity_src_nat.common_name                ? 
_entity_src_nat.pdbx_organism_scientific   'Chloroflexus aurantiacus' 
_entity_src_nat.pdbx_ncbi_taxonomy_id      1108 
_entity_src_nat.genus                      Chloroflexus 
_entity_src_nat.species                    ? 
_entity_src_nat.strain                     ? 
_entity_src_nat.tissue                     ? 
_entity_src_nat.tissue_fraction            ? 
_entity_src_nat.pdbx_secretion             ? 
_entity_src_nat.pdbx_fragment              ? 
_entity_src_nat.pdbx_variant               ? 
_entity_src_nat.pdbx_cell_line             ? 
_entity_src_nat.pdbx_atcc                  ? 
_entity_src_nat.pdbx_cellular_location     'PERIPHERAL MEMBRANE PROTEIN' 
_entity_src_nat.pdbx_organ                 ? 
_entity_src_nat.pdbx_organelle             ? 
_entity_src_nat.pdbx_cell                  ? 
_entity_src_nat.pdbx_plasmid_name          ? 
_entity_src_nat.pdbx_plasmid_details       ? 
_entity_src_nat.details                    'GREEN GLIDING THERMOPHILIC PHOTOSYNTHETIC BACTERIUM' 
# 
loop_
_chem_comp.id 
_chem_comp.type 
_chem_comp.mon_nstd_flag 
_chem_comp.name 
_chem_comp.pdbx_synonyms 
_chem_comp.formula 
_chem_comp.formula_weight 
ALA 'L-peptide linking' y ALANINE           ? 'C3 H7 N O2'     89.093  
ARG 'L-peptide linking' y ARGININE          ? 'C6 H15 N4 O2 1' 175.209 
ASN 'L-peptide linking' y ASPARAGINE        ? 'C4 H8 N2 O3'    132.118 
ASP 'L-peptide linking' y 'ASPARTIC ACID'   ? 'C4 H7 N O4'     133.103 
CL  non-polymer         . 'CHLORIDE ION'    ? 'Cl -1'          35.453  
CU  non-polymer         . 'COPPER (II) ION' ? 'Cu 2'           63.546  
CYS 'L-peptide linking' y CYSTEINE          ? 'C3 H7 N O2 S'   121.158 
GLN 'L-peptide linking' y GLUTAMINE         ? 'C5 H10 N2 O3'   146.144 
GLU 'L-peptide linking' y 'GLUTAMIC ACID'   ? 'C5 H9 N O4'     147.129 
GLY 'peptide linking'   y GLYCINE           ? 'C2 H5 N O2'     75.067  
HIS 'L-peptide linking' y HISTIDINE         ? 'C6 H10 N3 O2 1' 156.162 
HOH non-polymer         . WATER             ? 'H2 O'           18.015  
ILE 'L-peptide linking' y ISOLEUCINE        ? 'C6 H13 N O2'    131.173 
LEU 'L-peptide linking' y LEUCINE           ? 'C6 H13 N O2'    131.173 
LYS 'L-peptide linking' y LYSINE            ? 'C6 H15 N2 O2 1' 147.195 
MET 'L-peptide linking' y METHIONINE        ? 'C5 H11 N O2 S'  149.211 
PHE 'L-peptide linking' y PHENYLALANINE     ? 'C9 H11 N O2'    165.189 
PRO 'L-peptide linking' y PROLINE           ? 'C5 H9 N O2'     115.130 
SER 'L-peptide linking' y SERINE            ? 'C3 H7 N O3'     105.093 
SO4 non-polymer         . 'SULFATE ION'     ? 'O4 S -2'        96.063  
THR 'L-peptide linking' y THREONINE         ? 'C4 H9 N O3'     119.119 
TRP 'L-peptide linking' y TRYPTOPHAN        ? 'C11 H12 N2 O2'  204.225 
TYR 'L-peptide linking' y TYROSINE          ? 'C9 H11 N O3'    181.189 
VAL 'L-peptide linking' y VALINE            ? 'C5 H11 N O2'    117.146 
# 
loop_
_pdbx_poly_seq_scheme.asym_id 
_pdbx_poly_seq_scheme.entity_id 
_pdbx_poly_seq_scheme.seq_id 
_pdbx_poly_seq_scheme.mon_id 
_pdbx_poly_seq_scheme.ndb_seq_num 
_pdbx_poly_seq_scheme.pdb_seq_num 
_pdbx_poly_seq_scheme.auth_seq_num 
_pdbx_poly_seq_scheme.pdb_mon_id 
_pdbx_poly_seq_scheme.auth_mon_id 
_pdbx_poly_seq_scheme.pdb_strand_id 
_pdbx_poly_seq_scheme.pdb_ins_code 
_pdbx_poly_seq_scheme.hetero 
A 1 1   ALA 1   1   ?   ?   ?   A . n 
A 1 2   ALA 2   2   2   ALA ALA A . n 
A 1 3   ASN 3   3   3   ASN ASN A . n 
A 1 4   ALA 4   4   4   ALA ALA A . n 
A 1 5   PRO 5   5   5   PRO PRO A . n 
A 1 6   GLY 6   6   6   GLY GLY A . n 
A 1 7   GLY 7   7   7   GLY GLY A . n 
A 1 8   SER 8   8   8   SER SER A . n 
A 1 9   ASN 9   9   9   ASN ASN A . n 
A 1 10  VAL 10  10  10  VAL VAL A . n 
A 1 11  VAL 11  11  11  VAL VAL A . n 
A 1 12  ASN 12  12  12  ASN ASN A . n 
A 1 13  GLU 13  13  13  GLU GLU A . n 
A 1 14  THR 14  14  14  THR THR A . n 
A 1 15  PRO 15  15  15  PRO PRO A . n 
A 1 16  ALA 16  16  16  ALA ALA A . n 
A 1 17  GLN 17  17  17  GLN GLN A . n 
A 1 18  THR 18  18  18  THR THR A . n 
A 1 19  VAL 19  19  19  VAL VAL A . n 
A 1 20  GLU 20  20  20  GLU GLU A . n 
A 1 21  VAL 21  21  21  VAL VAL A . n 
A 1 22  ARG 22  22  22  ARG ARG A . n 
A 1 23  ALA 23  23  23  ALA ALA A . n 
A 1 24  ALA 24  24  24  ALA ALA A . n 
A 1 25  PRO 25  25  25  PRO PRO A . n 
A 1 26  ASP 26  26  26  ASP ASP A . n 
A 1 27  ALA 27  27  27  ALA ALA A . n 
A 1 28  LEU 28  28  28  LEU LEU A . n 
A 1 29  ALA 29  29  29  ALA ALA A . n 
A 1 30  PHE 30  30  30  PHE PHE A . n 
A 1 31  ALA 31  31  31  ALA ALA A . n 
A 1 32  GLN 32  32  32  GLN GLN A . n 
A 1 33  THR 33  33  33  THR THR A . n 
A 1 34  SER 34  34  34  SER SER A . n 
A 1 35  LEU 35  35  35  LEU LEU A . n 
A 1 36  SER 36  36  36  SER SER A . n 
A 1 37  LEU 37  37  37  LEU LEU A . n 
A 1 38  PRO 38  38  38  PRO PRO A . n 
A 1 39  ALA 39  39  39  ALA ALA A . n 
A 1 40  ASN 40  40  40  ASN ASN A . n 
A 1 41  THR 41  41  41  THR THR A . n 
A 1 42  VAL 42  42  42  VAL VAL A . n 
A 1 43  VAL 43  43  43  VAL VAL A . n 
A 1 44  ARG 44  44  44  ARG ARG A . n 
A 1 45  LEU 45  45  45  LEU LEU A . n 
A 1 46  ASP 46  46  46  ASP ASP A . n 
A 1 47  PHE 47  47  47  PHE PHE A . n 
A 1 48  VAL 48  48  48  VAL VAL A . n 
A 1 49  ASN 49  49  49  ASN ASN A . n 
A 1 50  GLN 50  50  50  GLN GLN A . n 
A 1 51  ASN 51  51  51  ASN ASN A . n 
A 1 52  ASN 52  52  52  ASN ASN A . n 
A 1 53  LEU 53  53  53  LEU LEU A . n 
A 1 54  GLY 54  54  54  GLY GLY A . n 
A 1 55  VAL 55  55  55  VAL VAL A . n 
A 1 56  GLN 56  56  56  GLN GLN A . n 
A 1 57  HIS 57  57  57  HIS HIS A . n 
A 1 58  ASN 58  58  58  ASN ASN A . n 
A 1 59  TRP 59  59  59  TRP TRP A . n 
A 1 60  VAL 60  60  60  VAL VAL A . n 
A 1 61  LEU 61  61  61  LEU LEU A . n 
A 1 62  VAL 62  62  62  VAL VAL A . n 
A 1 63  ASN 63  63  63  ASN ASN A . n 
A 1 64  GLY 64  64  64  GLY GLY A . n 
A 1 65  GLY 65  65  65  GLY GLY A . n 
A 1 66  ASP 66  66  66  ASP ASP A . n 
A 1 67  ASP 67  67  67  ASP ASP A . n 
A 1 68  VAL 68  68  68  VAL VAL A . n 
A 1 69  ALA 69  69  69  ALA ALA A . n 
A 1 70  ALA 70  70  70  ALA ALA A . n 
A 1 71  ALA 71  71  71  ALA ALA A . n 
A 1 72  VAL 72  72  72  VAL VAL A . n 
A 1 73  ASN 73  73  73  ASN ASN A . n 
A 1 74  THR 74  74  74  THR THR A . n 
A 1 75  ALA 75  75  75  ALA ALA A . n 
A 1 76  ALA 76  76  76  ALA ALA A . n 
A 1 77  GLN 77  77  77  GLN GLN A . n 
A 1 78  ASN 78  78  78  ASN ASN A . n 
A 1 79  ASN 79  79  79  ASN ASN A . n 
A 1 80  ALA 80  80  80  ALA ALA A . n 
A 1 81  ASP 81  81  81  ASP ASP A . n 
A 1 82  ALA 82  82  82  ALA ALA A . n 
A 1 83  LEU 83  83  83  LEU LEU A . n 
A 1 84  PHE 84  84  84  PHE PHE A . n 
A 1 85  VAL 85  85  85  VAL VAL A . n 
A 1 86  PRO 86  86  86  PRO PRO A . n 
A 1 87  PRO 87  87  87  PRO PRO A . n 
A 1 88  PRO 88  88  88  PRO PRO A . n 
A 1 89  ASP 89  89  89  ASP ASP A . n 
A 1 90  THR 90  90  90  THR THR A . n 
A 1 91  PRO 91  91  91  PRO PRO A . n 
A 1 92  ASN 92  92  92  ASN ASN A . n 
A 1 93  ALA 93  93  93  ALA ALA A . n 
A 1 94  LEU 94  94  94  LEU LEU A . n 
A 1 95  ALA 95  95  95  ALA ALA A . n 
A 1 96  TRP 96  96  96  TRP TRP A . n 
A 1 97  THR 97  97  97  THR THR A . n 
A 1 98  ALA 98  98  98  ALA ALA A . n 
A 1 99  MET 99  99  99  MET MET A . n 
A 1 100 LEU 100 100 100 LEU LEU A . n 
A 1 101 ASN 101 101 101 ASN ASN A . n 
A 1 102 ALA 102 102 102 ALA ALA A . n 
A 1 103 GLY 103 103 103 GLY GLY A . n 
A 1 104 GLU 104 104 104 GLU GLU A . n 
A 1 105 SER 105 105 105 SER SER A . n 
A 1 106 GLY 106 106 106 GLY GLY A . n 
A 1 107 SER 107 107 107 SER SER A . n 
A 1 108 VAL 108 108 108 VAL VAL A . n 
A 1 109 THR 109 109 109 THR THR A . n 
A 1 110 PHE 110 110 110 PHE PHE A . n 
A 1 111 ARG 111 111 111 ARG ARG A . n 
A 1 112 THR 112 112 112 THR THR A . n 
A 1 113 PRO 113 113 113 PRO PRO A . n 
A 1 114 ALA 114 114 114 ALA ALA A . n 
A 1 115 PRO 115 115 115 PRO PRO A . n 
A 1 116 GLY 116 116 116 GLY GLY A . n 
A 1 117 THR 117 117 117 THR THR A . n 
A 1 118 TYR 118 118 118 TYR TYR A . n 
A 1 119 LEU 119 119 119 LEU LEU A . n 
A 1 120 TYR 120 120 120 TYR TYR A . n 
A 1 121 ILE 121 121 121 ILE ILE A . n 
A 1 122 CYS 122 122 122 CYS CYS A . n 
A 1 123 THR 123 123 123 THR THR A . n 
A 1 124 PHE 124 124 124 PHE PHE A . n 
A 1 125 PRO 125 125 125 PRO PRO A . n 
A 1 126 GLY 126 126 126 GLY GLY A . n 
A 1 127 HIS 127 127 127 HIS HIS A . n 
A 1 128 TYR 128 128 128 TYR TYR A . n 
A 1 129 LEU 129 129 129 LEU LEU A . n 
A 1 130 ALA 130 130 130 ALA ALA A . n 
A 1 131 GLY 131 131 131 GLY GLY A . n 
A 1 132 MET 132 132 132 MET MET A . n 
A 1 133 LYS 133 133 133 LYS LYS A . n 
A 1 134 GLY 134 134 134 GLY GLY A . n 
A 1 135 THR 135 135 135 THR THR A . n 
A 1 136 LEU 136 136 136 LEU LEU A . n 
A 1 137 THR 137 137 137 THR THR A . n 
A 1 138 VAL 138 138 138 VAL VAL A . n 
A 1 139 THR 139 139 139 THR THR A . n 
A 1 140 PRO 140 140 140 PRO PRO A . n 
# 
loop_
_pdbx_nonpoly_scheme.asym_id 
_pdbx_nonpoly_scheme.entity_id 
_pdbx_nonpoly_scheme.mon_id 
_pdbx_nonpoly_scheme.ndb_seq_num 
_pdbx_nonpoly_scheme.pdb_seq_num 
_pdbx_nonpoly_scheme.auth_seq_num 
_pdbx_nonpoly_scheme.pdb_mon_id 
_pdbx_nonpoly_scheme.auth_mon_id 
_pdbx_nonpoly_scheme.pdb_strand_id 
_pdbx_nonpoly_scheme.pdb_ins_code 
B 2 CU  1   141 141 CU  CU  A . 
C 3 CL  1   142 142 CL  CL  A . 
D 4 SO4 1   143 143 SO4 SO4 A . 
E 4 SO4 1   144 144 SO4 SO4 A . 
F 5 HOH 1   145 145 HOH HOH A . 
F 5 HOH 2   146 146 HOH HOH A . 
F 5 HOH 3   147 147 HOH HOH A . 
F 5 HOH 4   148 148 HOH HOH A . 
F 5 HOH 5   149 149 HOH HOH A . 
F 5 HOH 6   150 150 HOH HOH A . 
F 5 HOH 7   151 151 HOH HOH A . 
F 5 HOH 8   152 152 HOH HOH A . 
F 5 HOH 9   153 153 HOH HOH A . 
F 5 HOH 10  154 154 HOH HOH A . 
F 5 HOH 11  155 155 HOH HOH A . 
F 5 HOH 12  156 156 HOH HOH A . 
F 5 HOH 13  157 157 HOH HOH A . 
F 5 HOH 14  158 158 HOH HOH A . 
F 5 HOH 15  159 159 HOH HOH A . 
F 5 HOH 16  160 160 HOH HOH A . 
F 5 HOH 17  161 161 HOH HOH A . 
F 5 HOH 18  162 162 HOH HOH A . 
F 5 HOH 19  163 163 HOH HOH A . 
F 5 HOH 20  164 164 HOH HOH A . 
F 5 HOH 21  165 165 HOH HOH A . 
F 5 HOH 22  166 166 HOH HOH A . 
F 5 HOH 23  167 167 HOH HOH A . 
F 5 HOH 24  168 168 HOH HOH A . 
F 5 HOH 25  169 169 HOH HOH A . 
F 5 HOH 26  170 170 HOH HOH A . 
F 5 HOH 27  171 171 HOH HOH A . 
F 5 HOH 28  172 172 HOH HOH A . 
F 5 HOH 29  173 173 HOH HOH A . 
F 5 HOH 30  174 174 HOH HOH A . 
F 5 HOH 31  175 175 HOH HOH A . 
F 5 HOH 32  176 176 HOH HOH A . 
F 5 HOH 33  177 177 HOH HOH A . 
F 5 HOH 34  178 178 HOH HOH A . 
F 5 HOH 35  179 179 HOH HOH A . 
F 5 HOH 36  180 180 HOH HOH A . 
F 5 HOH 37  181 181 HOH HOH A . 
F 5 HOH 38  182 182 HOH HOH A . 
F 5 HOH 39  183 183 HOH HOH A . 
F 5 HOH 40  184 184 HOH HOH A . 
F 5 HOH 41  185 185 HOH HOH A . 
F 5 HOH 42  186 186 HOH HOH A . 
F 5 HOH 43  187 187 HOH HOH A . 
F 5 HOH 44  188 188 HOH HOH A . 
F 5 HOH 45  189 189 HOH HOH A . 
F 5 HOH 46  190 190 HOH HOH A . 
F 5 HOH 47  191 191 HOH HOH A . 
F 5 HOH 48  192 192 HOH HOH A . 
F 5 HOH 49  193 193 HOH HOH A . 
F 5 HOH 50  194 194 HOH HOH A . 
F 5 HOH 51  195 195 HOH HOH A . 
F 5 HOH 52  196 196 HOH HOH A . 
F 5 HOH 53  197 197 HOH HOH A . 
F 5 HOH 54  198 198 HOH HOH A . 
F 5 HOH 55  199 199 HOH HOH A . 
F 5 HOH 56  200 200 HOH HOH A . 
F 5 HOH 57  201 201 HOH HOH A . 
F 5 HOH 58  202 202 HOH HOH A . 
F 5 HOH 59  203 203 HOH HOH A . 
F 5 HOH 60  204 204 HOH HOH A . 
F 5 HOH 61  205 205 HOH HOH A . 
F 5 HOH 62  206 206 HOH HOH A . 
F 5 HOH 63  207 207 HOH HOH A . 
F 5 HOH 64  208 208 HOH HOH A . 
F 5 HOH 65  209 209 HOH HOH A . 
F 5 HOH 66  210 210 HOH HOH A . 
F 5 HOH 67  211 211 HOH HOH A . 
F 5 HOH 68  212 212 HOH HOH A . 
F 5 HOH 69  213 213 HOH HOH A . 
F 5 HOH 70  214 214 HOH HOH A . 
F 5 HOH 71  215 215 HOH HOH A . 
F 5 HOH 72  216 216 HOH HOH A . 
F 5 HOH 73  217 217 HOH HOH A . 
F 5 HOH 74  218 218 HOH HOH A . 
F 5 HOH 75  219 219 HOH HOH A . 
F 5 HOH 76  220 220 HOH HOH A . 
F 5 HOH 77  221 221 HOH HOH A . 
F 5 HOH 78  222 222 HOH HOH A . 
F 5 HOH 79  223 223 HOH HOH A . 
F 5 HOH 80  224 224 HOH HOH A . 
F 5 HOH 81  225 225 HOH HOH A . 
F 5 HOH 82  226 226 HOH HOH A . 
F 5 HOH 83  227 227 HOH HOH A . 
F 5 HOH 84  228 228 HOH HOH A . 
F 5 HOH 85  229 229 HOH HOH A . 
F 5 HOH 86  230 230 HOH HOH A . 
F 5 HOH 87  231 231 HOH HOH A . 
F 5 HOH 88  232 232 HOH HOH A . 
F 5 HOH 89  233 233 HOH HOH A . 
F 5 HOH 90  234 234 HOH HOH A . 
F 5 HOH 91  235 235 HOH HOH A . 
F 5 HOH 92  236 236 HOH HOH A . 
F 5 HOH 93  237 237 HOH HOH A . 
F 5 HOH 94  238 238 HOH HOH A . 
F 5 HOH 95  239 239 HOH HOH A . 
F 5 HOH 96  240 240 HOH HOH A . 
F 5 HOH 97  241 241 HOH HOH A . 
F 5 HOH 98  242 242 HOH HOH A . 
F 5 HOH 99  243 243 HOH HOH A . 
F 5 HOH 100 244 244 HOH HOH A . 
F 5 HOH 101 245 245 HOH HOH A . 
F 5 HOH 102 246 246 HOH HOH A . 
F 5 HOH 103 247 247 HOH HOH A . 
F 5 HOH 104 248 248 HOH HOH A . 
F 5 HOH 105 249 249 HOH HOH A . 
F 5 HOH 106 250 250 HOH HOH A . 
F 5 HOH 107 251 251 HOH HOH A . 
F 5 HOH 108 252 252 HOH HOH A . 
F 5 HOH 109 253 253 HOH HOH A . 
F 5 HOH 110 254 254 HOH HOH A . 
F 5 HOH 111 255 255 HOH HOH A . 
F 5 HOH 112 256 256 HOH HOH A . 
F 5 HOH 113 257 257 HOH HOH A . 
F 5 HOH 114 258 258 HOH HOH A . 
F 5 HOH 115 259 259 HOH HOH A . 
F 5 HOH 116 260 260 HOH HOH A . 
F 5 HOH 117 261 261 HOH HOH A . 
F 5 HOH 118 262 262 HOH HOH A . 
F 5 HOH 119 263 263 HOH HOH A . 
F 5 HOH 120 264 264 HOH HOH A . 
F 5 HOH 121 265 265 HOH HOH A . 
F 5 HOH 122 266 266 HOH HOH A . 
F 5 HOH 123 267 267 HOH HOH A . 
F 5 HOH 124 268 268 HOH HOH A . 
F 5 HOH 125 269 269 HOH HOH A . 
F 5 HOH 126 270 270 HOH HOH A . 
F 5 HOH 127 271 271 HOH HOH A . 
F 5 HOH 128 272 272 HOH HOH A . 
F 5 HOH 129 273 273 HOH HOH A . 
F 5 HOH 130 274 274 HOH HOH A . 
F 5 HOH 131 275 275 HOH HOH A . 
F 5 HOH 132 276 276 HOH HOH A . 
F 5 HOH 133 277 277 HOH HOH A . 
F 5 HOH 134 278 278 HOH HOH A . 
F 5 HOH 135 279 279 HOH HOH A . 
F 5 HOH 136 280 280 HOH HOH A . 
F 5 HOH 137 281 281 HOH HOH A . 
F 5 HOH 138 282 282 HOH HOH A . 
F 5 HOH 139 283 283 HOH HOH A . 
F 5 HOH 140 284 284 HOH HOH A . 
F 5 HOH 141 285 285 HOH HOH A . 
F 5 HOH 142 286 286 HOH HOH A . 
F 5 HOH 143 287 287 HOH HOH A . 
F 5 HOH 144 288 288 HOH HOH A . 
F 5 HOH 145 289 289 HOH HOH A . 
F 5 HOH 146 290 290 HOH HOH A . 
F 5 HOH 147 291 291 HOH HOH A . 
F 5 HOH 148 292 292 HOH HOH A . 
F 5 HOH 149 293 293 HOH HOH A . 
F 5 HOH 150 294 294 HOH HOH A . 
F 5 HOH 151 295 295 HOH HOH A . 
F 5 HOH 152 296 296 HOH HOH A . 
F 5 HOH 153 297 297 HOH HOH A . 
F 5 HOH 154 298 298 HOH HOH A . 
F 5 HOH 155 299 299 HOH HOH A . 
F 5 HOH 156 300 300 HOH HOH A . 
F 5 HOH 157 301 301 HOH HOH A . 
F 5 HOH 158 302 302 HOH HOH A . 
F 5 HOH 159 303 303 HOH HOH A . 
F 5 HOH 160 304 304 HOH HOH A . 
F 5 HOH 161 305 305 HOH HOH A . 
F 5 HOH 162 306 306 HOH HOH A . 
F 5 HOH 163 307 307 HOH HOH A . 
F 5 HOH 164 308 308 HOH HOH A . 
F 5 HOH 165 309 309 HOH HOH A . 
F 5 HOH 166 310 310 HOH HOH A . 
F 5 HOH 167 311 311 HOH HOH A . 
F 5 HOH 168 312 312 HOH HOH A . 
F 5 HOH 169 313 313 HOH HOH A . 
F 5 HOH 170 314 314 HOH HOH A . 
F 5 HOH 171 315 315 HOH HOH A . 
F 5 HOH 172 316 316 HOH HOH A . 
F 5 HOH 173 317 317 HOH HOH A . 
F 5 HOH 174 318 318 HOH HOH A . 
F 5 HOH 175 319 319 HOH HOH A . 
F 5 HOH 176 320 320 HOH HOH A . 
F 5 HOH 177 321 321 HOH HOH A . 
F 5 HOH 178 322 322 HOH HOH A . 
F 5 HOH 179 323 323 HOH HOH A . 
F 5 HOH 180 324 324 HOH HOH A . 
F 5 HOH 181 325 325 HOH HOH A . 
F 5 HOH 182 326 326 HOH HOH A . 
F 5 HOH 183 327 327 HOH HOH A . 
F 5 HOH 184 328 328 HOH HOH A . 
F 5 HOH 185 329 329 HOH HOH A . 
F 5 HOH 186 330 330 HOH HOH A . 
F 5 HOH 187 331 331 HOH HOH A . 
F 5 HOH 188 332 332 HOH HOH A . 
F 5 HOH 189 333 333 HOH HOH A . 
F 5 HOH 190 334 334 HOH HOH A . 
F 5 HOH 191 335 335 HOH HOH A . 
F 5 HOH 192 336 336 HOH HOH A . 
F 5 HOH 193 337 337 HOH HOH A . 
F 5 HOH 194 338 338 HOH HOH A . 
F 5 HOH 195 339 339 HOH HOH A . 
F 5 HOH 196 340 340 HOH HOH A . 
F 5 HOH 197 341 341 HOH HOH A . 
F 5 HOH 198 342 342 HOH HOH A . 
F 5 HOH 199 343 343 HOH HOH A . 
F 5 HOH 200 344 344 HOH HOH A . 
F 5 HOH 201 345 345 HOH HOH A . 
F 5 HOH 202 346 346 HOH HOH A . 
F 5 HOH 203 347 347 HOH HOH A . 
F 5 HOH 204 348 348 HOH HOH A . 
F 5 HOH 205 349 349 HOH HOH A . 
F 5 HOH 206 350 350 HOH HOH A . 
F 5 HOH 207 351 351 HOH HOH A . 
F 5 HOH 208 352 352 HOH HOH A . 
F 5 HOH 209 353 353 HOH HOH A . 
F 5 HOH 210 354 354 HOH HOH A . 
F 5 HOH 211 355 355 HOH HOH A . 
F 5 HOH 212 356 356 HOH HOH A . 
F 5 HOH 213 357 357 HOH HOH A . 
F 5 HOH 214 358 358 HOH HOH A . 
F 5 HOH 215 359 359 HOH HOH A . 
F 5 HOH 216 360 360 HOH HOH A . 
F 5 HOH 217 361 361 HOH HOH A . 
F 5 HOH 218 362 362 HOH HOH A . 
F 5 HOH 219 363 363 HOH HOH A . 
F 5 HOH 220 364 364 HOH HOH A . 
F 5 HOH 221 365 365 HOH HOH A . 
F 5 HOH 222 366 366 HOH HOH A . 
F 5 HOH 223 367 367 HOH HOH A . 
F 5 HOH 224 368 368 HOH HOH A . 
F 5 HOH 225 369 369 HOH HOH A . 
F 5 HOH 226 370 370 HOH HOH A . 
F 5 HOH 227 371 371 HOH HOH A . 
F 5 HOH 228 372 372 HOH HOH A . 
F 5 HOH 229 373 373 HOH HOH A . 
F 5 HOH 230 374 374 HOH HOH A . 
F 5 HOH 231 376 376 HOH HOH A . 
F 5 HOH 232 377 377 HOH HOH A . 
F 5 HOH 233 378 378 HOH HOH A . 
F 5 HOH 234 379 379 HOH HOH A . 
F 5 HOH 235 380 380 HOH HOH A . 
F 5 HOH 236 381 381 HOH HOH A . 
F 5 HOH 237 382 382 HOH HOH A . 
F 5 HOH 238 383 383 HOH HOH A . 
F 5 HOH 239 384 384 HOH HOH A . 
F 5 HOH 240 385 385 HOH HOH A . 
F 5 HOH 241 386 386 HOH HOH A . 
F 5 HOH 242 387 387 HOH HOH A . 
F 5 HOH 243 388 388 HOH HOH A . 
F 5 HOH 244 389 389 HOH HOH A . 
F 5 HOH 245 390 390 HOH HOH A . 
F 5 HOH 246 391 391 HOH HOH A . 
F 5 HOH 247 392 392 HOH HOH A . 
# 
loop_
_software.name 
_software.classification 
_software.version 
_software.citation_id 
_software.pdbx_ordinal 
MLPHARE   phasing          . ? 1 
REFMAC    refinement       . ? 2 
DENZO     'data reduction' . ? 3 
SCALEPACK 'data scaling'   . ? 4 
# 
_cell.entry_id           1QHQ 
_cell.length_a           115.739 
_cell.length_b           115.739 
_cell.length_c           54.549 
_cell.angle_alpha        90.00 
_cell.angle_beta         90.00 
_cell.angle_gamma        120.00 
_cell.Z_PDB              12 
_cell.pdbx_unique_axis   ? 
_cell.length_a_esd       ? 
_cell.length_b_esd       ? 
_cell.length_c_esd       ? 
_cell.angle_alpha_esd    ? 
_cell.angle_beta_esd     ? 
_cell.angle_gamma_esd    ? 
# 
_symmetry.entry_id                         1QHQ 
_symmetry.space_group_name_H-M             'P 64 2 2' 
_symmetry.pdbx_full_space_group_name_H-M   ? 
_symmetry.cell_setting                     ? 
_symmetry.Int_Tables_number                181 
_symmetry.space_group_name_Hall            ? 
# 
_exptl.entry_id          1QHQ 
_exptl.method            'X-RAY DIFFRACTION' 
_exptl.crystals_number   1 
# 
_exptl_crystal.id                    1 
_exptl_crystal.density_meas          ? 
_exptl_crystal.density_Matthews      3.1 
_exptl_crystal.density_percent_sol   60 
_exptl_crystal.description           ? 
_exptl_crystal.F_000                 ? 
_exptl_crystal.preparation           ? 
# 
_exptl_crystal_grow.crystal_id      1 
_exptl_crystal_grow.method          ? 
_exptl_crystal_grow.temp            ? 
_exptl_crystal_grow.temp_details    ? 
_exptl_crystal_grow.pH              7.0 
_exptl_crystal_grow.pdbx_details    'HEPES PH 7.5, 2M LI2SO4, pH 7.0' 
_exptl_crystal_grow.pdbx_pH_range   . 
# 
_diffrn.id                     1 
_diffrn.ambient_temp           113 
_diffrn.ambient_temp_details   ? 
_diffrn.crystal_id             1 
# 
_diffrn_detector.diffrn_id              1 
_diffrn_detector.detector               CCD 
_diffrn_detector.type                   'ADSC QUANTUM 1' 
_diffrn_detector.pdbx_collection_date   1997-09 
_diffrn_detector.details                ? 
# 
_diffrn_radiation.diffrn_id                        1 
_diffrn_radiation.wavelength_id                    1 
_diffrn_radiation.pdbx_monochromatic_or_laue_m_l   M 
_diffrn_radiation.monochromator                    ? 
_diffrn_radiation.pdbx_diffrn_protocol             MAD 
_diffrn_radiation.pdbx_scattering_type             x-ray 
# 
loop_
_diffrn_radiation_wavelength.id 
_diffrn_radiation_wavelength.wavelength 
_diffrn_radiation_wavelength.wt 
1 0.7817 1.0 
2 1.3050 1.0 
3 1.3779 1.0 
4 1.3799 1.0 
5 1.3876 1.0 
6 1.5418 1.0 
# 
_diffrn_source.diffrn_id                   1 
_diffrn_source.source                      SYNCHROTRON 
_diffrn_source.type                        'APS BEAMLINE 14-BM-D' 
_diffrn_source.pdbx_synchrotron_site       APS 
_diffrn_source.pdbx_synchrotron_beamline   14-BM-D 
_diffrn_source.pdbx_wavelength             ? 
_diffrn_source.pdbx_wavelength_list        0.7817,1.3050,1.3779,1.3799,1.3876,1.5418 
# 
_reflns.entry_id                     1QHQ 
_reflns.observed_criterion_sigma_I   ? 
_reflns.observed_criterion_sigma_F   ? 
_reflns.d_resolution_low             20.00 
_reflns.d_resolution_high            1.55 
_reflns.number_obs                   29884 
_reflns.number_all                   ? 
_reflns.percent_possible_obs         93.5 
_reflns.pdbx_Rmerge_I_obs            ? 
_reflns.pdbx_Rsym_value              9.3000000 
_reflns.pdbx_netI_over_sigmaI        20 
_reflns.B_iso_Wilson_estimate        15.0 
_reflns.pdbx_redundancy              3 
_reflns.R_free_details               ? 
_reflns.limit_h_max                  ? 
_reflns.limit_h_min                  ? 
_reflns.limit_k_max                  ? 
_reflns.limit_k_min                  ? 
_reflns.limit_l_max                  ? 
_reflns.limit_l_min                  ? 
_reflns.observed_criterion_F_max     ? 
_reflns.observed_criterion_F_min     ? 
_reflns.pdbx_chi_squared             ? 
_reflns.pdbx_scaling_rejects         ? 
_reflns.pdbx_ordinal                 1 
_reflns.pdbx_diffrn_id               1 
# 
_reflns_shell.d_res_high             1.55 
_reflns_shell.d_res_low              1.61 
_reflns_shell.percent_possible_all   98.3 
_reflns_shell.Rmerge_I_obs           ? 
_reflns_shell.pdbx_Rsym_value        22.5000000 
_reflns_shell.meanI_over_sigI_obs    4 
_reflns_shell.pdbx_redundancy        4 
_reflns_shell.percent_possible_obs   ? 
_reflns_shell.number_unique_all      ? 
_reflns_shell.number_measured_all    ? 
_reflns_shell.number_measured_obs    ? 
_reflns_shell.number_unique_obs      ? 
_reflns_shell.pdbx_chi_squared       ? 
_reflns_shell.pdbx_ordinal           1 
_reflns_shell.pdbx_diffrn_id         1 
# 
_refine.entry_id                                 1QHQ 
_refine.ls_number_reflns_obs                     28390 
_refine.ls_number_reflns_all                     ? 
_refine.pdbx_ls_sigma_I                          ? 
_refine.pdbx_ls_sigma_F                          0.0 
_refine.pdbx_data_cutoff_high_absF               ? 
_refine.pdbx_data_cutoff_low_absF                ? 
_refine.pdbx_data_cutoff_high_rms_absF           ? 
_refine.ls_d_res_low                             8.0 
_refine.ls_d_res_high                            1.55 
_refine.ls_percent_reflns_obs                    98 
_refine.ls_R_factor_obs                          ? 
_refine.ls_R_factor_all                          ? 
_refine.ls_R_factor_R_work                       0.1980000 
_refine.ls_R_factor_R_free                       0.2330000 
_refine.ls_R_factor_R_free_error                 ? 
_refine.ls_R_factor_R_free_error_details         ? 
_refine.ls_percent_reflns_R_free                 3 
_refine.ls_number_reflns_R_free                  927 
_refine.ls_number_parameters                     ? 
_refine.ls_number_restraints                     ? 
_refine.occupancy_min                            ? 
_refine.occupancy_max                            ? 
_refine.B_iso_mean                               20.5 
_refine.aniso_B[1][1]                            ? 
_refine.aniso_B[2][2]                            ? 
_refine.aniso_B[3][3]                            ? 
_refine.aniso_B[1][2]                            ? 
_refine.aniso_B[1][3]                            ? 
_refine.aniso_B[2][3]                            ? 
_refine.solvent_model_details                    ? 
_refine.solvent_model_param_ksol                 ? 
_refine.solvent_model_param_bsol                 ? 
_refine.pdbx_ls_cross_valid_method               THROUGHOUT 
_refine.details                                  ? 
_refine.pdbx_starting_model                      ? 
_refine.pdbx_method_to_determine_struct          MAD 
_refine.pdbx_isotropic_thermal_model             ? 
_refine.pdbx_stereochemistry_target_values       ? 
_refine.pdbx_stereochem_target_val_spec_case     ? 
_refine.pdbx_R_Free_selection_details            RANDOM 
_refine.pdbx_overall_ESU_R_Free                  ? 
_refine.overall_SU_ML                            ? 
_refine.overall_SU_B                             ? 
_refine.ls_redundancy_reflns_obs                 ? 
_refine.B_iso_min                                ? 
_refine.B_iso_max                                ? 
_refine.correlation_coeff_Fo_to_Fc               ? 
_refine.correlation_coeff_Fo_to_Fc_free          ? 
_refine.overall_SU_R_Cruickshank_DPI             ? 
_refine.overall_SU_R_free                        ? 
_refine.pdbx_refine_id                           'X-RAY DIFFRACTION' 
_refine.pdbx_overall_phase_error                 ? 
_refine.pdbx_solvent_vdw_probe_radii             ? 
_refine.pdbx_solvent_ion_probe_radii             ? 
_refine.pdbx_solvent_shrinkage_radii             ? 
_refine.ls_wR_factor_R_free                      ? 
_refine.ls_wR_factor_R_work                      ? 
_refine.overall_FOM_free_R_set                   ? 
_refine.overall_FOM_work_R_set                   ? 
_refine.pdbx_overall_ESU_R                       ? 
_refine.pdbx_diffrn_id                           1 
_refine.pdbx_TLS_residual_ADP_flag               ? 
_refine.pdbx_overall_SU_R_free_Cruickshank_DPI   ? 
_refine.pdbx_overall_SU_R_Blow_DPI               ? 
_refine.pdbx_overall_SU_R_free_Blow_DPI          ? 
# 
_refine_hist.pdbx_refine_id                   'X-RAY DIFFRACTION' 
_refine_hist.cycle_id                         LAST 
_refine_hist.pdbx_number_atoms_protein        1011 
_refine_hist.pdbx_number_atoms_nucleic_acid   0 
_refine_hist.pdbx_number_atoms_ligand         12 
_refine_hist.number_atoms_solvent             247 
_refine_hist.number_atoms_total               1270 
_refine_hist.d_res_high                       1.55 
_refine_hist.d_res_low                        8.0 
# 
loop_
_refine_ls_restr.type 
_refine_ls_restr.dev_ideal 
_refine_ls_restr.dev_ideal_target 
_refine_ls_restr.weight 
_refine_ls_restr.number 
_refine_ls_restr.pdbx_refine_id 
_refine_ls_restr.pdbx_restraint_function 
p_bond_d            0.017 0.020 ? ? 'X-RAY DIFFRACTION' ? 
p_angle_d           0.018 0.020 ? ? 'X-RAY DIFFRACTION' ? 
p_angle_deg         ?     ?     ? ? 'X-RAY DIFFRACTION' ? 
p_planar_d          0.025 0.030 ? ? 'X-RAY DIFFRACTION' ? 
p_hb_or_metal_coord ?     ?     ? ? 'X-RAY DIFFRACTION' ? 
p_mcbond_it         ?     ?     ? ? 'X-RAY DIFFRACTION' ? 
p_mcangle_it        ?     ?     ? ? 'X-RAY DIFFRACTION' ? 
p_scbond_it         ?     ?     ? ? 'X-RAY DIFFRACTION' ? 
p_scangle_it        ?     ?     ? ? 'X-RAY DIFFRACTION' ? 
p_plane_restr       ?     ?     ? ? 'X-RAY DIFFRACTION' ? 
p_chiral_restr      ?     ?     ? ? 'X-RAY DIFFRACTION' ? 
p_singtor_nbd       ?     ?     ? ? 'X-RAY DIFFRACTION' ? 
p_multtor_nbd       ?     ?     ? ? 'X-RAY DIFFRACTION' ? 
p_xhyhbond_nbd      ?     ?     ? ? 'X-RAY DIFFRACTION' ? 
p_xyhbond_nbd       ?     ?     ? ? 'X-RAY DIFFRACTION' ? 
p_planar_tor        ?     ?     ? ? 'X-RAY DIFFRACTION' ? 
p_staggered_tor     ?     ?     ? ? 'X-RAY DIFFRACTION' ? 
p_orthonormal_tor   ?     ?     ? ? 'X-RAY DIFFRACTION' ? 
p_transverse_tor    ?     ?     ? ? 'X-RAY DIFFRACTION' ? 
p_special_tor       ?     ?     ? ? 'X-RAY DIFFRACTION' ? 
# 
_struct.entry_id                  1QHQ 
_struct.title                     
'AURACYANIN, A BLUE COPPER PROTEIN FROM THE GREEN THERMOPHILIC PHOTOSYNTHETIC BACTERIUM CHLOROFLEXUS AURANTIACUS' 
_struct.pdbx_model_details        ? 
_struct.pdbx_CASP_flag            ? 
_struct.pdbx_model_type_details   ? 
# 
_struct_keywords.entry_id        1QHQ 
_struct_keywords.pdbx_keywords   'ELECTRON TRANSFER' 
_struct_keywords.text            'ELECTRON TRANSFER, CUPREDOXIN, BLUE COPPER PROTEIN, AZURIN-LIKE, THERMOPHILE' 
# 
loop_
_struct_asym.id 
_struct_asym.pdbx_blank_PDB_chainid_flag 
_struct_asym.pdbx_modified 
_struct_asym.entity_id 
_struct_asym.details 
A N N 1 ? 
B N N 2 ? 
C N N 3 ? 
D N N 4 ? 
E N N 4 ? 
F N N 5 ? 
# 
_struct_ref.id                         1 
_struct_ref.db_name                    UNP 
_struct_ref.db_code                    AURB_CHLAU 
_struct_ref.entity_id                  1 
_struct_ref.pdbx_db_accession          P27197 
_struct_ref.pdbx_align_begin           ? 
_struct_ref.pdbx_seq_one_letter_code   ? 
_struct_ref.pdbx_db_isoform            ? 
# 
_struct_ref_seq.align_id                      1 
_struct_ref_seq.ref_id                        1 
_struct_ref_seq.pdbx_PDB_id_code              1QHQ 
_struct_ref_seq.pdbx_strand_id                A 
_struct_ref_seq.seq_align_beg                 1 
_struct_ref_seq.pdbx_seq_align_beg_ins_code   ? 
_struct_ref_seq.seq_align_end                 140 
_struct_ref_seq.pdbx_seq_align_end_ins_code   ? 
_struct_ref_seq.pdbx_db_accession             P27197 
_struct_ref_seq.db_align_beg                  96 
_struct_ref_seq.pdbx_db_align_beg_ins_code    ? 
_struct_ref_seq.db_align_end                  235 
_struct_ref_seq.pdbx_db_align_end_ins_code    ? 
_struct_ref_seq.pdbx_auth_seq_align_beg       1 
_struct_ref_seq.pdbx_auth_seq_align_end       140 
# 
loop_
_pdbx_struct_assembly.id 
_pdbx_struct_assembly.details 
_pdbx_struct_assembly.method_details 
_pdbx_struct_assembly.oligomeric_details 
_pdbx_struct_assembly.oligomeric_count 
1 author_defined_assembly   ?    monomeric  1 
2 software_defined_assembly PISA tetrameric 4 
3 software_defined_assembly PQS  dimeric    2 
# 
loop_
_pdbx_struct_assembly_prop.biol_id 
_pdbx_struct_assembly_prop.type 
_pdbx_struct_assembly_prop.value 
_pdbx_struct_assembly_prop.details 
2 'ABSA (A^2)' 4770  ? 
2 MORE         -129  ? 
2 'SSA (A^2)'  21310 ? 
# 
loop_
_pdbx_struct_assembly_gen.assembly_id 
_pdbx_struct_assembly_gen.oper_expression 
_pdbx_struct_assembly_gen.asym_id_list 
1 1       A,B,C,D,E,F 
2 1,2,3,4 A,B,C,D,E,F 
3 1,5     A,B,C,D,E,F 
# 
loop_
_pdbx_struct_oper_list.id 
_pdbx_struct_oper_list.type 
_pdbx_struct_oper_list.name 
_pdbx_struct_oper_list.symmetry_operation 
_pdbx_struct_oper_list.matrix[1][1] 
_pdbx_struct_oper_list.matrix[1][2] 
_pdbx_struct_oper_list.matrix[1][3] 
_pdbx_struct_oper_list.vector[1] 
_pdbx_struct_oper_list.matrix[2][1] 
_pdbx_struct_oper_list.matrix[2][2] 
_pdbx_struct_oper_list.matrix[2][3] 
_pdbx_struct_oper_list.vector[2] 
_pdbx_struct_oper_list.matrix[3][1] 
_pdbx_struct_oper_list.matrix[3][2] 
_pdbx_struct_oper_list.matrix[3][3] 
_pdbx_struct_oper_list.vector[3] 
1 'identity operation'         1_555  x,y,z            1.0000000000  0.0000000000  0.0000000000  0.0000000000   0.0000000000  1.0000000000  0.0000000000  0.0000000000   0.0000000000  0.0000000000  1.0000000000  0.0000000000   
2 'crystal symmetry operation' 4_665  -x+1,-y+1,z      -0.8893020787 0.3979249058  0.2253831896  29.6802143961  0.3979249058  0.4304173812  0.8101830949  -10.0946371378 0.2253831896  0.8101830949  -0.5411153025 3.2450046365   
3 'crystal symmetry operation' 7_554  y,x,-z-2/3       0.0848880175  -0.7021929354 0.7069081312  3.3501419285   -0.7021929354 -0.5455061623 -0.4575457446 -16.5489110872 0.7069081312  -0.4575457446 -0.5393818552 -21.5799714495 
4 'crystal symmetry operation' 10_664 -y+1,-x+1,-z-2/3 -0.1955859388 0.3042680296  -0.9322913208 15.2519395330  0.3042680296  -0.8849112189 -0.3526373504 -33.3681992549 -0.9322913208 -0.3526373504 0.0804971577  2.2696750858   
5 'crystal symmetry operation' 12_554 x,x-y,-z-1/3     -0.7942572833 -0.3417630998 0.5023478392  -30.2687741585 -0.3417630998 -0.4322908812 -0.8344594524 -3.5662108377  0.5023478392  -0.8344594524 0.2265481645  9.9707417165 
# 
_struct_biol.id                    1 
_struct_biol.pdbx_parent_biol_id   ? 
_struct_biol.details               ? 
# 
loop_
_struct_conf.conf_type_id 
_struct_conf.id 
_struct_conf.pdbx_PDB_helix_id 
_struct_conf.beg_label_comp_id 
_struct_conf.beg_label_asym_id 
_struct_conf.beg_label_seq_id 
_struct_conf.pdbx_beg_PDB_ins_code 
_struct_conf.end_label_comp_id 
_struct_conf.end_label_asym_id 
_struct_conf.end_label_seq_id 
_struct_conf.pdbx_end_PDB_ins_code 
_struct_conf.beg_auth_comp_id 
_struct_conf.beg_auth_asym_id 
_struct_conf.beg_auth_seq_id 
_struct_conf.end_auth_comp_id 
_struct_conf.end_auth_asym_id 
_struct_conf.end_auth_seq_id 
_struct_conf.pdbx_PDB_helix_class 
_struct_conf.details 
_struct_conf.pdbx_PDB_helix_length 
HELX_P HELX_P1 1 ASP A 66 ? ASN A 78 ? ASP A 66 ASN A 78 1 ? 13 
HELX_P HELX_P2 2 ALA A 80 ? ALA A 82 ? ALA A 80 ALA A 82 5 ? 3  
# 
_struct_conf_type.id          HELX_P 
_struct_conf_type.criteria    ? 
_struct_conf_type.reference   ? 
# 
loop_
_struct_conn.id 
_struct_conn.conn_type_id 
_struct_conn.pdbx_leaving_atom_flag 
_struct_conn.pdbx_PDB_id 
_struct_conn.ptnr1_label_asym_id 
_struct_conn.ptnr1_label_comp_id 
_struct_conn.ptnr1_label_seq_id 
_struct_conn.ptnr1_label_atom_id 
_struct_conn.pdbx_ptnr1_label_alt_id 
_struct_conn.pdbx_ptnr1_PDB_ins_code 
_struct_conn.pdbx_ptnr1_standard_comp_id 
_struct_conn.ptnr1_symmetry 
_struct_conn.ptnr2_label_asym_id 
_struct_conn.ptnr2_label_comp_id 
_struct_conn.ptnr2_label_seq_id 
_struct_conn.ptnr2_label_atom_id 
_struct_conn.pdbx_ptnr2_label_alt_id 
_struct_conn.pdbx_ptnr2_PDB_ins_code 
_struct_conn.ptnr1_auth_asym_id 
_struct_conn.ptnr1_auth_comp_id 
_struct_conn.ptnr1_auth_seq_id 
_struct_conn.ptnr2_auth_asym_id 
_struct_conn.ptnr2_auth_comp_id 
_struct_conn.ptnr2_auth_seq_id 
_struct_conn.ptnr2_symmetry 
_struct_conn.pdbx_ptnr3_label_atom_id 
_struct_conn.pdbx_ptnr3_label_seq_id 
_struct_conn.pdbx_ptnr3_label_comp_id 
_struct_conn.pdbx_ptnr3_label_asym_id 
_struct_conn.pdbx_ptnr3_label_alt_id 
_struct_conn.pdbx_ptnr3_PDB_ins_code 
_struct_conn.details 
_struct_conn.pdbx_dist_value 
_struct_conn.pdbx_value_order 
_struct_conn.pdbx_role 
metalc1 metalc ? ? A HIS 57  ND1 ? ? ? 1_555 B CU . CU ? ? A HIS 57  A CU 141 1_555 ? ? ? ? ? ? ? 2.019 ? ? 
metalc2 metalc ? ? A CYS 122 SG  ? ? ? 1_555 B CU . CU ? ? A CYS 122 A CU 141 1_555 ? ? ? ? ? ? ? 2.195 ? ? 
metalc3 metalc ? ? A HIS 127 ND1 ? ? ? 1_555 B CU . CU ? ? A HIS 127 A CU 141 1_555 ? ? ? ? ? ? ? 2.032 ? ? 
metalc4 metalc ? ? A MET 132 SD  ? ? ? 1_555 B CU . CU ? ? A MET 132 A CU 141 1_555 ? ? ? ? ? ? ? 2.843 ? ? 
# 
_struct_conn_type.id          metalc 
_struct_conn_type.criteria    ? 
_struct_conn_type.reference   ? 
# 
loop_
_pdbx_struct_conn_angle.id 
_pdbx_struct_conn_angle.ptnr1_label_atom_id 
_pdbx_struct_conn_angle.ptnr1_label_alt_id 
_pdbx_struct_conn_angle.ptnr1_label_asym_id 
_pdbx_struct_conn_angle.ptnr1_label_comp_id 
_pdbx_struct_conn_angle.ptnr1_label_seq_id 
_pdbx_struct_conn_angle.ptnr1_auth_atom_id 
_pdbx_struct_conn_angle.ptnr1_auth_asym_id 
_pdbx_struct_conn_angle.ptnr1_auth_comp_id 
_pdbx_struct_conn_angle.ptnr1_auth_seq_id 
_pdbx_struct_conn_angle.ptnr1_PDB_ins_code 
_pdbx_struct_conn_angle.ptnr1_symmetry 
_pdbx_struct_conn_angle.ptnr2_label_atom_id 
_pdbx_struct_conn_angle.ptnr2_label_alt_id 
_pdbx_struct_conn_angle.ptnr2_label_asym_id 
_pdbx_struct_conn_angle.ptnr2_label_comp_id 
_pdbx_struct_conn_angle.ptnr2_label_seq_id 
_pdbx_struct_conn_angle.ptnr2_auth_atom_id 
_pdbx_struct_conn_angle.ptnr2_auth_asym_id 
_pdbx_struct_conn_angle.ptnr2_auth_comp_id 
_pdbx_struct_conn_angle.ptnr2_auth_seq_id 
_pdbx_struct_conn_angle.ptnr2_PDB_ins_code 
_pdbx_struct_conn_angle.ptnr2_symmetry 
_pdbx_struct_conn_angle.ptnr3_label_atom_id 
_pdbx_struct_conn_angle.ptnr3_label_alt_id 
_pdbx_struct_conn_angle.ptnr3_label_asym_id 
_pdbx_struct_conn_angle.ptnr3_label_comp_id 
_pdbx_struct_conn_angle.ptnr3_label_seq_id 
_pdbx_struct_conn_angle.ptnr3_auth_atom_id 
_pdbx_struct_conn_angle.ptnr3_auth_asym_id 
_pdbx_struct_conn_angle.ptnr3_auth_comp_id 
_pdbx_struct_conn_angle.ptnr3_auth_seq_id 
_pdbx_struct_conn_angle.ptnr3_PDB_ins_code 
_pdbx_struct_conn_angle.ptnr3_symmetry 
_pdbx_struct_conn_angle.value 
_pdbx_struct_conn_angle.value_esd 
1 ND1 ? A HIS 57  ? A HIS 57  ? 1_555 CU ? B CU . ? A CU 141 ? 1_555 SG  ? A CYS 122 ? A CYS 122 ? 1_555 136.9 ? 
2 ND1 ? A HIS 57  ? A HIS 57  ? 1_555 CU ? B CU . ? A CU 141 ? 1_555 ND1 ? A HIS 127 ? A HIS 127 ? 1_555 101.5 ? 
3 SG  ? A CYS 122 ? A CYS 122 ? 1_555 CU ? B CU . ? A CU 141 ? 1_555 ND1 ? A HIS 127 ? A HIS 127 ? 1_555 117.3 ? 
4 ND1 ? A HIS 57  ? A HIS 57  ? 1_555 CU ? B CU . ? A CU 141 ? 1_555 SD  ? A MET 132 ? A MET 132 ? 1_555 79.6  ? 
5 SG  ? A CYS 122 ? A CYS 122 ? 1_555 CU ? B CU . ? A CU 141 ? 1_555 SD  ? A MET 132 ? A MET 132 ? 1_555 105.8 ? 
6 ND1 ? A HIS 127 ? A HIS 127 ? 1_555 CU ? B CU . ? A CU 141 ? 1_555 SD  ? A MET 132 ? A MET 132 ? 1_555 105.1 ? 
# 
loop_
_struct_sheet.id 
_struct_sheet.type 
_struct_sheet.number_strands 
_struct_sheet.details 
A ? 3 ? 
B ? 3 ? 
C ? 2 ? 
# 
loop_
_struct_sheet_order.sheet_id 
_struct_sheet_order.range_id_1 
_struct_sheet_order.range_id_2 
_struct_sheet_order.offset 
_struct_sheet_order.sense 
A 1 2 ? parallel      
A 2 3 ? anti-parallel 
B 1 2 ? parallel      
B 2 3 ? anti-parallel 
C 1 2 ? anti-parallel 
# 
loop_
_struct_sheet_range.sheet_id 
_struct_sheet_range.id 
_struct_sheet_range.beg_label_comp_id 
_struct_sheet_range.beg_label_asym_id 
_struct_sheet_range.beg_label_seq_id 
_struct_sheet_range.pdbx_beg_PDB_ins_code 
_struct_sheet_range.end_label_comp_id 
_struct_sheet_range.end_label_asym_id 
_struct_sheet_range.end_label_seq_id 
_struct_sheet_range.pdbx_end_PDB_ins_code 
_struct_sheet_range.beg_auth_comp_id 
_struct_sheet_range.beg_auth_asym_id 
_struct_sheet_range.beg_auth_seq_id 
_struct_sheet_range.end_auth_comp_id 
_struct_sheet_range.end_auth_asym_id 
_struct_sheet_range.end_auth_seq_id 
A 1 GLN A 17  ? ARG A 22  ? GLN A 17  ARG A 22  
A 2 VAL A 42  ? ASN A 49  ? VAL A 42  ASN A 49  
A 3 GLU A 104 ? ARG A 111 ? GLU A 104 ARG A 111 
B 1 SER A 34  ? PRO A 38  ? SER A 34  PRO A 38  
B 2 LYS A 133 ? THR A 139 ? LYS A 133 THR A 139 
B 3 GLY A 116 ? ILE A 121 ? GLY A 116 ILE A 121 
C 1 VAL A 60  ? VAL A 62  ? VAL A 60  VAL A 62  
C 2 ALA A 93  ? TRP A 96  ? ALA A 93  TRP A 96  
# 
loop_
_pdbx_struct_sheet_hbond.sheet_id 
_pdbx_struct_sheet_hbond.range_id_1 
_pdbx_struct_sheet_hbond.range_id_2 
_pdbx_struct_sheet_hbond.range_1_label_atom_id 
_pdbx_struct_sheet_hbond.range_1_label_comp_id 
_pdbx_struct_sheet_hbond.range_1_label_asym_id 
_pdbx_struct_sheet_hbond.range_1_label_seq_id 
_pdbx_struct_sheet_hbond.range_1_PDB_ins_code 
_pdbx_struct_sheet_hbond.range_1_auth_atom_id 
_pdbx_struct_sheet_hbond.range_1_auth_comp_id 
_pdbx_struct_sheet_hbond.range_1_auth_asym_id 
_pdbx_struct_sheet_hbond.range_1_auth_seq_id 
_pdbx_struct_sheet_hbond.range_2_label_atom_id 
_pdbx_struct_sheet_hbond.range_2_label_comp_id 
_pdbx_struct_sheet_hbond.range_2_label_asym_id 
_pdbx_struct_sheet_hbond.range_2_label_seq_id 
_pdbx_struct_sheet_hbond.range_2_PDB_ins_code 
_pdbx_struct_sheet_hbond.range_2_auth_atom_id 
_pdbx_struct_sheet_hbond.range_2_auth_comp_id 
_pdbx_struct_sheet_hbond.range_2_auth_asym_id 
_pdbx_struct_sheet_hbond.range_2_auth_seq_id 
A 1 2 O GLN A 17  ? O GLN A 17  N ARG A 44  ? N ARG A 44  
A 2 3 O VAL A 43  ? O VAL A 43  N PHE A 110 ? N PHE A 110 
B 1 2 O LEU A 35  ? O LEU A 35  N THR A 135 ? N THR A 135 
B 2 3 O GLY A 134 ? O GLY A 134 N TYR A 120 ? N TYR A 120 
C 1 2 O LEU A 61  ? O LEU A 61  N ALA A 95  ? N ALA A 95  
# 
loop_
_struct_site.id 
_struct_site.pdbx_evidence_code 
_struct_site.pdbx_auth_asym_id 
_struct_site.pdbx_auth_comp_id 
_struct_site.pdbx_auth_seq_id 
_struct_site.pdbx_auth_ins_code 
_struct_site.pdbx_num_residues 
_struct_site.details 
CU  Author   ? ?   ?   ? 5  'TYPE I BLUE COPPER SITE'            
AC1 Software A CU  141 ? 5  'BINDING SITE FOR RESIDUE CU A 141'  
AC2 Software A CL  142 ? 2  'BINDING SITE FOR RESIDUE CL A 142'  
AC3 Software A SO4 143 ? 12 'BINDING SITE FOR RESIDUE SO4 A 143' 
AC4 Software A SO4 144 ? 9  'BINDING SITE FOR RESIDUE SO4 A 144' 
# 
loop_
_struct_site_gen.id 
_struct_site_gen.site_id 
_struct_site_gen.pdbx_num_res 
_struct_site_gen.label_comp_id 
_struct_site_gen.label_asym_id 
_struct_site_gen.label_seq_id 
_struct_site_gen.pdbx_auth_ins_code 
_struct_site_gen.auth_comp_id 
_struct_site_gen.auth_asym_id 
_struct_site_gen.auth_seq_id 
_struct_site_gen.label_atom_id 
_struct_site_gen.label_alt_id 
_struct_site_gen.symmetry 
_struct_site_gen.details 
1  CU  5  CU  B .   ? CU  A 141 . ? 1_555  ? 
2  CU  5  HIS A 57  ? HIS A 57  . ? 1_555  ? 
3  CU  5  CYS A 122 ? CYS A 122 . ? 1_555  ? 
4  CU  5  HIS A 127 ? HIS A 127 . ? 1_555  ? 
5  CU  5  MET A 132 ? MET A 132 . ? 1_555  ? 
6  AC1 5  GLN A 56  ? GLN A 56  . ? 1_555  ? 
7  AC1 5  HIS A 57  ? HIS A 57  . ? 1_555  ? 
8  AC1 5  CYS A 122 ? CYS A 122 . ? 1_555  ? 
9  AC1 5  HIS A 127 ? HIS A 127 . ? 1_555  ? 
10 AC1 5  MET A 132 ? MET A 132 . ? 1_555  ? 
11 AC2 2  HIS A 127 ? HIS A 127 . ? 12_554 ? 
12 AC2 2  HIS A 127 ? HIS A 127 . ? 1_555  ? 
13 AC3 12 ARG A 44  ? ARG A 44  . ? 1_555  ? 
14 AC3 12 ARG A 44  ? ARG A 44  . ? 10_664 ? 
15 AC3 12 ARG A 44  ? ARG A 44  . ? 7_554  ? 
16 AC3 12 ARG A 44  ? ARG A 44  . ? 4_665  ? 
17 AC3 12 HOH F .   ? HOH A 190 . ? 1_555  ? 
18 AC3 12 HOH F .   ? HOH A 190 . ? 4_665  ? 
19 AC3 12 HOH F .   ? HOH A 190 . ? 10_664 ? 
20 AC3 12 HOH F .   ? HOH A 190 . ? 7_554  ? 
21 AC3 12 HOH F .   ? HOH A 196 . ? 10_664 ? 
22 AC3 12 HOH F .   ? HOH A 196 . ? 4_665  ? 
23 AC3 12 HOH F .   ? HOH A 196 . ? 1_555  ? 
24 AC3 12 HOH F .   ? HOH A 196 . ? 7_554  ? 
25 AC4 9  GLY A 64  ? GLY A 64  . ? 1_555  ? 
26 AC4 9  GLY A 65  ? GLY A 65  . ? 1_555  ? 
27 AC4 9  ASP A 66  ? ASP A 66  . ? 1_555  ? 
28 AC4 9  ASP A 67  ? ASP A 67  . ? 1_555  ? 
29 AC4 9  VAL A 68  ? VAL A 68  . ? 1_555  ? 
30 AC4 9  HOH F .   ? HOH A 320 . ? 1_555  ? 
31 AC4 9  HOH F .   ? HOH A 333 . ? 1_555  ? 
32 AC4 9  HOH F .   ? HOH A 362 . ? 1_555  ? 
33 AC4 9  HOH F .   ? HOH A 365 . ? 7_555  ? 
# 
_pdbx_validate_rmsd_angle.id                         1 
_pdbx_validate_rmsd_angle.PDB_model_num              1 
_pdbx_validate_rmsd_angle.auth_atom_id_1             CD 
_pdbx_validate_rmsd_angle.auth_asym_id_1             A 
_pdbx_validate_rmsd_angle.auth_comp_id_1             ARG 
_pdbx_validate_rmsd_angle.auth_seq_id_1              44 
_pdbx_validate_rmsd_angle.PDB_ins_code_1             ? 
_pdbx_validate_rmsd_angle.label_alt_id_1             ? 
_pdbx_validate_rmsd_angle.auth_atom_id_2             NE 
_pdbx_validate_rmsd_angle.auth_asym_id_2             A 
_pdbx_validate_rmsd_angle.auth_comp_id_2             ARG 
_pdbx_validate_rmsd_angle.auth_seq_id_2              44 
_pdbx_validate_rmsd_angle.PDB_ins_code_2             ? 
_pdbx_validate_rmsd_angle.label_alt_id_2             ? 
_pdbx_validate_rmsd_angle.auth_atom_id_3             CZ 
_pdbx_validate_rmsd_angle.auth_asym_id_3             A 
_pdbx_validate_rmsd_angle.auth_comp_id_3             ARG 
_pdbx_validate_rmsd_angle.auth_seq_id_3              44 
_pdbx_validate_rmsd_angle.PDB_ins_code_3             ? 
_pdbx_validate_rmsd_angle.label_alt_id_3             ? 
_pdbx_validate_rmsd_angle.angle_value                133.41 
_pdbx_validate_rmsd_angle.angle_target_value         123.60 
_pdbx_validate_rmsd_angle.angle_deviation            9.81 
_pdbx_validate_rmsd_angle.angle_standard_deviation   1.40 
_pdbx_validate_rmsd_angle.linker_flag                N 
# 
_pdbx_validate_torsion.id              1 
_pdbx_validate_torsion.PDB_model_num   1 
_pdbx_validate_torsion.auth_comp_id    ASN 
_pdbx_validate_torsion.auth_asym_id    A 
_pdbx_validate_torsion.auth_seq_id     3 
_pdbx_validate_torsion.PDB_ins_code    ? 
_pdbx_validate_torsion.label_alt_id    ? 
_pdbx_validate_torsion.phi             -60.57 
_pdbx_validate_torsion.psi             96.00 
# 
loop_
_pdbx_validate_main_chain_plane.id 
_pdbx_validate_main_chain_plane.PDB_model_num 
_pdbx_validate_main_chain_plane.auth_comp_id 
_pdbx_validate_main_chain_plane.auth_asym_id 
_pdbx_validate_main_chain_plane.auth_seq_id 
_pdbx_validate_main_chain_plane.PDB_ins_code 
_pdbx_validate_main_chain_plane.label_alt_id 
_pdbx_validate_main_chain_plane.improper_torsion_angle 
1 1 ALA A 2  ? ? 12.63  
2 1 LEU A 83 ? ? -11.02 
# 
loop_
_pdbx_struct_special_symmetry.id 
_pdbx_struct_special_symmetry.PDB_model_num 
_pdbx_struct_special_symmetry.auth_asym_id 
_pdbx_struct_special_symmetry.auth_comp_id 
_pdbx_struct_special_symmetry.auth_seq_id 
_pdbx_struct_special_symmetry.PDB_ins_code 
_pdbx_struct_special_symmetry.label_asym_id 
_pdbx_struct_special_symmetry.label_comp_id 
_pdbx_struct_special_symmetry.label_seq_id 
1 1 A CL  142 ? C CL  . 
2 1 A SO4 143 ? D SO4 . 
# 
_pdbx_entry_details.entry_id                 1QHQ 
_pdbx_entry_details.compound_details         ? 
_pdbx_entry_details.source_details           ? 
_pdbx_entry_details.nonpolymer_details       
;SO4 S 143 LIES ON A SPECIAL POSITION AND
THUS HAS 0.25 OCCUPANCY

CL 142 LIES ON A TWO-FOLD AXIS
;
_pdbx_entry_details.sequence_details         ? 
_pdbx_entry_details.has_ligand_of_interest   ? 
# 
_pdbx_unobs_or_zero_occ_residues.id               1 
_pdbx_unobs_or_zero_occ_residues.PDB_model_num    1 
_pdbx_unobs_or_zero_occ_residues.polymer_flag     Y 
_pdbx_unobs_or_zero_occ_residues.occupancy_flag   1 
_pdbx_unobs_or_zero_occ_residues.auth_asym_id     A 
_pdbx_unobs_or_zero_occ_residues.auth_comp_id     ALA 
_pdbx_unobs_or_zero_occ_residues.auth_seq_id      1 
_pdbx_unobs_or_zero_occ_residues.PDB_ins_code     ? 
_pdbx_unobs_or_zero_occ_residues.label_asym_id    A 
_pdbx_unobs_or_zero_occ_residues.label_comp_id    ALA 
_pdbx_unobs_or_zero_occ_residues.label_seq_id     1 
# 
loop_
_chem_comp_atom.comp_id 
_chem_comp_atom.atom_id 
_chem_comp_atom.type_symbol 
_chem_comp_atom.pdbx_aromatic_flag 
_chem_comp_atom.pdbx_stereo_config 
_chem_comp_atom.pdbx_ordinal 
ALA N    N  N N 1   
ALA CA   C  N S 2   
ALA C    C  N N 3   
ALA O    O  N N 4   
ALA CB   C  N N 5   
ALA OXT  O  N N 6   
ALA H    H  N N 7   
ALA H2   H  N N 8   
ALA HA   H  N N 9   
ALA HB1  H  N N 10  
ALA HB2  H  N N 11  
ALA HB3  H  N N 12  
ALA HXT  H  N N 13  
ARG N    N  N N 14  
ARG CA   C  N S 15  
ARG C    C  N N 16  
ARG O    O  N N 17  
ARG CB   C  N N 18  
ARG CG   C  N N 19  
ARG CD   C  N N 20  
ARG NE   N  N N 21  
ARG CZ   C  N N 22  
ARG NH1  N  N N 23  
ARG NH2  N  N N 24  
ARG OXT  O  N N 25  
ARG H    H  N N 26  
ARG H2   H  N N 27  
ARG HA   H  N N 28  
ARG HB2  H  N N 29  
ARG HB3  H  N N 30  
ARG HG2  H  N N 31  
ARG HG3  H  N N 32  
ARG HD2  H  N N 33  
ARG HD3  H  N N 34  
ARG HE   H  N N 35  
ARG HH11 H  N N 36  
ARG HH12 H  N N 37  
ARG HH21 H  N N 38  
ARG HH22 H  N N 39  
ARG HXT  H  N N 40  
ASN N    N  N N 41  
ASN CA   C  N S 42  
ASN C    C  N N 43  
ASN O    O  N N 44  
ASN CB   C  N N 45  
ASN CG   C  N N 46  
ASN OD1  O  N N 47  
ASN ND2  N  N N 48  
ASN OXT  O  N N 49  
ASN H    H  N N 50  
ASN H2   H  N N 51  
ASN HA   H  N N 52  
ASN HB2  H  N N 53  
ASN HB3  H  N N 54  
ASN HD21 H  N N 55  
ASN HD22 H  N N 56  
ASN HXT  H  N N 57  
ASP N    N  N N 58  
ASP CA   C  N S 59  
ASP C    C  N N 60  
ASP O    O  N N 61  
ASP CB   C  N N 62  
ASP CG   C  N N 63  
ASP OD1  O  N N 64  
ASP OD2  O  N N 65  
ASP OXT  O  N N 66  
ASP H    H  N N 67  
ASP H2   H  N N 68  
ASP HA   H  N N 69  
ASP HB2  H  N N 70  
ASP HB3  H  N N 71  
ASP HD2  H  N N 72  
ASP HXT  H  N N 73  
CL  CL   CL N N 74  
CU  CU   CU N N 75  
CYS N    N  N N 76  
CYS CA   C  N R 77  
CYS C    C  N N 78  
CYS O    O  N N 79  
CYS CB   C  N N 80  
CYS SG   S  N N 81  
CYS OXT  O  N N 82  
CYS H    H  N N 83  
CYS H2   H  N N 84  
CYS HA   H  N N 85  
CYS HB2  H  N N 86  
CYS HB3  H  N N 87  
CYS HG   H  N N 88  
CYS HXT  H  N N 89  
GLN N    N  N N 90  
GLN CA   C  N S 91  
GLN C    C  N N 92  
GLN O    O  N N 93  
GLN CB   C  N N 94  
GLN CG   C  N N 95  
GLN CD   C  N N 96  
GLN OE1  O  N N 97  
GLN NE2  N  N N 98  
GLN OXT  O  N N 99  
GLN H    H  N N 100 
GLN H2   H  N N 101 
GLN HA   H  N N 102 
GLN HB2  H  N N 103 
GLN HB3  H  N N 104 
GLN HG2  H  N N 105 
GLN HG3  H  N N 106 
GLN HE21 H  N N 107 
GLN HE22 H  N N 108 
GLN HXT  H  N N 109 
GLU N    N  N N 110 
GLU CA   C  N S 111 
GLU C    C  N N 112 
GLU O    O  N N 113 
GLU CB   C  N N 114 
GLU CG   C  N N 115 
GLU CD   C  N N 116 
GLU OE1  O  N N 117 
GLU OE2  O  N N 118 
GLU OXT  O  N N 119 
GLU H    H  N N 120 
GLU H2   H  N N 121 
GLU HA   H  N N 122 
GLU HB2  H  N N 123 
GLU HB3  H  N N 124 
GLU HG2  H  N N 125 
GLU HG3  H  N N 126 
GLU HE2  H  N N 127 
GLU HXT  H  N N 128 
GLY N    N  N N 129 
GLY CA   C  N N 130 
GLY C    C  N N 131 
GLY O    O  N N 132 
GLY OXT  O  N N 133 
GLY H    H  N N 134 
GLY H2   H  N N 135 
GLY HA2  H  N N 136 
GLY HA3  H  N N 137 
GLY HXT  H  N N 138 
HIS N    N  N N 139 
HIS CA   C  N S 140 
HIS C    C  N N 141 
HIS O    O  N N 142 
HIS CB   C  N N 143 
HIS CG   C  Y N 144 
HIS ND1  N  Y N 145 
HIS CD2  C  Y N 146 
HIS CE1  C  Y N 147 
HIS NE2  N  Y N 148 
HIS OXT  O  N N 149 
HIS H    H  N N 150 
HIS H2   H  N N 151 
HIS HA   H  N N 152 
HIS HB2  H  N N 153 
HIS HB3  H  N N 154 
HIS HD1  H  N N 155 
HIS HD2  H  N N 156 
HIS HE1  H  N N 157 
HIS HE2  H  N N 158 
HIS HXT  H  N N 159 
HOH O    O  N N 160 
HOH H1   H  N N 161 
HOH H2   H  N N 162 
ILE N    N  N N 163 
ILE CA   C  N S 164 
ILE C    C  N N 165 
ILE O    O  N N 166 
ILE CB   C  N S 167 
ILE CG1  C  N N 168 
ILE CG2  C  N N 169 
ILE CD1  C  N N 170 
ILE OXT  O  N N 171 
ILE H    H  N N 172 
ILE H2   H  N N 173 
ILE HA   H  N N 174 
ILE HB   H  N N 175 
ILE HG12 H  N N 176 
ILE HG13 H  N N 177 
ILE HG21 H  N N 178 
ILE HG22 H  N N 179 
ILE HG23 H  N N 180 
ILE HD11 H  N N 181 
ILE HD12 H  N N 182 
ILE HD13 H  N N 183 
ILE HXT  H  N N 184 
LEU N    N  N N 185 
LEU CA   C  N S 186 
LEU C    C  N N 187 
LEU O    O  N N 188 
LEU CB   C  N N 189 
LEU CG   C  N N 190 
LEU CD1  C  N N 191 
LEU CD2  C  N N 192 
LEU OXT  O  N N 193 
LEU H    H  N N 194 
LEU H2   H  N N 195 
LEU HA   H  N N 196 
LEU HB2  H  N N 197 
LEU HB3  H  N N 198 
LEU HG   H  N N 199 
LEU HD11 H  N N 200 
LEU HD12 H  N N 201 
LEU HD13 H  N N 202 
LEU HD21 H  N N 203 
LEU HD22 H  N N 204 
LEU HD23 H  N N 205 
LEU HXT  H  N N 206 
LYS N    N  N N 207 
LYS CA   C  N S 208 
LYS C    C  N N 209 
LYS O    O  N N 210 
LYS CB   C  N N 211 
LYS CG   C  N N 212 
LYS CD   C  N N 213 
LYS CE   C  N N 214 
LYS NZ   N  N N 215 
LYS OXT  O  N N 216 
LYS H    H  N N 217 
LYS H2   H  N N 218 
LYS HA   H  N N 219 
LYS HB2  H  N N 220 
LYS HB3  H  N N 221 
LYS HG2  H  N N 222 
LYS HG3  H  N N 223 
LYS HD2  H  N N 224 
LYS HD3  H  N N 225 
LYS HE2  H  N N 226 
LYS HE3  H  N N 227 
LYS HZ1  H  N N 228 
LYS HZ2  H  N N 229 
LYS HZ3  H  N N 230 
LYS HXT  H  N N 231 
MET N    N  N N 232 
MET CA   C  N S 233 
MET C    C  N N 234 
MET O    O  N N 235 
MET CB   C  N N 236 
MET CG   C  N N 237 
MET SD   S  N N 238 
MET CE   C  N N 239 
MET OXT  O  N N 240 
MET H    H  N N 241 
MET H2   H  N N 242 
MET HA   H  N N 243 
MET HB2  H  N N 244 
MET HB3  H  N N 245 
MET HG2  H  N N 246 
MET HG3  H  N N 247 
MET HE1  H  N N 248 
MET HE2  H  N N 249 
MET HE3  H  N N 250 
MET HXT  H  N N 251 
PHE N    N  N N 252 
PHE CA   C  N S 253 
PHE C    C  N N 254 
PHE O    O  N N 255 
PHE CB   C  N N 256 
PHE CG   C  Y N 257 
PHE CD1  C  Y N 258 
PHE CD2  C  Y N 259 
PHE CE1  C  Y N 260 
PHE CE2  C  Y N 261 
PHE CZ   C  Y N 262 
PHE OXT  O  N N 263 
PHE H    H  N N 264 
PHE H2   H  N N 265 
PHE HA   H  N N 266 
PHE HB2  H  N N 267 
PHE HB3  H  N N 268 
PHE HD1  H  N N 269 
PHE HD2  H  N N 270 
PHE HE1  H  N N 271 
PHE HE2  H  N N 272 
PHE HZ   H  N N 273 
PHE HXT  H  N N 274 
PRO N    N  N N 275 
PRO CA   C  N S 276 
PRO C    C  N N 277 
PRO O    O  N N 278 
PRO CB   C  N N 279 
PRO CG   C  N N 280 
PRO CD   C  N N 281 
PRO OXT  O  N N 282 
PRO H    H  N N 283 
PRO HA   H  N N 284 
PRO HB2  H  N N 285 
PRO HB3  H  N N 286 
PRO HG2  H  N N 287 
PRO HG3  H  N N 288 
PRO HD2  H  N N 289 
PRO HD3  H  N N 290 
PRO HXT  H  N N 291 
SER N    N  N N 292 
SER CA   C  N S 293 
SER C    C  N N 294 
SER O    O  N N 295 
SER CB   C  N N 296 
SER OG   O  N N 297 
SER OXT  O  N N 298 
SER H    H  N N 299 
SER H2   H  N N 300 
SER HA   H  N N 301 
SER HB2  H  N N 302 
SER HB3  H  N N 303 
SER HG   H  N N 304 
SER HXT  H  N N 305 
SO4 S    S  N N 306 
SO4 O1   O  N N 307 
SO4 O2   O  N N 308 
SO4 O3   O  N N 309 
SO4 O4   O  N N 310 
THR N    N  N N 311 
THR CA   C  N S 312 
THR C    C  N N 313 
THR O    O  N N 314 
THR CB   C  N R 315 
THR OG1  O  N N 316 
THR CG2  C  N N 317 
THR OXT  O  N N 318 
THR H    H  N N 319 
THR H2   H  N N 320 
THR HA   H  N N 321 
THR HB   H  N N 322 
THR HG1  H  N N 323 
THR HG21 H  N N 324 
THR HG22 H  N N 325 
THR HG23 H  N N 326 
THR HXT  H  N N 327 
TRP N    N  N N 328 
TRP CA   C  N S 329 
TRP C    C  N N 330 
TRP O    O  N N 331 
TRP CB   C  N N 332 
TRP CG   C  Y N 333 
TRP CD1  C  Y N 334 
TRP CD2  C  Y N 335 
TRP NE1  N  Y N 336 
TRP CE2  C  Y N 337 
TRP CE3  C  Y N 338 
TRP CZ2  C  Y N 339 
TRP CZ3  C  Y N 340 
TRP CH2  C  Y N 341 
TRP OXT  O  N N 342 
TRP H    H  N N 343 
TRP H2   H  N N 344 
TRP HA   H  N N 345 
TRP HB2  H  N N 346 
TRP HB3  H  N N 347 
TRP HD1  H  N N 348 
TRP HE1  H  N N 349 
TRP HE3  H  N N 350 
TRP HZ2  H  N N 351 
TRP HZ3  H  N N 352 
TRP HH2  H  N N 353 
TRP HXT  H  N N 354 
TYR N    N  N N 355 
TYR CA   C  N S 356 
TYR C    C  N N 357 
TYR O    O  N N 358 
TYR CB   C  N N 359 
TYR CG   C  Y N 360 
TYR CD1  C  Y N 361 
TYR CD2  C  Y N 362 
TYR CE1  C  Y N 363 
TYR CE2  C  Y N 364 
TYR CZ   C  Y N 365 
TYR OH   O  N N 366 
TYR OXT  O  N N 367 
TYR H    H  N N 368 
TYR H2   H  N N 369 
TYR HA   H  N N 370 
TYR HB2  H  N N 371 
TYR HB3  H  N N 372 
TYR HD1  H  N N 373 
TYR HD2  H  N N 374 
TYR HE1  H  N N 375 
TYR HE2  H  N N 376 
TYR HH   H  N N 377 
TYR HXT  H  N N 378 
VAL N    N  N N 379 
VAL CA   C  N S 380 
VAL C    C  N N 381 
VAL O    O  N N 382 
VAL CB   C  N N 383 
VAL CG1  C  N N 384 
VAL CG2  C  N N 385 
VAL OXT  O  N N 386 
VAL H    H  N N 387 
VAL H2   H  N N 388 
VAL HA   H  N N 389 
VAL HB   H  N N 390 
VAL HG11 H  N N 391 
VAL HG12 H  N N 392 
VAL HG13 H  N N 393 
VAL HG21 H  N N 394 
VAL HG22 H  N N 395 
VAL HG23 H  N N 396 
VAL HXT  H  N N 397 
# 
loop_
_chem_comp_bond.comp_id 
_chem_comp_bond.atom_id_1 
_chem_comp_bond.atom_id_2 
_chem_comp_bond.value_order 
_chem_comp_bond.pdbx_aromatic_flag 
_chem_comp_bond.pdbx_stereo_config 
_chem_comp_bond.pdbx_ordinal 
ALA N   CA   sing N N 1   
ALA N   H    sing N N 2   
ALA N   H2   sing N N 3   
ALA CA  C    sing N N 4   
ALA CA  CB   sing N N 5   
ALA CA  HA   sing N N 6   
ALA C   O    doub N N 7   
ALA C   OXT  sing N N 8   
ALA CB  HB1  sing N N 9   
ALA CB  HB2  sing N N 10  
ALA CB  HB3  sing N N 11  
ALA OXT HXT  sing N N 12  
ARG N   CA   sing N N 13  
ARG N   H    sing N N 14  
ARG N   H2   sing N N 15  
ARG CA  C    sing N N 16  
ARG CA  CB   sing N N 17  
ARG CA  HA   sing N N 18  
ARG C   O    doub N N 19  
ARG C   OXT  sing N N 20  
ARG CB  CG   sing N N 21  
ARG CB  HB2  sing N N 22  
ARG CB  HB3  sing N N 23  
ARG CG  CD   sing N N 24  
ARG CG  HG2  sing N N 25  
ARG CG  HG3  sing N N 26  
ARG CD  NE   sing N N 27  
ARG CD  HD2  sing N N 28  
ARG CD  HD3  sing N N 29  
ARG NE  CZ   sing N N 30  
ARG NE  HE   sing N N 31  
ARG CZ  NH1  sing N N 32  
ARG CZ  NH2  doub N N 33  
ARG NH1 HH11 sing N N 34  
ARG NH1 HH12 sing N N 35  
ARG NH2 HH21 sing N N 36  
ARG NH2 HH22 sing N N 37  
ARG OXT HXT  sing N N 38  
ASN N   CA   sing N N 39  
ASN N   H    sing N N 40  
ASN N   H2   sing N N 41  
ASN CA  C    sing N N 42  
ASN CA  CB   sing N N 43  
ASN CA  HA   sing N N 44  
ASN C   O    doub N N 45  
ASN C   OXT  sing N N 46  
ASN CB  CG   sing N N 47  
ASN CB  HB2  sing N N 48  
ASN CB  HB3  sing N N 49  
ASN CG  OD1  doub N N 50  
ASN CG  ND2  sing N N 51  
ASN ND2 HD21 sing N N 52  
ASN ND2 HD22 sing N N 53  
ASN OXT HXT  sing N N 54  
ASP N   CA   sing N N 55  
ASP N   H    sing N N 56  
ASP N   H2   sing N N 57  
ASP CA  C    sing N N 58  
ASP CA  CB   sing N N 59  
ASP CA  HA   sing N N 60  
ASP C   O    doub N N 61  
ASP C   OXT  sing N N 62  
ASP CB  CG   sing N N 63  
ASP CB  HB2  sing N N 64  
ASP CB  HB3  sing N N 65  
ASP CG  OD1  doub N N 66  
ASP CG  OD2  sing N N 67  
ASP OD2 HD2  sing N N 68  
ASP OXT HXT  sing N N 69  
CYS N   CA   sing N N 70  
CYS N   H    sing N N 71  
CYS N   H2   sing N N 72  
CYS CA  C    sing N N 73  
CYS CA  CB   sing N N 74  
CYS CA  HA   sing N N 75  
CYS C   O    doub N N 76  
CYS C   OXT  sing N N 77  
CYS CB  SG   sing N N 78  
CYS CB  HB2  sing N N 79  
CYS CB  HB3  sing N N 80  
CYS SG  HG   sing N N 81  
CYS OXT HXT  sing N N 82  
GLN N   CA   sing N N 83  
GLN N   H    sing N N 84  
GLN N   H2   sing N N 85  
GLN CA  C    sing N N 86  
GLN CA  CB   sing N N 87  
GLN CA  HA   sing N N 88  
GLN C   O    doub N N 89  
GLN C   OXT  sing N N 90  
GLN CB  CG   sing N N 91  
GLN CB  HB2  sing N N 92  
GLN CB  HB3  sing N N 93  
GLN CG  CD   sing N N 94  
GLN CG  HG2  sing N N 95  
GLN CG  HG3  sing N N 96  
GLN CD  OE1  doub N N 97  
GLN CD  NE2  sing N N 98  
GLN NE2 HE21 sing N N 99  
GLN NE2 HE22 sing N N 100 
GLN OXT HXT  sing N N 101 
GLU N   CA   sing N N 102 
GLU N   H    sing N N 103 
GLU N   H2   sing N N 104 
GLU CA  C    sing N N 105 
GLU CA  CB   sing N N 106 
GLU CA  HA   sing N N 107 
GLU C   O    doub N N 108 
GLU C   OXT  sing N N 109 
GLU CB  CG   sing N N 110 
GLU CB  HB2  sing N N 111 
GLU CB  HB3  sing N N 112 
GLU CG  CD   sing N N 113 
GLU CG  HG2  sing N N 114 
GLU CG  HG3  sing N N 115 
GLU CD  OE1  doub N N 116 
GLU CD  OE2  sing N N 117 
GLU OE2 HE2  sing N N 118 
GLU OXT HXT  sing N N 119 
GLY N   CA   sing N N 120 
GLY N   H    sing N N 121 
GLY N   H2   sing N N 122 
GLY CA  C    sing N N 123 
GLY CA  HA2  sing N N 124 
GLY CA  HA3  sing N N 125 
GLY C   O    doub N N 126 
GLY C   OXT  sing N N 127 
GLY OXT HXT  sing N N 128 
HIS N   CA   sing N N 129 
HIS N   H    sing N N 130 
HIS N   H2   sing N N 131 
HIS CA  C    sing N N 132 
HIS CA  CB   sing N N 133 
HIS CA  HA   sing N N 134 
HIS C   O    doub N N 135 
HIS C   OXT  sing N N 136 
HIS CB  CG   sing N N 137 
HIS CB  HB2  sing N N 138 
HIS CB  HB3  sing N N 139 
HIS CG  ND1  sing Y N 140 
HIS CG  CD2  doub Y N 141 
HIS ND1 CE1  doub Y N 142 
HIS ND1 HD1  sing N N 143 
HIS CD2 NE2  sing Y N 144 
HIS CD2 HD2  sing N N 145 
HIS CE1 NE2  sing Y N 146 
HIS CE1 HE1  sing N N 147 
HIS NE2 HE2  sing N N 148 
HIS OXT HXT  sing N N 149 
HOH O   H1   sing N N 150 
HOH O   H2   sing N N 151 
ILE N   CA   sing N N 152 
ILE N   H    sing N N 153 
ILE N   H2   sing N N 154 
ILE CA  C    sing N N 155 
ILE CA  CB   sing N N 156 
ILE CA  HA   sing N N 157 
ILE C   O    doub N N 158 
ILE C   OXT  sing N N 159 
ILE CB  CG1  sing N N 160 
ILE CB  CG2  sing N N 161 
ILE CB  HB   sing N N 162 
ILE CG1 CD1  sing N N 163 
ILE CG1 HG12 sing N N 164 
ILE CG1 HG13 sing N N 165 
ILE CG2 HG21 sing N N 166 
ILE CG2 HG22 sing N N 167 
ILE CG2 HG23 sing N N 168 
ILE CD1 HD11 sing N N 169 
ILE CD1 HD12 sing N N 170 
ILE CD1 HD13 sing N N 171 
ILE OXT HXT  sing N N 172 
LEU N   CA   sing N N 173 
LEU N   H    sing N N 174 
LEU N   H2   sing N N 175 
LEU CA  C    sing N N 176 
LEU CA  CB   sing N N 177 
LEU CA  HA   sing N N 178 
LEU C   O    doub N N 179 
LEU C   OXT  sing N N 180 
LEU CB  CG   sing N N 181 
LEU CB  HB2  sing N N 182 
LEU CB  HB3  sing N N 183 
LEU CG  CD1  sing N N 184 
LEU CG  CD2  sing N N 185 
LEU CG  HG   sing N N 186 
LEU CD1 HD11 sing N N 187 
LEU CD1 HD12 sing N N 188 
LEU CD1 HD13 sing N N 189 
LEU CD2 HD21 sing N N 190 
LEU CD2 HD22 sing N N 191 
LEU CD2 HD23 sing N N 192 
LEU OXT HXT  sing N N 193 
LYS N   CA   sing N N 194 
LYS N   H    sing N N 195 
LYS N   H2   sing N N 196 
LYS CA  C    sing N N 197 
LYS CA  CB   sing N N 198 
LYS CA  HA   sing N N 199 
LYS C   O    doub N N 200 
LYS C   OXT  sing N N 201 
LYS CB  CG   sing N N 202 
LYS CB  HB2  sing N N 203 
LYS CB  HB3  sing N N 204 
LYS CG  CD   sing N N 205 
LYS CG  HG2  sing N N 206 
LYS CG  HG3  sing N N 207 
LYS CD  CE   sing N N 208 
LYS CD  HD2  sing N N 209 
LYS CD  HD3  sing N N 210 
LYS CE  NZ   sing N N 211 
LYS CE  HE2  sing N N 212 
LYS CE  HE3  sing N N 213 
LYS NZ  HZ1  sing N N 214 
LYS NZ  HZ2  sing N N 215 
LYS NZ  HZ3  sing N N 216 
LYS OXT HXT  sing N N 217 
MET N   CA   sing N N 218 
MET N   H    sing N N 219 
MET N   H2   sing N N 220 
MET CA  C    sing N N 221 
MET CA  CB   sing N N 222 
MET CA  HA   sing N N 223 
MET C   O    doub N N 224 
MET C   OXT  sing N N 225 
MET CB  CG   sing N N 226 
MET CB  HB2  sing N N 227 
MET CB  HB3  sing N N 228 
MET CG  SD   sing N N 229 
MET CG  HG2  sing N N 230 
MET CG  HG3  sing N N 231 
MET SD  CE   sing N N 232 
MET CE  HE1  sing N N 233 
MET CE  HE2  sing N N 234 
MET CE  HE3  sing N N 235 
MET OXT HXT  sing N N 236 
PHE N   CA   sing N N 237 
PHE N   H    sing N N 238 
PHE N   H2   sing N N 239 
PHE CA  C    sing N N 240 
PHE CA  CB   sing N N 241 
PHE CA  HA   sing N N 242 
PHE C   O    doub N N 243 
PHE C   OXT  sing N N 244 
PHE CB  CG   sing N N 245 
PHE CB  HB2  sing N N 246 
PHE CB  HB3  sing N N 247 
PHE CG  CD1  doub Y N 248 
PHE CG  CD2  sing Y N 249 
PHE CD1 CE1  sing Y N 250 
PHE CD1 HD1  sing N N 251 
PHE CD2 CE2  doub Y N 252 
PHE CD2 HD2  sing N N 253 
PHE CE1 CZ   doub Y N 254 
PHE CE1 HE1  sing N N 255 
PHE CE2 CZ   sing Y N 256 
PHE CE2 HE2  sing N N 257 
PHE CZ  HZ   sing N N 258 
PHE OXT HXT  sing N N 259 
PRO N   CA   sing N N 260 
PRO N   CD   sing N N 261 
PRO N   H    sing N N 262 
PRO CA  C    sing N N 263 
PRO CA  CB   sing N N 264 
PRO CA  HA   sing N N 265 
PRO C   O    doub N N 266 
PRO C   OXT  sing N N 267 
PRO CB  CG   sing N N 268 
PRO CB  HB2  sing N N 269 
PRO CB  HB3  sing N N 270 
PRO CG  CD   sing N N 271 
PRO CG  HG2  sing N N 272 
PRO CG  HG3  sing N N 273 
PRO CD  HD2  sing N N 274 
PRO CD  HD3  sing N N 275 
PRO OXT HXT  sing N N 276 
SER N   CA   sing N N 277 
SER N   H    sing N N 278 
SER N   H2   sing N N 279 
SER CA  C    sing N N 280 
SER CA  CB   sing N N 281 
SER CA  HA   sing N N 282 
SER C   O    doub N N 283 
SER C   OXT  sing N N 284 
SER CB  OG   sing N N 285 
SER CB  HB2  sing N N 286 
SER CB  HB3  sing N N 287 
SER OG  HG   sing N N 288 
SER OXT HXT  sing N N 289 
SO4 S   O1   doub N N 290 
SO4 S   O2   doub N N 291 
SO4 S   O3   sing N N 292 
SO4 S   O4   sing N N 293 
THR N   CA   sing N N 294 
THR N   H    sing N N 295 
THR N   H2   sing N N 296 
THR CA  C    sing N N 297 
THR CA  CB   sing N N 298 
THR CA  HA   sing N N 299 
THR C   O    doub N N 300 
THR C   OXT  sing N N 301 
THR CB  OG1  sing N N 302 
THR CB  CG2  sing N N 303 
THR CB  HB   sing N N 304 
THR OG1 HG1  sing N N 305 
THR CG2 HG21 sing N N 306 
THR CG2 HG22 sing N N 307 
THR CG2 HG23 sing N N 308 
THR OXT HXT  sing N N 309 
TRP N   CA   sing N N 310 
TRP N   H    sing N N 311 
TRP N   H2   sing N N 312 
TRP CA  C    sing N N 313 
TRP CA  CB   sing N N 314 
TRP CA  HA   sing N N 315 
TRP C   O    doub N N 316 
TRP C   OXT  sing N N 317 
TRP CB  CG   sing N N 318 
TRP CB  HB2  sing N N 319 
TRP CB  HB3  sing N N 320 
TRP CG  CD1  doub Y N 321 
TRP CG  CD2  sing Y N 322 
TRP CD1 NE1  sing Y N 323 
TRP CD1 HD1  sing N N 324 
TRP CD2 CE2  doub Y N 325 
TRP CD2 CE3  sing Y N 326 
TRP NE1 CE2  sing Y N 327 
TRP NE1 HE1  sing N N 328 
TRP CE2 CZ2  sing Y N 329 
TRP CE3 CZ3  doub Y N 330 
TRP CE3 HE3  sing N N 331 
TRP CZ2 CH2  doub Y N 332 
TRP CZ2 HZ2  sing N N 333 
TRP CZ3 CH2  sing Y N 334 
TRP CZ3 HZ3  sing N N 335 
TRP CH2 HH2  sing N N 336 
TRP OXT HXT  sing N N 337 
TYR N   CA   sing N N 338 
TYR N   H    sing N N 339 
TYR N   H2   sing N N 340 
TYR CA  C    sing N N 341 
TYR CA  CB   sing N N 342 
TYR CA  HA   sing N N 343 
TYR C   O    doub N N 344 
TYR C   OXT  sing N N 345 
TYR CB  CG   sing N N 346 
TYR CB  HB2  sing N N 347 
TYR CB  HB3  sing N N 348 
TYR CG  CD1  doub Y N 349 
TYR CG  CD2  sing Y N 350 
TYR CD1 CE1  sing Y N 351 
TYR CD1 HD1  sing N N 352 
TYR CD2 CE2  doub Y N 353 
TYR CD2 HD2  sing N N 354 
TYR CE1 CZ   doub Y N 355 
TYR CE1 HE1  sing N N 356 
TYR CE2 CZ   sing Y N 357 
TYR CE2 HE2  sing N N 358 
TYR CZ  OH   sing N N 359 
TYR OH  HH   sing N N 360 
TYR OXT HXT  sing N N 361 
VAL N   CA   sing N N 362 
VAL N   H    sing N N 363 
VAL N   H2   sing N N 364 
VAL CA  C    sing N N 365 
VAL CA  CB   sing N N 366 
VAL CA  HA   sing N N 367 
VAL C   O    doub N N 368 
VAL C   OXT  sing N N 369 
VAL CB  CG1  sing N N 370 
VAL CB  CG2  sing N N 371 
VAL CB  HB   sing N N 372 
VAL CG1 HG11 sing N N 373 
VAL CG1 HG12 sing N N 374 
VAL CG1 HG13 sing N N 375 
VAL CG2 HG21 sing N N 376 
VAL CG2 HG22 sing N N 377 
VAL CG2 HG23 sing N N 378 
VAL OXT HXT  sing N N 379 
# 
_atom_sites.entry_id                    1QHQ 
_atom_sites.fract_transf_matrix[1][1]   0.00319956 
_atom_sites.fract_transf_matrix[1][2]   -0.00531525 
_atom_sites.fract_transf_matrix[1][3]   0.00781285 
_atom_sites.fract_transf_matrix[2][1]   0.00952737 
_atom_sites.fract_transf_matrix[2][2]   -0.00292222 
_atom_sites.fract_transf_matrix[2][3]   0.00047992 
_atom_sites.fract_transf_matrix[3][1]   0.00431285 
_atom_sites.fract_transf_matrix[3][2]   0.01550337 
_atom_sites.fract_transf_matrix[3][3]   0.00878105 
_atom_sites.fract_transf_vector[1]      0.412991 
_atom_sites.fract_transf_vector[2]      0.343097 
_atom_sites.fract_transf_vector[3]      -0.117526 
# 
loop_
_atom_type.symbol 
C  
CL 
CU 
N  
O  
S  
# 
loop_
_atom_site.group_PDB 
_atom_site.id 
_atom_site.type_symbol 
_atom_site.label_atom_id 
_atom_site.label_alt_id 
_atom_site.label_comp_id 
_atom_site.label_asym_id 
_atom_site.label_entity_id 
_atom_site.label_seq_id 
_atom_site.pdbx_PDB_ins_code 
_atom_site.Cartn_x 
_atom_site.Cartn_y 
_atom_site.Cartn_z 
_atom_site.occupancy 
_atom_site.B_iso_or_equiv 
_atom_site.pdbx_formal_charge 
_atom_site.auth_seq_id 
_atom_site.auth_comp_id 
_atom_site.auth_asym_id 
_atom_site.auth_atom_id 
_atom_site.pdbx_PDB_model_num 
ATOM   1    N  N   . ALA A 1 2   ? -10.630 -4.634  -12.559 1.00 30.32 ? 2   ALA A N   1 
ATOM   2    C  CA  . ALA A 1 2   ? -9.994  -3.320  -12.281 1.00 28.59 ? 2   ALA A CA  1 
ATOM   3    C  C   . ALA A 1 2   ? -9.337  -3.314  -10.901 1.00 27.08 ? 2   ALA A C   1 
ATOM   4    O  O   . ALA A 1 2   ? -8.791  -2.275  -10.497 1.00 28.26 ? 2   ALA A O   1 
ATOM   5    C  CB  . ALA A 1 2   ? -10.999 -2.184  -12.391 1.00 31.58 ? 2   ALA A CB  1 
ATOM   6    N  N   . ASN A 1 3   ? -9.790  -4.229  -10.033 1.00 25.25 ? 3   ASN A N   1 
ATOM   7    C  CA  . ASN A 1 3   ? -8.994  -4.491  -8.814  1.00 21.35 ? 3   ASN A CA  1 
ATOM   8    C  C   . ASN A 1 3   ? -7.614  -4.992  -9.209  1.00 21.74 ? 3   ASN A C   1 
ATOM   9    O  O   . ASN A 1 3   ? -7.391  -6.185  -9.441  1.00 20.72 ? 3   ASN A O   1 
ATOM   10   C  CB  . ASN A 1 3   ? -9.694  -5.538  -7.932  1.00 19.95 ? 3   ASN A CB  1 
ATOM   11   C  CG  . ASN A 1 3   ? -8.964  -5.823  -6.658  1.00 19.12 ? 3   ASN A CG  1 
ATOM   12   O  OD1 . ASN A 1 3   ? -8.074  -5.037  -6.257  1.00 18.74 ? 3   ASN A OD1 1 
ATOM   13   N  ND2 . ASN A 1 3   ? -9.324  -6.874  -5.914  1.00 16.86 ? 3   ASN A ND2 1 
ATOM   14   N  N   . ALA A 1 4   ? -6.642  -4.068  -9.261  1.00 21.48 ? 4   ALA A N   1 
ATOM   15   C  CA  . ALA A 1 4   ? -5.293  -4.437  -9.688  1.00 18.87 ? 4   ALA A CA  1 
ATOM   16   C  C   . ALA A 1 4   ? -4.265  -3.532  -8.984  1.00 17.26 ? 4   ALA A C   1 
ATOM   17   O  O   . ALA A 1 4   ? -4.619  -2.412  -8.593  1.00 18.12 ? 4   ALA A O   1 
ATOM   18   C  CB  . ALA A 1 4   ? -5.173  -4.227  -11.188 1.00 21.17 ? 4   ALA A CB  1 
ATOM   19   N  N   . PRO A 1 5   ? -3.040  -3.973  -8.986  1.00 15.99 ? 5   PRO A N   1 
ATOM   20   C  CA  . PRO A 1 5   ? -1.939  -3.147  -8.452  1.00 15.93 ? 5   PRO A CA  1 
ATOM   21   C  C   . PRO A 1 5   ? -1.768  -1.933  -9.336  1.00 14.48 ? 5   PRO A C   1 
ATOM   22   O  O   . PRO A 1 5   ? -2.211  -1.911  -10.499 1.00 16.90 ? 5   PRO A O   1 
ATOM   23   C  CB  . PRO A 1 5   ? -0.754  -4.070  -8.441  1.00 14.53 ? 5   PRO A CB  1 
ATOM   24   C  CG  . PRO A 1 5   ? -1.054  -5.168  -9.404  1.00 14.83 ? 5   PRO A CG  1 
ATOM   25   C  CD  . PRO A 1 5   ? -2.559  -5.268  -9.480  1.00 14.71 ? 5   PRO A CD  1 
ATOM   26   N  N   . GLY A 1 6   ? -1.010  -0.951  -8.879  1.00 12.60 ? 6   GLY A N   1 
ATOM   27   C  CA  . GLY A 1 6   ? -0.838  0.270   -9.700  1.00 12.73 ? 6   GLY A CA  1 
ATOM   28   C  C   . GLY A 1 6   ? 0.026   1.260   -8.905  1.00 14.07 ? 6   GLY A C   1 
ATOM   29   O  O   . GLY A 1 6   ? 0.693   0.870   -7.946  1.00 14.76 ? 6   GLY A O   1 
ATOM   30   N  N   . GLY A 1 7   ? 0.127   2.460   -9.451  1.00 15.35 ? 7   GLY A N   1 
ATOM   31   C  CA  . GLY A 1 7   ? 0.906   3.513   -8.806  1.00 14.02 ? 7   GLY A CA  1 
ATOM   32   C  C   . GLY A 1 7   ? 1.827   4.196   -9.807  1.00 14.97 ? 7   GLY A C   1 
ATOM   33   O  O   . GLY A 1 7   ? 2.276   3.649   -10.801 1.00 15.22 ? 7   GLY A O   1 
ATOM   34   N  N   . SER A 1 8   ? 2.142   5.473   -9.466  1.00 14.03 ? 8   SER A N   1 
ATOM   35   C  CA  . SER A 1 8   ? 3.022   6.230   -10.335 1.00 14.70 ? 8   SER A CA  1 
ATOM   36   C  C   . SER A 1 8   ? 4.399   5.614   -10.463 1.00 15.73 ? 8   SER A C   1 
ATOM   37   O  O   . SER A 1 8   ? 5.060   5.868   -11.468 1.00 15.43 ? 8   SER A O   1 
ATOM   38   C  CB  . SER A 1 8   ? 3.143   7.689   -9.871  1.00 13.23 ? 8   SER A CB  1 
ATOM   39   O  OG  . SER A 1 8   ? 3.770   7.738   -8.584  1.00 19.06 ? 8   SER A OG  1 
ATOM   40   N  N   . ASN A 1 9   ? 4.879   4.891   -9.467  1.00 13.10 ? 9   ASN A N   1 
ATOM   41   C  CA  . ASN A 1 9   ? 6.252   4.397   -9.470  1.00 11.23 ? 9   ASN A CA  1 
ATOM   42   C  C   . ASN A 1 9   ? 6.365   2.921   -9.825  1.00 8.89  ? 9   ASN A C   1 
ATOM   43   O  O   . ASN A 1 9   ? 7.441   2.334   -9.688  1.00 11.68 ? 9   ASN A O   1 
ATOM   44   C  CB  . ASN A 1 9   ? 6.856   4.643   -8.073  1.00 8.90  ? 9   ASN A CB  1 
ATOM   45   C  CG  . ASN A 1 9   ? 7.205   6.125   -7.879  1.00 12.79 ? 9   ASN A CG  1 
ATOM   46   O  OD1 . ASN A 1 9   ? 6.534   7.027   -8.378  1.00 14.31 ? 9   ASN A OD1 1 
ATOM   47   N  ND2 . ASN A 1 9   ? 8.272   6.361   -7.120  1.00 15.70 ? 9   ASN A ND2 1 
ATOM   48   N  N   . VAL A 1 10  ? 5.262   2.318   -10.270 1.00 10.10 ? 10  VAL A N   1 
ATOM   49   C  CA  . VAL A 1 10  ? 5.348   0.892   -10.686 1.00 10.47 ? 10  VAL A CA  1 
ATOM   50   C  C   . VAL A 1 10  ? 6.286   0.727   -11.862 1.00 14.63 ? 10  VAL A C   1 
ATOM   51   O  O   . VAL A 1 10  ? 6.253   1.560   -12.773 1.00 13.79 ? 10  VAL A O   1 
ATOM   52   C  CB  . VAL A 1 10  ? 3.949   0.371   -11.067 1.00 14.54 ? 10  VAL A CB  1 
ATOM   53   C  CG1 . VAL A 1 10  ? 3.983   -0.976  -11.737 1.00 18.02 ? 10  VAL A CG1 1 
ATOM   54   C  CG2 . VAL A 1 10  ? 3.166   0.274   -9.745  1.00 11.82 ? 10  VAL A CG2 1 
ATOM   55   N  N   . VAL A 1 11  ? 7.124   -0.299  -11.816 1.00 12.02 ? 11  VAL A N   1 
ATOM   56   C  CA  . VAL A 1 11  ? 8.037   -0.567  -12.943 1.00 12.07 ? 11  VAL A CA  1 
ATOM   57   C  C   . VAL A 1 11  ? 8.046   -2.064  -13.209 1.00 13.29 ? 11  VAL A C   1 
ATOM   58   O  O   . VAL A 1 11  ? 7.834   -2.886  -12.306 1.00 12.98 ? 11  VAL A O   1 
ATOM   59   C  CB  . VAL A 1 11  ? 9.466   -0.084  -12.685 1.00 13.74 ? 11  VAL A CB  1 
ATOM   60   C  CG1 . VAL A 1 11  ? 9.614   1.425   -12.682 1.00 14.62 ? 11  VAL A CG1 1 
ATOM   61   C  CG2 . VAL A 1 11  ? 10.060  -0.687  -11.431 1.00 12.72 ? 11  VAL A CG2 1 
ATOM   62   N  N   . ASN A 1 12  ? 8.291   -2.430  -14.466 1.00 13.84 ? 12  ASN A N   1 
ATOM   63   C  CA  . ASN A 1 12  ? 8.509   -3.824  -14.842 1.00 13.75 ? 12  ASN A CA  1 
ATOM   64   C  C   . ASN A 1 12  ? 10.005  -4.069  -14.924 1.00 12.76 ? 12  ASN A C   1 
ATOM   65   O  O   . ASN A 1 12  ? 10.658  -4.092  -15.980 1.00 13.06 ? 12  ASN A O   1 
ATOM   66   C  CB  . ASN A 1 12  ? 7.825   -4.109  -16.190 1.00 12.20 ? 12  ASN A CB  1 
ATOM   67   C  CG  A ASN A 1 12  ? 6.363   -4.500  -16.001 0.50 11.03 ? 12  ASN A CG  1 
ATOM   68   C  CG  B ASN A 1 12  ? 6.307   -4.108  -16.065 0.50 16.47 ? 12  ASN A CG  1 
ATOM   69   O  OD1 A ASN A 1 12  ? 6.058   -5.220  -15.060 0.50 8.29  ? 12  ASN A OD1 1 
ATOM   70   O  OD1 B ASN A 1 12  ? 5.757   -4.069  -14.970 0.50 20.52 ? 12  ASN A OD1 1 
ATOM   71   N  ND2 A ASN A 1 12  ? 5.468   -4.043  -16.861 0.50 13.26 ? 12  ASN A ND2 1 
ATOM   72   N  ND2 B ASN A 1 12  ? 5.606   -4.187  -17.195 0.50 19.03 ? 12  ASN A ND2 1 
ATOM   73   N  N   . GLU A 1 13  ? 10.637  -4.114  -13.749 1.00 11.54 ? 13  GLU A N   1 
ATOM   74   C  CA  . GLU A 1 13  ? 12.057  -4.315  -13.598 1.00 10.23 ? 13  GLU A CA  1 
ATOM   75   C  C   . GLU A 1 13  ? 12.335  -5.384  -12.553 1.00 14.93 ? 13  GLU A C   1 
ATOM   76   O  O   . GLU A 1 13  ? 11.485  -5.618  -11.681 1.00 12.11 ? 13  GLU A O   1 
ATOM   77   C  CB  . GLU A 1 13  ? 12.759  -3.011  -13.146 1.00 12.12 ? 13  GLU A CB  1 
ATOM   78   C  CG  A GLU A 1 13  ? 12.746  -1.985  -14.284 0.50 10.94 ? 13  GLU A CG  1 
ATOM   79   C  CG  B GLU A 1 13  ? 12.431  -1.786  -13.934 0.50 15.36 ? 13  GLU A CG  1 
ATOM   80   C  CD  A GLU A 1 13  ? 13.408  -0.675  -13.918 0.50 12.65 ? 13  GLU A CD  1 
ATOM   81   C  CD  B GLU A 1 13  ? 13.191  -1.677  -15.240 0.50 20.08 ? 13  GLU A CD  1 
ATOM   82   O  OE1 A GLU A 1 13  ? 14.608  -0.688  -13.586 0.50 18.32 ? 13  GLU A OE1 1 
ATOM   83   O  OE1 B GLU A 1 13  ? 14.212  -2.368  -15.403 0.50 21.10 ? 13  GLU A OE1 1 
ATOM   84   O  OE2 A GLU A 1 13  ? 12.769  0.371   -14.115 0.50 16.04 ? 13  GLU A OE2 1 
ATOM   85   O  OE2 B GLU A 1 13  ? 12.746  -0.873  -16.090 0.50 21.21 ? 13  GLU A OE2 1 
ATOM   86   N  N   . THR A 1 14  ? 13.498  -5.987  -12.633 1.00 13.75 ? 14  THR A N   1 
ATOM   87   C  CA  . THR A 1 14  ? 13.849  -7.020  -11.627 1.00 16.99 ? 14  THR A CA  1 
ATOM   88   C  C   . THR A 1 14  ? 14.101  -6.308  -10.306 1.00 12.28 ? 14  THR A C   1 
ATOM   89   O  O   . THR A 1 14  ? 14.807  -5.307  -10.227 1.00 14.48 ? 14  THR A O   1 
ATOM   90   C  CB  . THR A 1 14  ? 15.077  -7.812  -12.081 1.00 18.29 ? 14  THR A CB  1 
ATOM   91   O  OG1 A THR A 1 14  ? 15.754  -8.344  -10.931 0.50 19.72 ? 14  THR A OG1 1 
ATOM   92   O  OG1 B THR A 1 14  ? 14.913  -8.167  -13.486 0.50 17.58 ? 14  THR A OG1 1 
ATOM   93   C  CG2 A THR A 1 14  ? 16.027  -6.975  -12.889 0.50 18.91 ? 14  THR A CG2 1 
ATOM   94   C  CG2 B THR A 1 14  ? 15.197  -9.114  -11.304 0.50 16.97 ? 14  THR A CG2 1 
ATOM   95   N  N   . PRO A 1 15  ? 13.482  -6.811  -9.231  1.00 12.98 ? 15  PRO A N   1 
ATOM   96   C  CA  . PRO A 1 15  ? 13.639  -6.175  -7.939  1.00 13.38 ? 15  PRO A CA  1 
ATOM   97   C  C   . PRO A 1 15  ? 15.077  -6.274  -7.425  1.00 11.64 ? 15  PRO A C   1 
ATOM   98   O  O   . PRO A 1 15  ? 15.681  -7.340  -7.519  1.00 14.02 ? 15  PRO A O   1 
ATOM   99   C  CB  . PRO A 1 15  ? 12.670  -6.917  -7.043  1.00 14.03 ? 15  PRO A CB  1 
ATOM   100  C  CG  . PRO A 1 15  ? 12.094  -8.015  -7.806  1.00 14.76 ? 15  PRO A CG  1 
ATOM   101  C  CD  . PRO A 1 15  ? 12.596  -7.981  -9.208  1.00 14.00 ? 15  PRO A CD  1 
ATOM   102  N  N   . ALA A 1 16  ? 15.538  -5.195  -6.816  1.00 11.15 ? 16  ALA A N   1 
ATOM   103  C  CA  . ALA A 1 16  ? 16.845  -5.213  -6.131  1.00 12.22 ? 16  ALA A CA  1 
ATOM   104  C  C   . ALA A 1 16  ? 16.666  -5.707  -4.702  1.00 13.08 ? 16  ALA A C   1 
ATOM   105  O  O   . ALA A 1 16  ? 17.593  -6.141  -4.010  1.00 15.68 ? 16  ALA A O   1 
ATOM   106  C  CB  . ALA A 1 16  ? 17.459  -3.844  -6.143  1.00 11.57 ? 16  ALA A CB  1 
ATOM   107  N  N   . GLN A 1 17  ? 15.444  -5.523  -4.180  1.00 12.57 ? 17  GLN A N   1 
ATOM   108  C  CA  . GLN A 1 17  ? 15.097  -5.947  -2.859  1.00 11.61 ? 17  GLN A CA  1 
ATOM   109  C  C   . GLN A 1 17  ? 13.625  -6.422  -2.875  1.00 10.29 ? 17  GLN A C   1 
ATOM   110  O  O   . GLN A 1 17  ? 12.879  -6.008  -3.743  1.00 11.33 ? 17  GLN A O   1 
ATOM   111  C  CB  . GLN A 1 17  ? 15.182  -4.812  -1.829  1.00 12.56 ? 17  GLN A CB  1 
ATOM   112  C  CG  . GLN A 1 17  ? 16.598  -4.389  -1.501  1.00 19.23 ? 17  GLN A CG  1 
ATOM   113  C  CD  . GLN A 1 17  ? 16.706  -3.392  -0.388  1.00 21.30 ? 17  GLN A CD  1 
ATOM   114  O  OE1 . GLN A 1 17  ? 15.998  -3.411  0.628   1.00 18.87 ? 17  GLN A OE1 1 
ATOM   115  N  NE2 . GLN A 1 17  ? 17.649  -2.468  -0.551  1.00 23.65 ? 17  GLN A NE2 1 
ATOM   116  N  N   . THR A 1 18  ? 13.325  -7.325  -1.943  1.00 9.51  ? 18  THR A N   1 
ATOM   117  C  CA  . THR A 1 18  ? 11.884  -7.638  -1.761  1.00 10.71 ? 18  THR A CA  1 
ATOM   118  C  C   . THR A 1 18  ? 11.579  -7.464  -0.268  1.00 9.57  ? 18  THR A C   1 
ATOM   119  O  O   . THR A 1 18  ? 12.462  -7.568  0.585   1.00 9.44  ? 18  THR A O   1 
ATOM   120  C  CB  . THR A 1 18  ? 11.490  -9.050  -2.166  1.00 10.78 ? 18  THR A CB  1 
ATOM   121  O  OG1 . THR A 1 18  ? 12.110  -9.997  -1.262  1.00 10.33 ? 18  THR A OG1 1 
ATOM   122  C  CG2 . THR A 1 18  ? 11.991  -9.398  -3.573  1.00 13.44 ? 18  THR A CG2 1 
ATOM   123  N  N   . VAL A 1 19  ? 10.328  -7.114  0.001   1.00 8.99  ? 19  VAL A N   1 
ATOM   124  C  CA  . VAL A 1 19  ? 9.973   -6.945  1.445   1.00 9.89  ? 19  VAL A CA  1 
ATOM   125  C  C   . VAL A 1 19  ? 8.568   -7.526  1.663   1.00 8.91  ? 19  VAL A C   1 
ATOM   126  O  O   . VAL A 1 19  ? 7.699   -7.332  0.810   1.00 10.47 ? 19  VAL A O   1 
ATOM   127  C  CB  . VAL A 1 19  ? 10.016  -5.476  1.846   1.00 10.92 ? 19  VAL A CB  1 
ATOM   128  C  CG1 . VAL A 1 19  ? 9.131   -4.622  0.940   1.00 16.30 ? 19  VAL A CG1 1 
ATOM   129  C  CG2 . VAL A 1 19  ? 9.535   -5.287  3.299   1.00 12.31 ? 19  VAL A CG2 1 
ATOM   130  N  N   . GLU A 1 20  ? 8.390   -8.216  2.763   1.00 9.46  ? 20  GLU A N   1 
ATOM   131  C  CA  . GLU A 1 20  ? 7.087   -8.839  3.073   1.00 11.39 ? 20  GLU A CA  1 
ATOM   132  C  C   . GLU A 1 20  ? 6.295   -7.934  4.033   1.00 11.05 ? 20  GLU A C   1 
ATOM   133  O  O   . GLU A 1 20  ? 6.858   -7.484  5.021   1.00 12.46 ? 20  GLU A O   1 
ATOM   134  C  CB  . GLU A 1 20  ? 7.337   -10.135 3.880   1.00 14.70 ? 20  GLU A CB  1 
ATOM   135  C  CG  A GLU A 1 20  ? 7.457   -11.375 3.050   0.50 21.98 ? 20  GLU A CG  1 
ATOM   136  C  CG  B GLU A 1 20  ? 8.270   -11.123 3.198   0.50 14.32 ? 20  GLU A CG  1 
ATOM   137  C  CD  A GLU A 1 20  ? 6.241   -12.276 3.070   0.50 24.75 ? 20  GLU A CD  1 
ATOM   138  C  CD  B GLU A 1 20  ? 7.662   -11.639 1.912   0.50 14.44 ? 20  GLU A CD  1 
ATOM   139  O  OE1 A GLU A 1 20  ? 5.611   -12.474 4.128   0.50 26.17 ? 20  GLU A OE1 1 
ATOM   140  O  OE1 B GLU A 1 20  ? 6.414   -11.854 1.925   0.50 15.02 ? 20  GLU A OE1 1 
ATOM   141  O  OE2 A GLU A 1 20  ? 5.922   -12.831 1.991   0.50 24.95 ? 20  GLU A OE2 1 
ATOM   142  O  OE2 B GLU A 1 20  ? 8.356   -11.795 0.899   0.50 17.09 ? 20  GLU A OE2 1 
ATOM   143  N  N   . VAL A 1 21  ? 5.031   -7.726  3.716   1.00 9.27  ? 21  VAL A N   1 
ATOM   144  C  CA  . VAL A 1 21  ? 4.147   -7.058  4.718   1.00 9.93  ? 21  VAL A CA  1 
ATOM   145  C  C   . VAL A 1 21  ? 3.006   -8.035  4.994   1.00 10.99 ? 21  VAL A C   1 
ATOM   146  O  O   . VAL A 1 21  ? 2.533   -8.675  4.055   1.00 13.59 ? 21  VAL A O   1 
ATOM   147  C  CB  . VAL A 1 21  ? 3.613   -5.753  4.156   1.00 10.75 ? 21  VAL A CB  1 
ATOM   148  C  CG1 . VAL A 1 21  ? 2.474   -5.182  5.008   1.00 15.31 ? 21  VAL A CG1 1 
ATOM   149  C  CG2 . VAL A 1 21  ? 4.741   -4.736  4.037   1.00 14.24 ? 21  VAL A CG2 1 
ATOM   150  N  N   . ARG A 1 22  ? 2.562   -8.084  6.236   1.00 11.54 ? 22  ARG A N   1 
ATOM   151  C  CA  . ARG A 1 22  ? 1.438   -8.962  6.580   1.00 12.30 ? 22  ARG A CA  1 
ATOM   152  C  C   . ARG A 1 22  ? 0.357   -8.071  7.264   1.00 13.81 ? 22  ARG A C   1 
ATOM   153  O  O   . ARG A 1 22  ? 0.700   -7.067  7.872   1.00 11.24 ? 22  ARG A O   1 
ATOM   154  C  CB  . ARG A 1 22  ? 1.785   -10.081 7.547   1.00 14.13 ? 22  ARG A CB  1 
ATOM   155  C  CG  . ARG A 1 22  ? 3.007   -10.886 7.255   1.00 25.40 ? 22  ARG A CG  1 
ATOM   156  C  CD  . ARG A 1 22  ? 2.791   -12.252 6.678   1.00 36.29 ? 22  ARG A CD  1 
ATOM   157  N  NE  . ARG A 1 22  ? 4.078   -12.915 6.374   1.00 45.84 ? 22  ARG A NE  1 
ATOM   158  C  CZ  . ARG A 1 22  ? 4.411   -14.133 6.772   1.00 52.01 ? 22  ARG A CZ  1 
ATOM   159  N  NH1 . ARG A 1 22  ? 3.574   -14.871 7.494   1.00 52.04 ? 22  ARG A NH1 1 
ATOM   160  N  NH2 . ARG A 1 22  ? 5.608   -14.653 6.451   1.00 55.15 ? 22  ARG A NH2 1 
ATOM   161  N  N   . ALA A 1 23  ? -0.843  -8.626  7.241   1.00 15.13 ? 23  ALA A N   1 
ATOM   162  C  CA  . ALA A 1 23  ? -1.941  -7.970  7.995   1.00 17.35 ? 23  ALA A CA  1 
ATOM   163  C  C   . ALA A 1 23  ? -1.895  -8.433  9.433   1.00 15.96 ? 23  ALA A C   1 
ATOM   164  O  O   . ALA A 1 23  ? -1.375  -9.522  9.740   1.00 14.73 ? 23  ALA A O   1 
ATOM   165  C  CB  . ALA A 1 23  ? -3.263  -8.359  7.337   1.00 13.91 ? 23  ALA A CB  1 
ATOM   166  N  N   . ALA A 1 24  ? -2.358  -7.576  10.354  1.00 16.44 ? 24  ALA A N   1 
ATOM   167  C  CA  . ALA A 1 24  ? -2.585  -8.130  11.732  1.00 16.05 ? 24  ALA A CA  1 
ATOM   168  C  C   . ALA A 1 24  ? -3.721  -9.165  11.578  1.00 14.99 ? 24  ALA A C   1 
ATOM   169  O  O   . ALA A 1 24  ? -4.611  -8.957  10.757  1.00 17.34 ? 24  ALA A O   1 
ATOM   170  C  CB  . ALA A 1 24  ? -3.037  -7.007  12.641  1.00 18.04 ? 24  ALA A CB  1 
ATOM   171  N  N   . PRO A 1 25  ? -3.642  -10.248 12.308  1.00 20.92 ? 25  PRO A N   1 
ATOM   172  C  CA  . PRO A 1 25  ? -4.624  -11.325 12.175  1.00 22.94 ? 25  PRO A CA  1 
ATOM   173  C  C   . PRO A 1 25  ? -5.955  -10.960 12.805  1.00 23.50 ? 25  PRO A C   1 
ATOM   174  O  O   . PRO A 1 25  ? -6.996  -11.389 12.288  1.00 23.81 ? 25  PRO A O   1 
ATOM   175  C  CB  . PRO A 1 25  ? -3.966  -12.497 12.858  1.00 23.68 ? 25  PRO A CB  1 
ATOM   176  C  CG  . PRO A 1 25  ? -3.095  -11.894 13.901  1.00 24.68 ? 25  PRO A CG  1 
ATOM   177  C  CD  . PRO A 1 25  ? -2.598  -10.574 13.296  1.00 20.53 ? 25  PRO A CD  1 
ATOM   178  N  N   . ASP A 1 26  ? -5.939  -10.124 13.829  1.00 24.01 ? 26  ASP A N   1 
ATOM   179  C  CA  . ASP A 1 26  ? -7.158  -9.814  14.588  1.00 24.04 ? 26  ASP A CA  1 
ATOM   180  C  C   . ASP A 1 26  ? -7.434  -8.335  14.707  1.00 24.28 ? 26  ASP A C   1 
ATOM   181  O  O   . ASP A 1 26  ? -8.254  -7.897  15.550  1.00 22.93 ? 26  ASP A O   1 
ATOM   182  C  CB  . ASP A 1 26  ? -7.023  -10.440 16.001  1.00 28.31 ? 26  ASP A CB  1 
ATOM   183  C  CG  . ASP A 1 26  ? -7.039  -11.971 15.901  1.00 32.07 ? 26  ASP A CG  1 
ATOM   184  O  OD1 . ASP A 1 26  ? -7.995  -12.483 15.274  1.00 33.48 ? 26  ASP A OD1 1 
ATOM   185  O  OD2 . ASP A 1 26  ? -6.049  -12.599 16.297  1.00 35.55 ? 26  ASP A OD2 1 
ATOM   186  N  N   . ALA A 1 27  ? -6.839  -7.502  13.861  1.00 18.29 ? 27  ALA A N   1 
ATOM   187  C  CA  . ALA A 1 27  ? -7.059  -6.060  13.917  1.00 16.89 ? 27  ALA A CA  1 
ATOM   188  C  C   . ALA A 1 27  ? -7.044  -5.448  12.548  1.00 17.87 ? 27  ALA A C   1 
ATOM   189  O  O   . ALA A 1 27  ? -6.411  -6.021  11.624  1.00 18.64 ? 27  ALA A O   1 
ATOM   190  C  CB  . ALA A 1 27  ? -5.990  -5.390  14.805  1.00 17.27 ? 27  ALA A CB  1 
ATOM   191  N  N   . LEU A 1 28  ? -7.577  -4.261  12.362  1.00 15.96 ? 28  LEU A N   1 
ATOM   192  C  CA  . LEU A 1 28  ? -7.455  -3.499  11.139  1.00 16.63 ? 28  LEU A CA  1 
ATOM   193  C  C   . LEU A 1 28  ? -6.145  -2.703  11.138  1.00 16.44 ? 28  LEU A C   1 
ATOM   194  O  O   . LEU A 1 28  ? -6.062  -1.516  11.382  1.00 16.14 ? 28  LEU A O   1 
ATOM   195  C  CB  . LEU A 1 28  ? -8.665  -2.577  10.962  1.00 16.48 ? 28  LEU A CB  1 
ATOM   196  C  CG  . LEU A 1 28  ? -10.028 -3.315  11.072  1.00 20.34 ? 28  LEU A CG  1 
ATOM   197  C  CD1 . LEU A 1 28  ? -11.146 -2.298  10.869  1.00 21.26 ? 28  LEU A CD1 1 
ATOM   198  C  CD2 . LEU A 1 28  ? -10.128 -4.422  10.050  1.00 19.26 ? 28  LEU A CD2 1 
ATOM   199  N  N   . ALA A 1 29  ? -5.056  -3.472  10.904  1.00 15.81 ? 29  ALA A N   1 
ATOM   200  C  CA  . ALA A 1 29  ? -3.721  -2.863  10.967  1.00 14.09 ? 29  ALA A CA  1 
ATOM   201  C  C   . ALA A 1 29  ? -2.759  -3.747  10.142  1.00 16.12 ? 29  ALA A C   1 
ATOM   202  O  O   . ALA A 1 29  ? -3.015  -4.923  9.943   1.00 15.37 ? 29  ALA A O   1 
ATOM   203  C  CB  . ALA A 1 29  ? -3.226  -2.853  12.400  1.00 14.29 ? 29  ALA A CB  1 
ATOM   204  N  N   . PHE A 1 30  ? -1.648  -3.110  9.777   1.00 14.88 ? 30  PHE A N   1 
ATOM   205  C  CA  . PHE A 1 30  ? -0.542  -3.926  9.234   1.00 11.97 ? 30  PHE A CA  1 
ATOM   206  C  C   . PHE A 1 30  ? 0.206   -4.502  10.432  1.00 13.18 ? 30  PHE A C   1 
ATOM   207  O  O   . PHE A 1 30  ? 0.352   -3.830  11.459  1.00 15.36 ? 30  PHE A O   1 
ATOM   208  C  CB  . PHE A 1 30  ? 0.390   -3.006  8.436   1.00 10.01 ? 30  PHE A CB  1 
ATOM   209  C  CG  . PHE A 1 30  ? -0.216  -2.459  7.191   1.00 7.17  ? 30  PHE A CG  1 
ATOM   210  C  CD1 . PHE A 1 30  ? -0.458  -3.274  6.080   1.00 7.47  ? 30  PHE A CD1 1 
ATOM   211  C  CD2 . PHE A 1 30  ? -0.602  -1.124  7.104   1.00 8.55  ? 30  PHE A CD2 1 
ATOM   212  C  CE1 . PHE A 1 30  ? -1.060  -2.776  4.965   1.00 10.43 ? 30  PHE A CE1 1 
ATOM   213  C  CE2 . PHE A 1 30  ? -1.218  -0.623  5.988   1.00 9.76  ? 30  PHE A CE2 1 
ATOM   214  C  CZ  . PHE A 1 30  ? -1.435  -1.444  4.870   1.00 9.86  ? 30  PHE A CZ  1 
ATOM   215  N  N   . ALA A 1 31  ? 0.856   -5.662  10.236  1.00 12.66 ? 31  ALA A N   1 
ATOM   216  C  CA  . ALA A 1 31  ? 1.711   -6.202  11.289  1.00 15.47 ? 31  ALA A CA  1 
ATOM   217  C  C   . ALA A 1 31  ? 2.980   -5.362  11.415  1.00 14.68 ? 31  ALA A C   1 
ATOM   218  O  O   . ALA A 1 31  ? 3.521   -5.180  12.488  1.00 18.60 ? 31  ALA A O   1 
ATOM   219  C  CB  . ALA A 1 31  ? 2.042   -7.662  11.030  1.00 17.06 ? 31  ALA A CB  1 
ATOM   220  N  N   . GLN A 1 32  ? 3.420   -4.817  10.274  1.00 17.38 ? 32  GLN A N   1 
ATOM   221  C  CA  . GLN A 1 32  ? 4.582   -3.917  10.248  1.00 17.76 ? 32  GLN A CA  1 
ATOM   222  C  C   . GLN A 1 32  ? 4.079   -2.463  10.159  1.00 14.24 ? 32  GLN A C   1 
ATOM   223  O  O   . GLN A 1 32  ? 3.543   -2.085  9.118   1.00 14.67 ? 32  GLN A O   1 
ATOM   224  C  CB  . GLN A 1 32  ? 5.396   -4.200  8.948   1.00 17.86 ? 32  GLN A CB  1 
ATOM   225  C  CG  . GLN A 1 32  ? 6.068   -5.547  8.924   1.00 26.24 ? 32  GLN A CG  1 
ATOM   226  C  CD  . GLN A 1 32  ? 5.145   -6.705  8.584   1.00 25.85 ? 32  GLN A CD  1 
ATOM   227  O  OE1 . GLN A 1 32  ? 4.076   -6.530  8.028   1.00 19.84 ? 32  GLN A OE1 1 
ATOM   228  N  NE2 . GLN A 1 32  ? 5.550   -7.919  8.946   1.00 30.44 ? 32  GLN A NE2 1 
ATOM   229  N  N   . THR A 1 33  ? 4.383   -1.655  11.164  1.00 14.64 ? 33  THR A N   1 
ATOM   230  C  CA  . THR A 1 33  ? 3.946   -0.252  11.111  1.00 14.81 ? 33  THR A CA  1 
ATOM   231  C  C   . THR A 1 33  ? 5.083   0.679   10.728  1.00 13.49 ? 33  THR A C   1 
ATOM   232  O  O   . THR A 1 33  ? 4.884   1.875   10.552  1.00 11.76 ? 33  THR A O   1 
ATOM   233  C  CB  . THR A 1 33  ? 3.371   0.198   12.466  1.00 18.02 ? 33  THR A CB  1 
ATOM   234  O  OG1 . THR A 1 33  ? 4.374   0.020   13.467  1.00 20.30 ? 33  THR A OG1 1 
ATOM   235  C  CG2 . THR A 1 33  ? 2.144   -0.660  12.801  1.00 19.99 ? 33  THR A CG2 1 
ATOM   236  N  N   . SER A 1 34  ? 6.268   0.074   10.487  1.00 12.53 ? 34  SER A N   1 
ATOM   237  C  CA  . SER A 1 34  ? 7.351   0.842   9.880   1.00 13.07 ? 34  SER A CA  1 
ATOM   238  C  C   . SER A 1 34  ? 8.103   -0.022  8.854   1.00 12.29 ? 34  SER A C   1 
ATOM   239  O  O   . SER A 1 34  ? 8.266   -1.205  8.972   1.00 13.64 ? 34  SER A O   1 
ATOM   240  C  CB  . SER A 1 34  ? 8.295   1.433   10.893  1.00 17.06 ? 34  SER A CB  1 
ATOM   241  O  OG  . SER A 1 34  ? 9.268   0.535   11.317  1.00 20.61 ? 34  SER A OG  1 
ATOM   242  N  N   . LEU A 1 35  ? 8.506   0.667   7.768   1.00 10.80 ? 35  LEU A N   1 
ATOM   243  C  CA  . LEU A 1 35  ? 9.338   0.012   6.758   1.00 10.14 ? 35  LEU A CA  1 
ATOM   244  C  C   . LEU A 1 35  ? 10.507  0.994   6.454   1.00 10.58 ? 35  LEU A C   1 
ATOM   245  O  O   . LEU A 1 35  ? 10.325  2.175   6.647   1.00 9.74  ? 35  LEU A O   1 
ATOM   246  C  CB  . LEU A 1 35  ? 8.549   -0.189  5.458   1.00 9.04  ? 35  LEU A CB  1 
ATOM   247  C  CG  . LEU A 1 35  ? 7.465   -1.285  5.517   1.00 13.35 ? 35  LEU A CG  1 
ATOM   248  C  CD1 . LEU A 1 35  ? 6.658   -1.315  4.244   1.00 13.08 ? 35  LEU A CD1 1 
ATOM   249  C  CD2 . LEU A 1 35  ? 8.081   -2.650  5.806   1.00 12.79 ? 35  LEU A CD2 1 
ATOM   250  N  N   . SER A 1 36  ? 11.571  0.389   5.933   1.00 10.81 ? 36  SER A N   1 
ATOM   251  C  CA  . SER A 1 36  ? 12.737  1.239   5.556   1.00 11.61 ? 36  SER A CA  1 
ATOM   252  C  C   . SER A 1 36  ? 13.272  0.712   4.220   1.00 10.85 ? 36  SER A C   1 
ATOM   253  O  O   . SER A 1 36  ? 13.500  -0.497  4.138   1.00 13.35 ? 36  SER A O   1 
ATOM   254  C  CB  . SER A 1 36  ? 13.808  0.950   6.648   1.00 15.44 ? 36  SER A CB  1 
ATOM   255  O  OG  . SER A 1 36  ? 14.906  1.775   6.544   1.00 21.76 ? 36  SER A OG  1 
ATOM   256  N  N   . LEU A 1 37  ? 13.516  1.563   3.259   1.00 11.35 ? 37  LEU A N   1 
ATOM   257  C  CA  . LEU A 1 37  ? 14.113  1.082   1.974   1.00 10.78 ? 37  LEU A CA  1 
ATOM   258  C  C   . LEU A 1 37  ? 15.029  2.210   1.481   1.00 11.45 ? 37  LEU A C   1 
ATOM   259  O  O   . LEU A 1 37  ? 14.765  3.379   1.684   1.00 12.31 ? 37  LEU A O   1 
ATOM   260  C  CB  . LEU A 1 37  ? 12.985  0.882   0.963   1.00 10.58 ? 37  LEU A CB  1 
ATOM   261  C  CG  . LEU A 1 37  ? 11.946  -0.220  1.229   1.00 10.16 ? 37  LEU A CG  1 
ATOM   262  C  CD1 . LEU A 1 37  ? 10.777  -0.037  0.275   1.00 9.41  ? 37  LEU A CD1 1 
ATOM   263  C  CD2 . LEU A 1 37  ? 12.630  -1.586  1.025   1.00 11.94 ? 37  LEU A CD2 1 
ATOM   264  N  N   . PRO A 1 38  ? 16.014  1.830   0.652   1.00 9.70  ? 38  PRO A N   1 
ATOM   265  C  CA  . PRO A 1 38  ? 16.853  2.857   0.020   1.00 11.94 ? 38  PRO A CA  1 
ATOM   266  C  C   . PRO A 1 38  ? 16.092  3.567   -1.072  1.00 12.11 ? 38  PRO A C   1 
ATOM   267  O  O   . PRO A 1 38  ? 15.195  2.961   -1.672  1.00 12.06 ? 38  PRO A O   1 
ATOM   268  C  CB  . PRO A 1 38  ? 18.011  2.039   -0.536  1.00 10.41 ? 38  PRO A CB  1 
ATOM   269  C  CG  . PRO A 1 38  ? 17.439  0.683   -0.799  1.00 12.57 ? 38  PRO A CG  1 
ATOM   270  C  CD  . PRO A 1 38  ? 16.388  0.479   0.311   1.00 10.30 ? 38  PRO A CD  1 
ATOM   271  N  N   . ALA A 1 39  ? 16.487  4.786   -1.393  1.00 10.72 ? 39  ALA A N   1 
ATOM   272  C  CA  . ALA A 1 39  ? 15.880  5.579   -2.438  1.00 11.21 ? 39  ALA A CA  1 
ATOM   273  C  C   . ALA A 1 39  ? 16.231  5.051   -3.837  1.00 12.48 ? 39  ALA A C   1 
ATOM   274  O  O   . ALA A 1 39  ? 17.249  4.402   -4.007  1.00 13.67 ? 39  ALA A O   1 
ATOM   275  C  CB  . ALA A 1 39  ? 16.343  7.044   -2.350  1.00 10.46 ? 39  ALA A CB  1 
ATOM   276  N  N   . ASN A 1 40  ? 15.355  5.339   -4.760  1.00 11.86 ? 40  ASN A N   1 
ATOM   277  C  CA  . ASN A 1 40  ? 15.579  5.092   -6.188  1.00 12.78 ? 40  ASN A CA  1 
ATOM   278  C  C   . ASN A 1 40  ? 16.022  3.683   -6.457  1.00 13.05 ? 40  ASN A C   1 
ATOM   279  O  O   . ASN A 1 40  ? 16.906  3.376   -7.279  1.00 14.90 ? 40  ASN A O   1 
ATOM   280  C  CB  . ASN A 1 40  ? 16.633  6.111   -6.714  1.00 17.94 ? 40  ASN A CB  1 
ATOM   281  C  CG  . ASN A 1 40  ? 16.731  6.055   -8.235  1.00 26.92 ? 40  ASN A CG  1 
ATOM   282  O  OD1 . ASN A 1 40  ? 15.715  5.955   -8.930  1.00 32.24 ? 40  ASN A OD1 1 
ATOM   283  N  ND2 . ASN A 1 40  ? 17.946  6.099   -8.768  1.00 30.82 ? 40  ASN A ND2 1 
ATOM   284  N  N   . THR A 1 41  ? 15.359  2.707   -5.823  1.00 11.53 ? 41  THR A N   1 
ATOM   285  C  CA  . THR A 1 41  ? 15.646  1.312   -5.913  1.00 11.98 ? 41  THR A CA  1 
ATOM   286  C  C   . THR A 1 41  ? 14.378  0.521   -6.268  1.00 11.77 ? 41  THR A C   1 
ATOM   287  O  O   . THR A 1 41  ? 13.290  0.908   -5.822  1.00 12.03 ? 41  THR A O   1 
ATOM   288  C  CB  . THR A 1 41  ? 16.111  0.770   -4.507  1.00 12.42 ? 41  THR A CB  1 
ATOM   289  O  OG1 . THR A 1 41  ? 17.317  1.517   -4.177  1.00 13.49 ? 41  THR A OG1 1 
ATOM   290  C  CG2 . THR A 1 41  ? 16.424  -0.690  -4.598  1.00 14.31 ? 41  THR A CG2 1 
ATOM   291  N  N   . VAL A 1 42  ? 14.506  -0.473  -7.115  1.00 9.80  ? 42  VAL A N   1 
ATOM   292  C  CA  . VAL A 1 42  ? 13.332  -1.307  -7.462  1.00 9.44  ? 42  VAL A CA  1 
ATOM   293  C  C   . VAL A 1 42  ? 13.102  -2.324  -6.357  1.00 9.77  ? 42  VAL A C   1 
ATOM   294  O  O   . VAL A 1 42  ? 13.980  -3.114  -5.997  1.00 10.48 ? 42  VAL A O   1 
ATOM   295  C  CB  . VAL A 1 42  ? 13.506  -2.050  -8.789  1.00 10.54 ? 42  VAL A CB  1 
ATOM   296  C  CG1 . VAL A 1 42  ? 12.259  -2.853  -9.157  1.00 12.76 ? 42  VAL A CG1 1 
ATOM   297  C  CG2 . VAL A 1 42  ? 13.815  -1.022  -9.899  1.00 14.10 ? 42  VAL A CG2 1 
ATOM   298  N  N   . VAL A 1 43  ? 11.872  -2.283  -5.823  1.00 10.11 ? 43  VAL A N   1 
ATOM   299  C  CA  . VAL A 1 43  ? 11.526  -3.206  -4.723  1.00 6.73  ? 43  VAL A CA  1 
ATOM   300  C  C   . VAL A 1 43  ? 10.245  -3.941  -5.064  1.00 7.22  ? 43  VAL A C   1 
ATOM   301  O  O   . VAL A 1 43  ? 9.333   -3.330  -5.633  1.00 7.92  ? 43  VAL A O   1 
ATOM   302  C  CB  . VAL A 1 43  ? 11.277  -2.425  -3.397  1.00 8.17  ? 43  VAL A CB  1 
ATOM   303  C  CG1 A VAL A 1 43  ? 10.756  -3.325  -2.318  0.50 11.41 ? 43  VAL A CG1 1 
ATOM   304  C  CG1 B VAL A 1 43  ? 10.377  -1.236  -3.611  0.50 10.35 ? 43  VAL A CG1 1 
ATOM   305  C  CG2 A VAL A 1 43  ? 12.561  -1.702  -2.993  0.50 2.92  ? 43  VAL A CG2 1 
ATOM   306  C  CG2 B VAL A 1 43  ? 10.672  -3.373  -2.361  0.50 12.37 ? 43  VAL A CG2 1 
ATOM   307  N  N   . ARG A 1 44  ? 10.195  -5.235  -4.792  1.00 8.42  ? 44  ARG A N   1 
ATOM   308  C  CA  . ARG A 1 44  ? 8.926   -5.949  -4.807  1.00 9.38  ? 44  ARG A CA  1 
ATOM   309  C  C   . ARG A 1 44  ? 8.398   -6.080  -3.380  1.00 6.43  ? 44  ARG A C   1 
ATOM   310  O  O   . ARG A 1 44  ? 9.020   -6.660  -2.513  1.00 7.93  ? 44  ARG A O   1 
ATOM   311  C  CB  . ARG A 1 44  ? 9.016   -7.334  -5.453  1.00 8.43  ? 44  ARG A CB  1 
ATOM   312  C  CG  . ARG A 1 44  ? 7.531   -7.885  -5.640  1.00 8.98  ? 44  ARG A CG  1 
ATOM   313  C  CD  . ARG A 1 44  ? 7.624   -9.311  -6.173  1.00 10.18 ? 44  ARG A CD  1 
ATOM   314  N  NE  . ARG A 1 44  ? 8.123   -10.235 -5.182  1.00 12.87 ? 44  ARG A NE  1 
ATOM   315  C  CZ  . ARG A 1 44  ? 9.065   -11.108 -5.184  1.00 13.21 ? 44  ARG A CZ  1 
ATOM   316  N  NH1 . ARG A 1 44  ? 9.795   -11.315 -6.326  1.00 14.60 ? 44  ARG A NH1 1 
ATOM   317  N  NH2 . ARG A 1 44  ? 9.396   -11.826 -4.115  1.00 15.51 ? 44  ARG A NH2 1 
ATOM   318  N  N   . LEU A 1 45  ? 7.175   -5.507  -3.189  1.00 9.34  ? 45  LEU A N   1 
ATOM   319  C  CA  . LEU A 1 45  ? 6.543   -5.628  -1.878  1.00 10.09 ? 45  LEU A CA  1 
ATOM   320  C  C   . LEU A 1 45  ? 5.477   -6.740  -1.963  1.00 6.94  ? 45  LEU A C   1 
ATOM   321  O  O   . LEU A 1 45  ? 4.677   -6.742  -2.906  1.00 9.95  ? 45  LEU A O   1 
ATOM   322  C  CB  . LEU A 1 45  ? 5.833   -4.296  -1.559  1.00 10.03 ? 45  LEU A CB  1 
ATOM   323  C  CG  A LEU A 1 45  ? 5.186   -4.194  -0.170  0.50 11.39 ? 45  LEU A CG  1 
ATOM   324  C  CG  B LEU A 1 45  ? 5.231   -4.370  -0.104  0.50 12.35 ? 45  LEU A CG  1 
ATOM   325  C  CD1 A LEU A 1 45  ? 5.009   -2.755  0.244   0.50 11.89 ? 45  LEU A CD1 1 
ATOM   326  C  CD1 B LEU A 1 45  ? 5.965   -3.453  0.793   0.50 6.65  ? 45  LEU A CD1 1 
ATOM   327  C  CD2 A LEU A 1 45  ? 3.833   -4.921  -0.161  0.50 7.28  ? 45  LEU A CD2 1 
ATOM   328  C  CD2 B LEU A 1 45  ? 3.740   -4.230  -0.161  0.50 12.93 ? 45  LEU A CD2 1 
ATOM   329  N  N   . ASP A 1 46  ? 5.639   -7.725  -1.127  1.00 6.45  ? 46  ASP A N   1 
ATOM   330  C  CA  . ASP A 1 46  ? 4.698   -8.862  -1.094  1.00 8.75  ? 46  ASP A CA  1 
ATOM   331  C  C   . ASP A 1 46  ? 3.750   -8.646  0.118   1.00 9.85  ? 46  ASP A C   1 
ATOM   332  O  O   . ASP A 1 46  ? 4.231   -8.730  1.237   1.00 11.14 ? 46  ASP A O   1 
ATOM   333  C  CB  . ASP A 1 46  ? 5.453   -10.169 -0.939  1.00 12.72 ? 46  ASP A CB  1 
ATOM   334  C  CG  . ASP A 1 46  ? 6.432   -10.417 -2.115  1.00 12.61 ? 46  ASP A CG  1 
ATOM   335  O  OD1 . ASP A 1 46  ? 6.088   -9.964  -3.201  1.00 11.27 ? 46  ASP A OD1 1 
ATOM   336  O  OD2 . ASP A 1 46  ? 7.394   -11.175 -1.890  1.00 14.84 ? 46  ASP A OD2 1 
ATOM   337  N  N   . PHE A 1 47  ? 2.476   -8.420  -0.175  1.00 10.01 ? 47  PHE A N   1 
ATOM   338  C  CA  . PHE A 1 47  ? 1.511   -8.254  0.959   1.00 11.19 ? 47  PHE A CA  1 
ATOM   339  C  C   . PHE A 1 47  ? 0.683   -9.542  1.090   1.00 9.78  ? 47  PHE A C   1 
ATOM   340  O  O   . PHE A 1 47  ? 0.044   -9.990  0.136   1.00 9.45  ? 47  PHE A O   1 
ATOM   341  C  CB  . PHE A 1 47  ? 0.585   -7.093  0.591   1.00 9.44  ? 47  PHE A CB  1 
ATOM   342  C  CG  . PHE A 1 47  ? -0.440  -6.761  1.665   1.00 12.30 ? 47  PHE A CG  1 
ATOM   343  C  CD1 . PHE A 1 47  ? -0.102  -6.930  2.983   1.00 15.67 ? 47  PHE A CD1 1 
ATOM   344  C  CD2 . PHE A 1 47  ? -1.687  -6.328  1.308   1.00 14.30 ? 47  PHE A CD2 1 
ATOM   345  C  CE1 . PHE A 1 47  ? -1.051  -6.690  3.996   1.00 20.25 ? 47  PHE A CE1 1 
ATOM   346  C  CE2 . PHE A 1 47  ? -2.617  -6.056  2.317   1.00 14.56 ? 47  PHE A CE2 1 
ATOM   347  C  CZ  . PHE A 1 47  ? -2.287  -6.208  3.633   1.00 13.68 ? 47  PHE A CZ  1 
ATOM   348  N  N   . VAL A 1 48  ? 0.896   -10.217 2.212   1.00 11.66 ? 48  VAL A N   1 
ATOM   349  C  CA  . VAL A 1 48  ? 0.152   -11.450 2.508   1.00 14.60 ? 48  VAL A CA  1 
ATOM   350  C  C   . VAL A 1 48  ? -0.982  -11.123 3.500   1.00 14.33 ? 48  VAL A C   1 
ATOM   351  O  O   . VAL A 1 48  ? -0.735  -10.600 4.576   1.00 16.85 ? 48  VAL A O   1 
ATOM   352  C  CB  . VAL A 1 48  ? 1.104   -12.464 3.184   1.00 15.65 ? 48  VAL A CB  1 
ATOM   353  C  CG1 . VAL A 1 48  ? 0.387   -13.786 3.395   1.00 19.29 ? 48  VAL A CG1 1 
ATOM   354  C  CG2 . VAL A 1 48  ? 2.344   -12.666 2.283   1.00 19.69 ? 48  VAL A CG2 1 
ATOM   355  N  N   . ASN A 1 49  ? -2.215  -11.212 2.997   1.00 12.35 ? 49  ASN A N   1 
ATOM   356  C  CA  . ASN A 1 49  ? -3.383  -10.896 3.833   1.00 13.22 ? 49  ASN A CA  1 
ATOM   357  C  C   . ASN A 1 49  ? -3.943  -12.159 4.497   1.00 14.11 ? 49  ASN A C   1 
ATOM   358  O  O   . ASN A 1 49  ? -4.909  -12.719 3.940   1.00 18.53 ? 49  ASN A O   1 
ATOM   359  C  CB  . ASN A 1 49  ? -4.471  -10.218 3.012   1.00 11.43 ? 49  ASN A CB  1 
ATOM   360  C  CG  . ASN A 1 49  ? -5.679  -9.801  3.959   1.00 11.61 ? 49  ASN A CG  1 
ATOM   361  O  OD1 . ASN A 1 49  ? -5.470  -9.833  5.125   1.00 15.52 ? 49  ASN A OD1 1 
ATOM   362  N  ND2 . ASN A 1 49  ? -6.752  -9.477  3.310   1.00 14.39 ? 49  ASN A ND2 1 
ATOM   363  N  N   . GLN A 1 50  ? -3.371  -12.613 5.580   1.00 13.75 ? 50  GLN A N   1 
ATOM   364  C  CA  . GLN A 1 50  ? -3.976  -13.711 6.363   1.00 16.65 ? 50  GLN A CA  1 
ATOM   365  C  C   . GLN A 1 50  ? -4.508  -13.097 7.678   1.00 16.70 ? 50  GLN A C   1 
ATOM   366  O  O   . GLN A 1 50  ? -3.786  -12.454 8.410   1.00 16.19 ? 50  GLN A O   1 
ATOM   367  C  CB  . GLN A 1 50  ? -2.929  -14.761 6.695   1.00 22.92 ? 50  GLN A CB  1 
ATOM   368  C  CG  . GLN A 1 50  ? -2.582  -15.630 5.472   1.00 30.40 ? 50  GLN A CG  1 
ATOM   369  C  CD  . GLN A 1 50  ? -1.379  -16.507 5.754   1.00 38.08 ? 50  GLN A CD  1 
ATOM   370  O  OE1 . GLN A 1 50  ? -1.016  -16.743 6.911   1.00 44.65 ? 50  GLN A OE1 1 
ATOM   371  N  NE2 . GLN A 1 50  ? -0.749  -16.986 4.685   1.00 41.69 ? 50  GLN A NE2 1 
ATOM   372  N  N   . ASN A 1 51  ? -5.835  -13.249 7.857   1.00 17.30 ? 51  ASN A N   1 
ATOM   373  C  CA  . ASN A 1 51  ? -6.432  -12.621 9.056   1.00 19.33 ? 51  ASN A CA  1 
ATOM   374  C  C   . ASN A 1 51  ? -7.643  -13.458 9.498   1.00 20.78 ? 51  ASN A C   1 
ATOM   375  O  O   . ASN A 1 51  ? -8.199  -14.182 8.689   1.00 20.42 ? 51  ASN A O   1 
ATOM   376  C  CB  . ASN A 1 51  ? -6.810  -11.185 8.809   1.00 19.14 ? 51  ASN A CB  1 
ATOM   377  C  CG  . ASN A 1 51  ? -7.961  -10.920 7.908   1.00 20.74 ? 51  ASN A CG  1 
ATOM   378  O  OD1 . ASN A 1 51  ? -9.153  -11.107 8.277   1.00 19.93 ? 51  ASN A OD1 1 
ATOM   379  N  ND2 . ASN A 1 51  ? -7.747  -10.448 6.691   1.00 14.30 ? 51  ASN A ND2 1 
ATOM   380  N  N   . ASN A 1 52  ? -7.978  -13.310 10.760  1.00 20.99 ? 52  ASN A N   1 
ATOM   381  C  CA  . ASN A 1 52  ? -9.104  -14.061 11.340  1.00 21.85 ? 52  ASN A CA  1 
ATOM   382  C  C   . ASN A 1 52  ? -10.425 -13.350 11.225  1.00 24.13 ? 52  ASN A C   1 
ATOM   383  O  O   . ASN A 1 52  ? -11.446 -13.879 11.745  1.00 25.37 ? 52  ASN A O   1 
ATOM   384  C  CB  . ASN A 1 52  ? -8.752  -14.309 12.829  1.00 22.74 ? 52  ASN A CB  1 
ATOM   385  C  CG  . ASN A 1 52  ? -7.495  -15.148 12.948  1.00 23.98 ? 52  ASN A CG  1 
ATOM   386  O  OD1 . ASN A 1 52  ? -7.333  -16.080 12.136  1.00 26.49 ? 52  ASN A OD1 1 
ATOM   387  N  ND2 . ASN A 1 52  ? -6.659  -14.873 13.925  1.00 24.47 ? 52  ASN A ND2 1 
ATOM   388  N  N   . LEU A 1 53  ? -10.532 -12.229 10.538  1.00 21.38 ? 53  LEU A N   1 
ATOM   389  C  CA  . LEU A 1 53  ? -11.767 -11.462 10.446  1.00 20.85 ? 53  LEU A CA  1 
ATOM   390  C  C   . LEU A 1 53  ? -12.532 -11.717 9.186   1.00 21.49 ? 53  LEU A C   1 
ATOM   391  O  O   . LEU A 1 53  ? -13.609 -11.145 8.920   1.00 21.02 ? 53  LEU A O   1 
ATOM   392  C  CB  . LEU A 1 53  ? -11.415 -9.937  10.527  1.00 18.64 ? 53  LEU A CB  1 
ATOM   393  C  CG  . LEU A 1 53  ? -10.624 -9.535  11.755  1.00 17.31 ? 53  LEU A CG  1 
ATOM   394  C  CD1 . LEU A 1 53  ? -10.208 -8.064  11.694  1.00 19.74 ? 53  LEU A CD1 1 
ATOM   395  C  CD2 . LEU A 1 53  ? -11.440 -9.786  13.028  1.00 22.04 ? 53  LEU A CD2 1 
ATOM   396  N  N   . GLY A 1 54  ? -11.872 -12.352 8.179   1.00 20.04 ? 54  GLY A N   1 
ATOM   397  C  CA  . GLY A 1 54  ? -12.497 -12.501 6.873   1.00 17.98 ? 54  GLY A CA  1 
ATOM   398  C  C   . GLY A 1 54  ? -12.501 -11.208 6.083   1.00 14.17 ? 54  GLY A C   1 
ATOM   399  O  O   . GLY A 1 54  ? -13.242 -11.002 5.131   1.00 17.39 ? 54  GLY A O   1 
ATOM   400  N  N   . VAL A 1 55  ? -11.550 -10.297 6.451   1.00 14.90 ? 55  VAL A N   1 
ATOM   401  C  CA  . VAL A 1 55  ? -11.588 -8.958  5.896   1.00 14.96 ? 55  VAL A CA  1 
ATOM   402  C  C   . VAL A 1 55  ? -10.549 -8.686  4.809   1.00 15.20 ? 55  VAL A C   1 
ATOM   403  O  O   . VAL A 1 55  ? -9.486  -9.307  4.774   1.00 16.38 ? 55  VAL A O   1 
ATOM   404  C  CB  . VAL A 1 55  ? -11.504 -7.887  7.009   1.00 17.95 ? 55  VAL A CB  1 
ATOM   405  C  CG1 . VAL A 1 55  ? -10.069 -7.716  7.492   1.00 16.98 ? 55  VAL A CG1 1 
ATOM   406  C  CG2 . VAL A 1 55  ? -12.113 -6.581  6.529   1.00 16.92 ? 55  VAL A CG2 1 
ATOM   407  N  N   . GLN A 1 56  ? -10.902 -7.855  3.878   1.00 15.06 ? 56  GLN A N   1 
ATOM   408  C  CA  . GLN A 1 56  ? -10.062 -7.401  2.788   1.00 14.40 ? 56  GLN A CA  1 
ATOM   409  C  C   . GLN A 1 56  ? -9.089  -6.302  3.192   1.00 16.60 ? 56  GLN A C   1 
ATOM   410  O  O   . GLN A 1 56  ? -9.394  -5.470  4.022   1.00 16.35 ? 56  GLN A O   1 
ATOM   411  C  CB  . GLN A 1 56  ? -10.939 -6.863  1.658   1.00 12.72 ? 56  GLN A CB  1 
ATOM   412  C  CG  . GLN A 1 56  ? -11.758 -7.978  0.995   1.00 12.68 ? 56  GLN A CG  1 
ATOM   413  C  CD  . GLN A 1 56  ? -12.914 -7.380  0.210   1.00 17.64 ? 56  GLN A CD  1 
ATOM   414  O  OE1 . GLN A 1 56  ? -13.848 -6.834  0.839   1.00 17.88 ? 56  GLN A OE1 1 
ATOM   415  N  NE2 . GLN A 1 56  ? -12.853 -7.416  -1.086  1.00 21.70 ? 56  GLN A NE2 1 
ATOM   416  N  N   . HIS A 1 57  ? -7.943  -6.262  2.471   1.00 15.37 ? 57  HIS A N   1 
ATOM   417  C  CA  . HIS A 1 57  ? -6.921  -5.264  2.749   1.00 12.52 ? 57  HIS A CA  1 
ATOM   418  C  C   . HIS A 1 57  ? -6.010  -5.078  1.510   1.00 14.81 ? 57  HIS A C   1 
ATOM   419  O  O   . HIS A 1 57  ? -5.837  -5.975  0.712   1.00 11.99 ? 57  HIS A O   1 
ATOM   420  C  CB  . HIS A 1 57  ? -5.969  -5.729  3.840   1.00 8.65  ? 57  HIS A CB  1 
ATOM   421  C  CG  . HIS A 1 57  ? -6.475  -5.894  5.235   1.00 11.31 ? 57  HIS A CG  1 
ATOM   422  N  ND1 . HIS A 1 57  ? -7.032  -4.839  5.942   1.00 14.90 ? 57  HIS A ND1 1 
ATOM   423  C  CD2 . HIS A 1 57  ? -6.351  -6.912  6.097   1.00 12.90 ? 57  HIS A CD2 1 
ATOM   424  C  CE1 . HIS A 1 57  ? -7.289  -5.244  7.169   1.00 10.43 ? 57  HIS A CE1 1 
ATOM   425  N  NE2 . HIS A 1 57  ? -6.900  -6.505  7.304   1.00 11.99 ? 57  HIS A NE2 1 
ATOM   426  N  N   . ASN A 1 58  ? -5.468  -3.850  1.453   1.00 12.19 ? 58  ASN A N   1 
ATOM   427  C  CA  . ASN A 1 58  ? -4.449  -3.612  0.394   1.00 11.08 ? 58  ASN A CA  1 
ATOM   428  C  C   . ASN A 1 58  ? -3.317  -2.838  1.089   1.00 10.02 ? 58  ASN A C   1 
ATOM   429  O  O   . ASN A 1 58  ? -3.307  -2.596  2.254   1.00 9.29  ? 58  ASN A O   1 
ATOM   430  C  CB  . ASN A 1 58  ? -4.950  -2.932  -0.814  1.00 10.58 ? 58  ASN A CB  1 
ATOM   431  C  CG  . ASN A 1 58  ? -5.349  -1.491  -0.680  1.00 8.66  ? 58  ASN A CG  1 
ATOM   432  O  OD1 . ASN A 1 58  ? -5.408  -1.016  0.468   1.00 11.58 ? 58  ASN A OD1 1 
ATOM   433  N  ND2 . ASN A 1 58  ? -5.623  -0.795  -1.767  1.00 13.21 ? 58  ASN A ND2 1 
ATOM   434  N  N   . TRP A 1 59  ? -2.245  -2.628  0.303   1.00 8.85  ? 59  TRP A N   1 
ATOM   435  C  CA  . TRP A 1 59  ? -1.094  -1.825  0.758   1.00 10.38 ? 59  TRP A CA  1 
ATOM   436  C  C   . TRP A 1 59  ? -0.904  -0.710  -0.263  1.00 8.90  ? 59  TRP A C   1 
ATOM   437  O  O   . TRP A 1 59  ? -0.772  -0.984  -1.491  1.00 8.73  ? 59  TRP A O   1 
ATOM   438  C  CB  . TRP A 1 59  ? 0.140   -2.681  0.877   1.00 9.62  ? 59  TRP A CB  1 
ATOM   439  C  CG  . TRP A 1 59  ? 1.379   -1.950  1.348   1.00 8.74  ? 59  TRP A CG  1 
ATOM   440  C  CD1 . TRP A 1 59  ? 1.768   -1.836  2.644   1.00 8.89  ? 59  TRP A CD1 1 
ATOM   441  C  CD2 . TRP A 1 59  ? 2.365   -1.289  0.552   1.00 9.88  ? 59  TRP A CD2 1 
ATOM   442  N  NE1 . TRP A 1 59  ? 2.976   -1.125  2.713   1.00 11.07 ? 59  TRP A NE1 1 
ATOM   443  C  CE2 . TRP A 1 59  ? 3.304   -0.764  1.429   1.00 8.70  ? 59  TRP A CE2 1 
ATOM   444  C  CE3 . TRP A 1 59  ? 2.500   -1.093  -0.829  1.00 8.70  ? 59  TRP A CE3 1 
ATOM   445  C  CZ2 . TRP A 1 59  ? 4.462   -0.094  0.975   1.00 8.92  ? 59  TRP A CZ2 1 
ATOM   446  C  CZ3 . TRP A 1 59  ? 3.630   -0.384  -1.288  1.00 11.37 ? 59  TRP A CZ3 1 
ATOM   447  C  CH2 . TRP A 1 59  ? 4.556   0.122   -0.383  1.00 9.24  ? 59  TRP A CH2 1 
ATOM   448  N  N   . VAL A 1 60  ? -0.934  0.520   0.208   1.00 8.52  ? 60  VAL A N   1 
ATOM   449  C  CA  . VAL A 1 60  ? -0.883  1.697   -0.646  1.00 10.35 ? 60  VAL A CA  1 
ATOM   450  C  C   . VAL A 1 60  ? 0.157   2.695   -0.131  1.00 10.30 ? 60  VAL A C   1 
ATOM   451  O  O   . VAL A 1 60  ? 0.057   3.190   0.957   1.00 9.64  ? 60  VAL A O   1 
ATOM   452  C  CB  . VAL A 1 60  ? -2.226  2.461   -0.734  1.00 10.22 ? 60  VAL A CB  1 
ATOM   453  C  CG1 . VAL A 1 60  ? -2.121  3.627   -1.727  1.00 12.24 ? 60  VAL A CG1 1 
ATOM   454  C  CG2 . VAL A 1 60  ? -3.321  1.503   -1.195  1.00 9.77  ? 60  VAL A CG2 1 
ATOM   455  N  N   . LEU A 1 61  ? 1.188   2.933   -0.979  1.00 9.99  ? 61  LEU A N   1 
ATOM   456  C  CA  . LEU A 1 61  ? 2.222   3.922   -0.566  1.00 9.90  ? 61  LEU A CA  1 
ATOM   457  C  C   . LEU A 1 61  ? 1.886   5.278   -1.163  1.00 10.41 ? 61  LEU A C   1 
ATOM   458  O  O   . LEU A 1 61  ? 1.661   5.377   -2.356  1.00 10.29 ? 61  LEU A O   1 
ATOM   459  C  CB  . LEU A 1 61  ? 3.574   3.415   -1.134  1.00 9.25  ? 61  LEU A CB  1 
ATOM   460  C  CG  . LEU A 1 61  ? 4.722   4.430   -0.846  1.00 8.05  ? 61  LEU A CG  1 
ATOM   461  C  CD1 . LEU A 1 61  ? 4.955   4.477   0.663   1.00 8.69  ? 61  LEU A CD1 1 
ATOM   462  C  CD2 . LEU A 1 61  ? 5.998   3.973   -1.541  1.00 10.59 ? 61  LEU A CD2 1 
ATOM   463  N  N   . VAL A 1 62  ? 1.808   6.303   -0.316  1.00 10.28 ? 62  VAL A N   1 
ATOM   464  C  CA  . VAL A 1 62  ? 1.442   7.623   -0.801  1.00 11.02 ? 62  VAL A CA  1 
ATOM   465  C  C   . VAL A 1 62  ? 2.631   8.587   -0.718  1.00 12.27 ? 62  VAL A C   1 
ATOM   466  O  O   . VAL A 1 62  ? 3.527   8.395   0.075   1.00 11.71 ? 62  VAL A O   1 
ATOM   467  C  CB  . VAL A 1 62  ? 0.217   8.209   -0.112  1.00 15.85 ? 62  VAL A CB  1 
ATOM   468  C  CG1 . VAL A 1 62  ? -0.932  7.182   -0.111  1.00 16.40 ? 62  VAL A CG1 1 
ATOM   469  C  CG2 . VAL A 1 62  ? 0.516   8.689   1.273   1.00 15.34 ? 62  VAL A CG2 1 
ATOM   470  N  N   . ASN A 1 63  ? 2.555   9.597   -1.598  1.00 12.76 ? 63  ASN A N   1 
ATOM   471  C  CA  . ASN A 1 63  ? 3.666   10.568  -1.710  1.00 14.57 ? 63  ASN A CA  1 
ATOM   472  C  C   . ASN A 1 63  ? 3.538   11.678  -0.695  1.00 15.22 ? 63  ASN A C   1 
ATOM   473  O  O   . ASN A 1 63  ? 3.316   12.854  -1.034  1.00 17.96 ? 63  ASN A O   1 
ATOM   474  C  CB  . ASN A 1 63  ? 3.644   11.088  -3.149  1.00 14.98 ? 63  ASN A CB  1 
ATOM   475  C  CG  . ASN A 1 63  ? 4.801   12.049  -3.436  1.00 16.34 ? 63  ASN A CG  1 
ATOM   476  O  OD1 . ASN A 1 63  ? 4.576   13.012  -4.198  1.00 21.40 ? 63  ASN A OD1 1 
ATOM   477  N  ND2 . ASN A 1 63  ? 5.935   11.818  -2.837  1.00 13.08 ? 63  ASN A ND2 1 
ATOM   478  N  N   . GLY A 1 64  ? 3.554   11.331  0.593   1.00 13.43 ? 64  GLY A N   1 
ATOM   479  C  CA  . GLY A 1 64  ? 3.364   12.324  1.641   1.00 15.06 ? 64  GLY A CA  1 
ATOM   480  C  C   . GLY A 1 64  ? 2.893   11.711  2.951   1.00 16.57 ? 64  GLY A C   1 
ATOM   481  O  O   . GLY A 1 64  ? 3.057   10.528  3.225   1.00 13.85 ? 64  GLY A O   1 
ATOM   482  N  N   . GLY A 1 65  ? 2.296   12.569  3.776   1.00 16.01 ? 65  GLY A N   1 
ATOM   483  C  CA  . GLY A 1 65  ? 1.808   12.259  5.080   1.00 17.01 ? 65  GLY A CA  1 
ATOM   484  C  C   . GLY A 1 65  ? 0.268   12.126  5.093   1.00 17.06 ? 65  GLY A C   1 
ATOM   485  O  O   . GLY A 1 65  ? -0.328  11.759  4.102   1.00 18.38 ? 65  GLY A O   1 
ATOM   486  N  N   . ASP A 1 66  ? -0.306  12.500  6.235   1.00 17.11 ? 66  ASP A N   1 
ATOM   487  C  CA  . ASP A 1 66  ? -1.727  12.264  6.472   1.00 19.48 ? 66  ASP A CA  1 
ATOM   488  C  C   . ASP A 1 66  ? -2.645  13.031  5.576   1.00 19.42 ? 66  ASP A C   1 
ATOM   489  O  O   . ASP A 1 66  ? -3.689  12.481  5.155   1.00 19.18 ? 66  ASP A O   1 
ATOM   490  C  CB  . ASP A 1 66  ? -2.088  12.425  7.938   1.00 23.90 ? 66  ASP A CB  1 
ATOM   491  C  CG  . ASP A 1 66  ? -1.672  11.205  8.757   1.00 28.35 ? 66  ASP A CG  1 
ATOM   492  O  OD1 . ASP A 1 66  ? -2.262  10.103  8.526   1.00 26.97 ? 66  ASP A OD1 1 
ATOM   493  O  OD2 . ASP A 1 66  ? -0.702  11.332  9.513   1.00 31.16 ? 66  ASP A OD2 1 
ATOM   494  N  N   . ASP A 1 67  ? -2.296  14.239  5.145   1.00 20.75 ? 67  ASP A N   1 
ATOM   495  C  CA  . ASP A 1 67  ? -3.130  15.003  4.231   1.00 22.71 ? 67  ASP A CA  1 
ATOM   496  C  C   . ASP A 1 67  ? -3.199  14.375  2.862   1.00 22.87 ? 67  ASP A C   1 
ATOM   497  O  O   . ASP A 1 67  ? -4.252  14.213  2.253   1.00 21.28 ? 67  ASP A O   1 
ATOM   498  C  CB  . ASP A 1 67  ? -2.613  16.452  4.116   1.00 28.08 ? 67  ASP A CB  1 
ATOM   499  C  CG  . ASP A 1 67  ? -2.950  17.264  5.360   1.00 33.09 ? 67  ASP A CG  1 
ATOM   500  O  OD1 . ASP A 1 67  ? -3.667  16.752  6.246   1.00 31.79 ? 67  ASP A OD1 1 
ATOM   501  O  OD2 . ASP A 1 67  ? -2.480  18.421  5.436   1.00 36.11 ? 67  ASP A OD2 1 
ATOM   502  N  N   . VAL A 1 68  ? -2.022  13.932  2.381   1.00 19.12 ? 68  VAL A N   1 
ATOM   503  C  CA  . VAL A 1 68  ? -1.989  13.231  1.079   1.00 18.66 ? 68  VAL A CA  1 
ATOM   504  C  C   . VAL A 1 68  ? -2.678  11.875  1.197   1.00 16.90 ? 68  VAL A C   1 
ATOM   505  O  O   . VAL A 1 68  ? -3.471  11.478  0.318   1.00 14.98 ? 68  VAL A O   1 
ATOM   506  C  CB  . VAL A 1 68  ? -0.520  13.101  0.643   1.00 23.05 ? 68  VAL A CB  1 
ATOM   507  C  CG1 . VAL A 1 68  ? -0.299  12.105  -0.457  1.00 20.58 ? 68  VAL A CG1 1 
ATOM   508  C  CG2 . VAL A 1 68  ? -0.026  14.502  0.193   1.00 22.72 ? 68  VAL A CG2 1 
ATOM   509  N  N   . ALA A 1 69  ? -2.479  11.200  2.308   1.00 16.15 ? 69  ALA A N   1 
ATOM   510  C  CA  . ALA A 1 69  ? -3.082  9.889   2.544   1.00 17.01 ? 69  ALA A CA  1 
ATOM   511  C  C   . ALA A 1 69  ? -4.598  9.977   2.521   1.00 19.09 ? 69  ALA A C   1 
ATOM   512  O  O   . ALA A 1 69  ? -5.274  9.080   2.031   1.00 18.63 ? 69  ALA A O   1 
ATOM   513  C  CB  . ALA A 1 69  ? -2.588  9.264   3.836   1.00 13.02 ? 69  ALA A CB  1 
ATOM   514  N  N   . ALA A 1 70  ? -5.135  11.035  3.142   1.00 18.45 ? 70  ALA A N   1 
ATOM   515  C  CA  . ALA A 1 70  ? -6.591  11.218  3.175   1.00 17.74 ? 70  ALA A CA  1 
ATOM   516  C  C   . ALA A 1 70  ? -7.131  11.435  1.787   1.00 17.69 ? 70  ALA A C   1 
ATOM   517  O  O   . ALA A 1 70  ? -8.159  10.849  1.423   1.00 18.01 ? 70  ALA A O   1 
ATOM   518  C  CB  . ALA A 1 70  ? -6.926  12.394  4.087   1.00 17.64 ? 70  ALA A CB  1 
ATOM   519  N  N   . ALA A 1 71  ? -6.404  12.177  0.951   1.00 17.64 ? 71  ALA A N   1 
ATOM   520  C  CA  . ALA A 1 71  ? -6.782  12.409  -0.419  1.00 16.94 ? 71  ALA A CA  1 
ATOM   521  C  C   . ALA A 1 71  ? -6.801  11.108  -1.230  1.00 19.82 ? 71  ALA A C   1 
ATOM   522  O  O   . ALA A 1 71  ? -7.783  10.823  -1.903  1.00 18.98 ? 71  ALA A O   1 
ATOM   523  C  CB  . ALA A 1 71  ? -5.915  13.439  -1.121  1.00 20.09 ? 71  ALA A CB  1 
ATOM   524  N  N   . VAL A 1 72  ? -5.714  10.331  -1.129  1.00 18.48 ? 72  VAL A N   1 
ATOM   525  C  CA  . VAL A 1 72  ? -5.674  9.047   -1.830  1.00 18.44 ? 72  VAL A CA  1 
ATOM   526  C  C   . VAL A 1 72  ? -6.765  8.120   -1.276  1.00 15.12 ? 72  VAL A C   1 
ATOM   527  O  O   . VAL A 1 72  ? -7.456  7.475   -2.067  1.00 17.81 ? 72  VAL A O   1 
ATOM   528  C  CB  . VAL A 1 72  ? -4.314  8.353   -1.764  1.00 17.89 ? 72  VAL A CB  1 
ATOM   529  C  CG1 . VAL A 1 72  ? -4.343  6.991   -2.438  1.00 17.64 ? 72  VAL A CG1 1 
ATOM   530  C  CG2 . VAL A 1 72  ? -3.216  9.234   -2.367  1.00 19.18 ? 72  VAL A CG2 1 
ATOM   531  N  N   . ASN A 1 73  ? -6.944  8.099   0.022   1.00 16.43 ? 73  ASN A N   1 
ATOM   532  C  CA  . ASN A 1 73  ? -7.968  7.258   0.644   1.00 17.25 ? 73  ASN A CA  1 
ATOM   533  C  C   . ASN A 1 73  ? -9.360  7.631   0.173   1.00 19.95 ? 73  ASN A C   1 
ATOM   534  O  O   . ASN A 1 73  ? -10.206 6.767   -0.087  1.00 19.73 ? 73  ASN A O   1 
ATOM   535  C  CB  . ASN A 1 73  ? -7.858  7.274   2.156   1.00 16.03 ? 73  ASN A CB  1 
ATOM   536  C  CG  . ASN A 1 73  ? -8.808  6.263   2.788   1.00 20.22 ? 73  ASN A CG  1 
ATOM   537  O  OD1 . ASN A 1 73  ? -8.616  5.057   2.617   1.00 19.25 ? 73  ASN A OD1 1 
ATOM   538  N  ND2 . ASN A 1 73  ? -9.801  6.766   3.507   1.00 21.18 ? 73  ASN A ND2 1 
ATOM   539  N  N   . THR A 1 74  ? -9.639  8.937   0.106   1.00 20.28 ? 74  THR A N   1 
ATOM   540  C  CA  . THR A 1 74  ? -10.905 9.432   -0.395  1.00 21.78 ? 74  THR A CA  1 
ATOM   541  C  C   . THR A 1 74  ? -11.166 9.065   -1.823  1.00 21.74 ? 74  THR A C   1 
ATOM   542  O  O   . THR A 1 74  ? -12.285 8.596   -2.137  1.00 23.89 ? 74  THR A O   1 
ATOM   543  C  CB  . THR A 1 74  ? -11.050 10.954  -0.152  1.00 19.93 ? 74  THR A CB  1 
ATOM   544  O  OG1 . THR A 1 74  ? -11.088 11.153  1.260   1.00 20.80 ? 74  THR A OG1 1 
ATOM   545  C  CG2 . THR A 1 74  ? -12.308 11.492  -0.788  1.00 23.03 ? 74  THR A CG2 1 
ATOM   546  N  N   . ALA A 1 75  ? -10.175 9.117   -2.705  1.00 22.76 ? 75  ALA A N   1 
ATOM   547  C  CA  . ALA A 1 75  ? -10.363 8.702   -4.090  1.00 22.44 ? 75  ALA A CA  1 
ATOM   548  C  C   . ALA A 1 75  ? -10.669 7.205   -4.159  1.00 24.23 ? 75  ALA A C   1 
ATOM   549  O  O   . ALA A 1 75  ? -11.564 6.790   -4.896  1.00 26.30 ? 75  ALA A O   1 
ATOM   550  C  CB  . ALA A 1 75  ? -9.195  9.065   -4.964  1.00 23.58 ? 75  ALA A CB  1 
ATOM   551  N  N   . ALA A 1 76  ? -10.023 6.405   -3.307  1.00 23.44 ? 76  ALA A N   1 
ATOM   552  C  CA  . ALA A 1 76  ? -10.274 4.963   -3.312  1.00 23.62 ? 76  ALA A CA  1 
ATOM   553  C  C   . ALA A 1 76  ? -11.659 4.643   -2.775  1.00 24.97 ? 76  ALA A C   1 
ATOM   554  O  O   . ALA A 1 76  ? -12.323 3.698   -3.237  1.00 23.83 ? 76  ALA A O   1 
ATOM   555  C  CB  . ALA A 1 76  ? -9.198  4.262   -2.481  1.00 21.86 ? 76  ALA A CB  1 
ATOM   556  N  N   . GLN A 1 77  ? -12.151 5.447   -1.839  1.00 26.28 ? 77  GLN A N   1 
ATOM   557  C  CA  . GLN A 1 77  ? -13.451 5.222   -1.220  1.00 30.66 ? 77  GLN A CA  1 
ATOM   558  C  C   . GLN A 1 77  ? -14.580 5.271   -2.248  1.00 33.14 ? 77  GLN A C   1 
ATOM   559  O  O   . GLN A 1 77  ? -15.610 4.616   -2.092  1.00 32.98 ? 77  GLN A O   1 
ATOM   560  C  CB  . GLN A 1 77  ? -13.695 6.254   -0.110  1.00 33.63 ? 77  GLN A CB  1 
ATOM   561  C  CG  . GLN A 1 77  ? -14.988 6.103   0.626   1.00 36.97 ? 77  GLN A CG  1 
ATOM   562  C  CD  . GLN A 1 77  ? -15.395 7.225   1.529   1.00 40.58 ? 77  GLN A CD  1 
ATOM   563  O  OE1 . GLN A 1 77  ? -15.878 7.002   2.660   1.00 44.80 ? 77  GLN A OE1 1 
ATOM   564  N  NE2 . GLN A 1 77  ? -15.271 8.480   1.103   1.00 40.97 ? 77  GLN A NE2 1 
ATOM   565  N  N   . ASN A 1 78  ? -14.363 6.001   -3.330  1.00 33.97 ? 78  ASN A N   1 
ATOM   566  C  CA  . ASN A 1 78  ? -15.300 6.161   -4.410  1.00 37.35 ? 78  ASN A CA  1 
ATOM   567  C  C   . ASN A 1 78  ? -14.972 5.275   -5.601  1.00 38.16 ? 78  ASN A C   1 
ATOM   568  O  O   . ASN A 1 78  ? -15.229 5.649   -6.753  1.00 40.14 ? 78  ASN A O   1 
ATOM   569  C  CB  . ASN A 1 78  ? -15.296 7.638   -4.875  1.00 39.85 ? 78  ASN A CB  1 
ATOM   570  C  CG  . ASN A 1 78  ? -15.727 8.559   -3.744  1.00 43.53 ? 78  ASN A CG  1 
ATOM   571  O  OD1 . ASN A 1 78  ? -16.715 8.283   -3.049  1.00 42.18 ? 78  ASN A OD1 1 
ATOM   572  N  ND2 . ASN A 1 78  ? -14.986 9.647   -3.559  1.00 44.16 ? 78  ASN A ND2 1 
ATOM   573  N  N   . ASN A 1 79  ? -14.297 4.166   -5.345  1.00 36.47 ? 79  ASN A N   1 
ATOM   574  C  CA  . ASN A 1 79  ? -13.900 3.240   -6.403  1.00 34.56 ? 79  ASN A CA  1 
ATOM   575  C  C   . ASN A 1 79  ? -14.349 1.834   -6.047  1.00 33.82 ? 79  ASN A C   1 
ATOM   576  O  O   . ASN A 1 79  ? -13.586 0.873   -6.044  1.00 33.96 ? 79  ASN A O   1 
ATOM   577  C  CB  . ASN A 1 79  ? -12.381 3.300   -6.610  1.00 33.18 ? 79  ASN A CB  1 
ATOM   578  C  CG  . ASN A 1 79  ? -11.968 2.744   -7.955  1.00 33.61 ? 79  ASN A CG  1 
ATOM   579  O  OD1 . ASN A 1 79  ? -12.782 2.729   -8.894  1.00 34.66 ? 79  ASN A OD1 1 
ATOM   580  N  ND2 . ASN A 1 79  ? -10.736 2.262   -8.057  1.00 31.53 ? 79  ASN A ND2 1 
ATOM   581  N  N   . ALA A 1 80  ? -15.644 1.713   -5.718  1.00 33.44 ? 80  ALA A N   1 
ATOM   582  C  CA  . ALA A 1 80  ? -16.198 0.451   -5.261  1.00 32.37 ? 80  ALA A CA  1 
ATOM   583  C  C   . ALA A 1 80  ? -16.151 -0.658  -6.288  1.00 31.40 ? 80  ALA A C   1 
ATOM   584  O  O   . ALA A 1 80  ? -16.033 -1.841  -5.920  1.00 30.27 ? 80  ALA A O   1 
ATOM   585  C  CB  . ALA A 1 80  ? -17.608 0.656   -4.719  1.00 33.08 ? 80  ALA A CB  1 
ATOM   586  N  N   . ASP A 1 81  ? -16.142 -0.334  -7.569  1.00 33.12 ? 81  ASP A N   1 
ATOM   587  C  CA  . ASP A 1 81  ? -16.162 -1.351  -8.626  1.00 34.19 ? 81  ASP A CA  1 
ATOM   588  C  C   . ASP A 1 81  ? -14.854 -2.120  -8.684  1.00 33.65 ? 81  ASP A C   1 
ATOM   589  O  O   . ASP A 1 81  ? -14.825 -3.316  -8.967  1.00 34.11 ? 81  ASP A O   1 
ATOM   590  C  CB  . ASP A 1 81  ? -16.457 -0.696  -9.977  1.00 40.25 ? 81  ASP A CB  1 
ATOM   591  C  CG  . ASP A 1 81  ? -17.875 -0.129  -10.016 1.00 45.17 ? 81  ASP A CG  1 
ATOM   592  O  OD1 . ASP A 1 81  ? -18.789 -0.809  -9.490  1.00 45.86 ? 81  ASP A OD1 1 
ATOM   593  O  OD2 . ASP A 1 81  ? -18.059 0.983   -10.547 1.00 48.11 ? 81  ASP A OD2 1 
ATOM   594  N  N   . ALA A 1 82  ? -13.780 -1.429  -8.277  1.00 30.59 ? 82  ALA A N   1 
ATOM   595  C  CA  . ALA A 1 82  ? -12.460 -2.069  -8.242  1.00 27.91 ? 82  ALA A CA  1 
ATOM   596  C  C   . ALA A 1 82  ? -12.116 -2.467  -6.828  1.00 24.89 ? 82  ALA A C   1 
ATOM   597  O  O   . ALA A 1 82  ? -10.941 -2.665  -6.489  1.00 23.83 ? 82  ALA A O   1 
ATOM   598  C  CB  . ALA A 1 82  ? -11.429 -1.116  -8.832  1.00 25.42 ? 82  ALA A CB  1 
ATOM   599  N  N   . LEU A 1 83  ? -13.132 -2.552  -5.955  1.00 22.61 ? 83  LEU A N   1 
ATOM   600  C  CA  . LEU A 1 83  ? -12.902 -2.980  -4.584  1.00 19.63 ? 83  LEU A CA  1 
ATOM   601  C  C   . LEU A 1 83  ? -11.929 -2.047  -3.864  1.00 19.52 ? 83  LEU A C   1 
ATOM   602  O  O   . LEU A 1 83  ? -11.299 -2.447  -2.855  1.00 17.09 ? 83  LEU A O   1 
ATOM   603  C  CB  . LEU A 1 83  ? -12.411 -4.418  -4.539  1.00 23.04 ? 83  LEU A CB  1 
ATOM   604  C  CG  . LEU A 1 83  ? -13.514 -5.484  -4.756  1.00 27.28 ? 83  LEU A CG  1 
ATOM   605  C  CD1 . LEU A 1 83  ? -12.889 -6.870  -4.769  1.00 27.84 ? 83  LEU A CD1 1 
ATOM   606  C  CD2 . LEU A 1 83  ? -14.517 -5.372  -3.604  1.00 29.02 ? 83  LEU A CD2 1 
ATOM   607  N  N   . PHE A 1 84  ? -12.114 -0.757  -4.084  1.00 17.81 ? 84  PHE A N   1 
ATOM   608  C  CA  . PHE A 1 84  ? -11.608 0.296   -3.233  1.00 17.65 ? 84  PHE A CA  1 
ATOM   609  C  C   . PHE A 1 84  ? -10.094 0.452   -3.298  1.00 18.99 ? 84  PHE A C   1 
ATOM   610  O  O   . PHE A 1 84  ? -9.478  0.925   -2.322  1.00 19.38 ? 84  PHE A O   1 
ATOM   611  C  CB  . PHE A 1 84  ? -12.109 0.135   -1.795  1.00 15.52 ? 84  PHE A CB  1 
ATOM   612  C  CG  . PHE A 1 84  ? -13.628 0.091   -1.682  1.00 16.36 ? 84  PHE A CG  1 
ATOM   613  C  CD1 . PHE A 1 84  ? -14.382 1.228   -1.842  1.00 16.89 ? 84  PHE A CD1 1 
ATOM   614  C  CD2 . PHE A 1 84  ? -14.259 -1.116  -1.432  1.00 19.85 ? 84  PHE A CD2 1 
ATOM   615  C  CE1 . PHE A 1 84  ? -15.770 1.182   -1.749  1.00 20.33 ? 84  PHE A CE1 1 
ATOM   616  C  CE2 . PHE A 1 84  ? -15.643 -1.175  -1.335  1.00 21.83 ? 84  PHE A CE2 1 
ATOM   617  C  CZ  . PHE A 1 84  ? -16.385 -0.018  -1.458  1.00 20.15 ? 84  PHE A CZ  1 
ATOM   618  N  N   . VAL A 1 85  ? -9.486  0.059   -4.411  1.00 21.11 ? 85  VAL A N   1 
ATOM   619  C  CA  . VAL A 1 85  ? -8.064  0.424   -4.627  1.00 19.21 ? 85  VAL A CA  1 
ATOM   620  C  C   . VAL A 1 85  ? -8.101  1.866   -5.151  1.00 20.40 ? 85  VAL A C   1 
ATOM   621  O  O   . VAL A 1 85  ? -9.143  2.313   -5.647  1.00 20.38 ? 85  VAL A O   1 
ATOM   622  C  CB  . VAL A 1 85  ? -7.391  -0.448  -5.699  1.00 16.73 ? 85  VAL A CB  1 
ATOM   623  C  CG1 . VAL A 1 85  ? -7.236  -1.885  -5.205  1.00 17.98 ? 85  VAL A CG1 1 
ATOM   624  C  CG2 . VAL A 1 85  ? -8.167  -0.406  -7.011  1.00 19.08 ? 85  VAL A CG2 1 
ATOM   625  N  N   . PRO A 1 86  ? -7.015  2.591   -5.036  1.00 18.35 ? 86  PRO A N   1 
ATOM   626  C  CA  . PRO A 1 86  ? -6.927  3.897   -5.702  1.00 18.19 ? 86  PRO A CA  1 
ATOM   627  C  C   . PRO A 1 86  ? -7.175  3.706   -7.181  1.00 18.11 ? 86  PRO A C   1 
ATOM   628  O  O   . PRO A 1 86  ? -6.721  2.723   -7.779  1.00 19.08 ? 86  PRO A O   1 
ATOM   629  C  CB  . PRO A 1 86  ? -5.456  4.300   -5.463  1.00 18.05 ? 86  PRO A CB  1 
ATOM   630  C  CG  . PRO A 1 86  ? -5.058  3.543   -4.248  1.00 18.20 ? 86  PRO A CG  1 
ATOM   631  C  CD  . PRO A 1 86  ? -5.759  2.189   -4.376  1.00 18.09 ? 86  PRO A CD  1 
ATOM   632  N  N   . PRO A 1 87  ? -7.939  4.586   -7.814  1.00 21.38 ? 87  PRO A N   1 
ATOM   633  C  CA  . PRO A 1 87  ? -8.098  4.598   -9.246  1.00 22.22 ? 87  PRO A CA  1 
ATOM   634  C  C   . PRO A 1 87  ? -6.743  4.811   -9.918  1.00 24.64 ? 87  PRO A C   1 
ATOM   635  O  O   . PRO A 1 87  ? -5.846  5.429   -9.326  1.00 22.49 ? 87  PRO A O   1 
ATOM   636  C  CB  . PRO A 1 87  ? -8.997  5.816   -9.502  1.00 23.42 ? 87  PRO A CB  1 
ATOM   637  C  CG  . PRO A 1 87  ? -9.789  5.931   -8.230  1.00 22.27 ? 87  PRO A CG  1 
ATOM   638  C  CD  . PRO A 1 87  ? -8.768  5.623   -7.138  1.00 22.67 ? 87  PRO A CD  1 
ATOM   639  N  N   . PRO A 1 88  ? -6.596  4.301   -11.118 1.00 25.94 ? 88  PRO A N   1 
ATOM   640  C  CA  . PRO A 1 88  ? -5.351  4.486   -11.868 1.00 28.14 ? 88  PRO A CA  1 
ATOM   641  C  C   . PRO A 1 88  ? -5.099  5.985   -11.998 1.00 30.31 ? 88  PRO A C   1 
ATOM   642  O  O   . PRO A 1 88  ? -6.059  6.767   -12.003 1.00 32.36 ? 88  PRO A O   1 
ATOM   643  C  CB  . PRO A 1 88  ? -5.621  3.849   -13.206 1.00 28.30 ? 88  PRO A CB  1 
ATOM   644  C  CG  . PRO A 1 88  ? -6.895  3.130   -13.116 1.00 27.95 ? 88  PRO A CG  1 
ATOM   645  C  CD  . PRO A 1 88  ? -7.609  3.556   -11.875 1.00 27.27 ? 88  PRO A CD  1 
ATOM   646  N  N   . ASP A 1 89  ? -3.856  6.422   -11.862 1.00 32.03 ? 89  ASP A N   1 
ATOM   647  C  CA  . ASP A 1 89  ? -3.521  7.828   -12.002 1.00 31.82 ? 89  ASP A CA  1 
ATOM   648  C  C   . ASP A 1 89  ? -3.920  8.689   -10.824 1.00 30.43 ? 89  ASP A C   1 
ATOM   649  O  O   . ASP A 1 89  ? -3.840  9.937   -10.933 1.00 30.80 ? 89  ASP A O   1 
ATOM   650  C  CB  . ASP A 1 89  ? -4.124  8.412   -13.294 1.00 37.88 ? 89  ASP A CB  1 
ATOM   651  C  CG  . ASP A 1 89  ? -3.588  7.727   -14.541 1.00 42.11 ? 89  ASP A CG  1 
ATOM   652  O  OD1 . ASP A 1 89  ? -2.419  7.300   -14.535 1.00 43.67 ? 89  ASP A OD1 1 
ATOM   653  O  OD2 . ASP A 1 89  ? -4.395  7.534   -15.481 1.00 45.58 ? 89  ASP A OD2 1 
ATOM   654  N  N   . THR A 1 90  ? -4.324  8.121   -9.702  1.00 27.44 ? 90  THR A N   1 
ATOM   655  C  CA  . THR A 1 90  ? -4.595  8.897   -8.499  1.00 25.08 ? 90  THR A CA  1 
ATOM   656  C  C   . THR A 1 90  ? -3.332  9.674   -8.097  1.00 24.41 ? 90  THR A C   1 
ATOM   657  O  O   . THR A 1 90  ? -2.224  9.142   -8.113  1.00 23.56 ? 90  THR A O   1 
ATOM   658  C  CB  . THR A 1 90  ? -5.000  8.011   -7.308  1.00 22.76 ? 90  THR A CB  1 
ATOM   659  O  OG1 . THR A 1 90  ? -6.244  7.334   -7.621  1.00 22.77 ? 90  THR A OG1 1 
ATOM   660  C  CG2 . THR A 1 90  ? -5.214  8.851   -6.070  1.00 18.49 ? 90  THR A CG2 1 
ATOM   661  N  N   . PRO A 1 91  ? -3.480  10.981  -7.922  1.00 24.94 ? 91  PRO A N   1 
ATOM   662  C  CA  . PRO A 1 91  ? -2.370  11.838  -7.551  1.00 23.54 ? 91  PRO A CA  1 
ATOM   663  C  C   . PRO A 1 91  ? -1.748  11.391  -6.239  1.00 20.28 ? 91  PRO A C   1 
ATOM   664  O  O   . PRO A 1 91  ? -2.435  11.045  -5.274  1.00 20.94 ? 91  PRO A O   1 
ATOM   665  C  CB  . PRO A 1 91  ? -2.998  13.220  -7.382  1.00 24.22 ? 91  PRO A CB  1 
ATOM   666  C  CG  . PRO A 1 91  ? -4.273  13.158  -8.133  1.00 25.23 ? 91  PRO A CG  1 
ATOM   667  C  CD  . PRO A 1 91  ? -4.757  11.726  -7.984  1.00 24.61 ? 91  PRO A CD  1 
ATOM   668  N  N   . ASN A 1 92  ? -0.410  11.397  -6.204  1.00 18.07 ? 92  ASN A N   1 
ATOM   669  C  CA  . ASN A 1 92  ? 0.318   11.108  -4.983  1.00 17.00 ? 92  ASN A CA  1 
ATOM   670  C  C   . ASN A 1 92  ? 0.154   9.692   -4.473  1.00 15.50 ? 92  ASN A C   1 
ATOM   671  O  O   . ASN A 1 92  ? 0.519   9.418   -3.306  1.00 15.46 ? 92  ASN A O   1 
ATOM   672  C  CB  . ASN A 1 92  ? -0.057  12.133  -3.900  1.00 19.16 ? 92  ASN A CB  1 
ATOM   673  C  CG  . ASN A 1 92  ? 0.406   13.536  -4.294  1.00 23.27 ? 92  ASN A CG  1 
ATOM   674  O  OD1 . ASN A 1 92  ? -0.381  14.491  -4.207  1.00 25.00 ? 92  ASN A OD1 1 
ATOM   675  N  ND2 . ASN A 1 92  ? 1.628   13.641  -4.780  1.00 18.62 ? 92  ASN A ND2 1 
ATOM   676  N  N   . ALA A 1 93  ? -0.271  8.778   -5.317  1.00 15.86 ? 93  ALA A N   1 
ATOM   677  C  CA  . ALA A 1 93  ? -0.299  7.347   -4.979  1.00 14.24 ? 93  ALA A CA  1 
ATOM   678  C  C   . ALA A 1 93  ? 0.841   6.637   -5.717  1.00 13.89 ? 93  ALA A C   1 
ATOM   679  O  O   . ALA A 1 93  ? 0.818   6.465   -6.934  1.00 13.84 ? 93  ALA A O   1 
ATOM   680  C  CB  . ALA A 1 93  ? -1.656  6.779   -5.398  1.00 13.19 ? 93  ALA A CB  1 
ATOM   681  N  N   . LEU A 1 94  ? 1.941   6.406   -5.007  1.00 12.69 ? 94  LEU A N   1 
ATOM   682  C  CA  . LEU A 1 94  ? 3.165   5.903   -5.581  1.00 12.94 ? 94  LEU A CA  1 
ATOM   683  C  C   . LEU A 1 94  ? 3.087   4.447   -6.025  1.00 12.58 ? 94  LEU A C   1 
ATOM   684  O  O   . LEU A 1 94  ? 3.660   4.070   -7.042  1.00 11.61 ? 94  LEU A O   1 
ATOM   685  C  CB  . LEU A 1 94  ? 4.335   6.062   -4.605  1.00 12.04 ? 94  LEU A CB  1 
ATOM   686  C  CG  . LEU A 1 94  ? 4.687   7.488   -4.192  1.00 13.22 ? 94  LEU A CG  1 
ATOM   687  C  CD1 . LEU A 1 94  ? 5.832   7.502   -3.199  1.00 12.27 ? 94  LEU A CD1 1 
ATOM   688  C  CD2 . LEU A 1 94  ? 5.050   8.311   -5.424  1.00 14.30 ? 94  LEU A CD2 1 
ATOM   689  N  N   . ALA A 1 95  ? 2.408   3.622   -5.236  1.00 11.04 ? 95  ALA A N   1 
ATOM   690  C  CA  . ALA A 1 95  ? 2.286   2.207   -5.520  1.00 9.61  ? 95  ALA A CA  1 
ATOM   691  C  C   . ALA A 1 95  ? 1.179   1.589   -4.650  1.00 9.35  ? 95  ALA A C   1 
ATOM   692  O  O   . ALA A 1 95  ? 0.983   1.986   -3.506  1.00 11.15 ? 95  ALA A O   1 
ATOM   693  C  CB  . ALA A 1 95  ? 3.613   1.482   -5.107  1.00 10.73 ? 95  ALA A CB  1 
ATOM   694  N  N   . TRP A 1 96  ? 0.520   0.570   -5.203  1.00 9.50  ? 96  TRP A N   1 
ATOM   695  C  CA  . TRP A 1 96  ? -0.442  -0.171  -4.385  1.00 11.27 ? 96  TRP A CA  1 
ATOM   696  C  C   . TRP A 1 96  ? -0.536  -1.617  -4.893  1.00 9.39  ? 96  TRP A C   1 
ATOM   697  O  O   . TRP A 1 96  ? -0.328  -1.875  -6.079  1.00 10.67 ? 96  TRP A O   1 
ATOM   698  C  CB  . TRP A 1 96  ? -1.812  0.456   -4.336  1.00 13.00 ? 96  TRP A CB  1 
ATOM   699  C  CG  . TRP A 1 96  ? -2.528  0.598   -5.631  1.00 12.71 ? 96  TRP A CG  1 
ATOM   700  C  CD1 . TRP A 1 96  ? -3.394  -0.305  -6.198  1.00 15.13 ? 96  TRP A CD1 1 
ATOM   701  C  CD2 . TRP A 1 96  ? -2.528  1.742   -6.503  1.00 13.03 ? 96  TRP A CD2 1 
ATOM   702  N  NE1 . TRP A 1 96  ? -3.832  0.168   -7.412  1.00 15.56 ? 96  TRP A NE1 1 
ATOM   703  C  CE2 . TRP A 1 96  ? -3.399  1.459   -7.576  1.00 15.68 ? 96  TRP A CE2 1 
ATOM   704  C  CE3 . TRP A 1 96  ? -1.910  2.992   -6.448  1.00 14.68 ? 96  TRP A CE3 1 
ATOM   705  C  CZ2 . TRP A 1 96  ? -3.664  2.377   -8.578  1.00 17.14 ? 96  TRP A CZ2 1 
ATOM   706  C  CZ3 . TRP A 1 96  ? -2.180  3.917   -7.438  1.00 15.78 ? 96  TRP A CZ3 1 
ATOM   707  C  CH2 . TRP A 1 96  ? -3.024  3.598   -8.517  1.00 17.82 ? 96  TRP A CH2 1 
ATOM   708  N  N   . THR A 1 97  ? -0.910  -2.498  -3.975  1.00 9.12  ? 97  THR A N   1 
ATOM   709  C  CA  . THR A 1 97  ? -1.285  -3.861  -4.362  1.00 10.05 ? 97  THR A CA  1 
ATOM   710  C  C   . THR A 1 97  ? -2.805  -3.832  -4.694  1.00 12.47 ? 97  THR A C   1 
ATOM   711  O  O   . THR A 1 97  ? -3.499  -2.935  -4.224  1.00 12.84 ? 97  THR A O   1 
ATOM   712  C  CB  . THR A 1 97  ? -1.105  -4.874  -3.242  1.00 9.78  ? 97  THR A CB  1 
ATOM   713  O  OG1 . THR A 1 97  ? -2.014  -4.563  -2.148  1.00 9.15  ? 97  THR A OG1 1 
ATOM   714  C  CG2 . THR A 1 97  ? 0.279   -4.876  -2.629  1.00 9.68  ? 97  THR A CG2 1 
ATOM   715  N  N   . ALA A 1 98  ? -3.245  -4.885  -5.337  1.00 12.15 ? 98  ALA A N   1 
ATOM   716  C  CA  . ALA A 1 98  ? -4.683  -5.144  -5.449  1.00 10.72 ? 98  ALA A CA  1 
ATOM   717  C  C   . ALA A 1 98  ? -5.255  -5.269  -4.023  1.00 10.67 ? 98  ALA A C   1 
ATOM   718  O  O   . ALA A 1 98  ? -4.585  -5.478  -3.036  1.00 9.63  ? 98  ALA A O   1 
ATOM   719  C  CB  . ALA A 1 98  ? -4.868  -6.471  -6.174  1.00 11.16 ? 98  ALA A CB  1 
ATOM   720  N  N   . MET A 1 99  ? -6.599  -5.205  -4.008  1.00 13.25 ? 99  MET A N   1 
ATOM   721  C  CA  . MET A 1 99  ? -7.316  -5.416  -2.737  1.00 12.90 ? 99  MET A CA  1 
ATOM   722  C  C   . MET A 1 99  ? -7.491  -6.931  -2.548  1.00 9.54  ? 99  MET A C   1 
ATOM   723  O  O   . MET A 1 99  ? -7.978  -7.585  -3.473  1.00 14.86 ? 99  MET A O   1 
ATOM   724  C  CB  . MET A 1 99  ? -8.674  -4.716  -2.860  1.00 11.72 ? 99  MET A CB  1 
ATOM   725  C  CG  . MET A 1 99  ? -9.458  -4.759  -1.539  1.00 16.42 ? 99  MET A CG  1 
ATOM   726  S  SD  . MET A 1 99  ? -8.639  -3.868  -0.222  1.00 13.47 ? 99  MET A SD  1 
ATOM   727  C  CE  . MET A 1 99  ? -8.765  -2.190  -0.762  1.00 17.25 ? 99  MET A CE  1 
ATOM   728  N  N   . LEU A 1 100 ? -6.985  -7.446  -1.461  1.00 11.69 ? 100 LEU A N   1 
ATOM   729  C  CA  . LEU A 1 100 ? -6.842  -8.870  -1.255  1.00 11.66 ? 100 LEU A CA  1 
ATOM   730  C  C   . LEU A 1 100 ? -7.889  -9.410  -0.276  1.00 14.72 ? 100 LEU A C   1 
ATOM   731  O  O   . LEU A 1 100 ? -8.054  -8.859  0.804   1.00 14.62 ? 100 LEU A O   1 
ATOM   732  C  CB  . LEU A 1 100 ? -5.444  -9.136  -0.607  1.00 13.91 ? 100 LEU A CB  1 
ATOM   733  C  CG  . LEU A 1 100 ? -4.293  -8.570  -1.469  1.00 12.12 ? 100 LEU A CG  1 
ATOM   734  C  CD1 . LEU A 1 100 ? -2.982  -8.779  -0.737  1.00 10.55 ? 100 LEU A CD1 1 
ATOM   735  C  CD2 . LEU A 1 100 ? -4.250  -9.245  -2.833  1.00 13.25 ? 100 LEU A CD2 1 
ATOM   736  N  N   . ASN A 1 101 ? -8.529  -10.509 -0.666  1.00 16.50 ? 101 ASN A N   1 
ATOM   737  C  CA  . ASN A 1 101 ? -9.494  -11.135 0.268   1.00 16.75 ? 101 ASN A CA  1 
ATOM   738  C  C   . ASN A 1 101 ? -8.680  -11.749 1.385   1.00 15.36 ? 101 ASN A C   1 
ATOM   739  O  O   . ASN A 1 101 ? -7.449  -11.991 1.208   1.00 15.20 ? 101 ASN A O   1 
ATOM   740  C  CB  . ASN A 1 101 ? -10.251 -12.232 -0.498  1.00 16.86 ? 101 ASN A CB  1 
ATOM   741  C  CG  . ASN A 1 101 ? -11.118 -11.709 -1.612  1.00 19.52 ? 101 ASN A CG  1 
ATOM   742  O  OD1 . ASN A 1 101 ? -11.684 -10.628 -1.552  1.00 24.88 ? 101 ASN A OD1 1 
ATOM   743  N  ND2 . ASN A 1 101 ? -11.158 -12.438 -2.748  1.00 28.13 ? 101 ASN A ND2 1 
ATOM   744  N  N   . ALA A 1 102 ? -9.254  -12.005 2.548   1.00 15.78 ? 102 ALA A N   1 
ATOM   745  C  CA  . ALA A 1 102 ? -8.542  -12.754 3.565   1.00 13.78 ? 102 ALA A CA  1 
ATOM   746  C  C   . ALA A 1 102 ? -8.068  -14.098 2.960   1.00 14.55 ? 102 ALA A C   1 
ATOM   747  O  O   . ALA A 1 102 ? -8.844  -14.781 2.273   1.00 16.82 ? 102 ALA A O   1 
ATOM   748  C  CB  . ALA A 1 102 ? -9.515  -13.074 4.725   1.00 16.86 ? 102 ALA A CB  1 
ATOM   749  N  N   . GLY A 1 103 ? -6.797  -14.394 3.116   1.00 14.27 ? 103 GLY A N   1 
ATOM   750  C  CA  . GLY A 1 103 ? -6.195  -15.579 2.570   1.00 13.50 ? 103 GLY A CA  1 
ATOM   751  C  C   . GLY A 1 103 ? -5.453  -15.312 1.256   1.00 16.12 ? 103 GLY A C   1 
ATOM   752  O  O   . GLY A 1 103 ? -4.908  -16.258 0.707   1.00 19.40 ? 103 GLY A O   1 
ATOM   753  N  N   . GLU A 1 104 ? -5.622  -14.138 0.689   1.00 11.29 ? 104 GLU A N   1 
ATOM   754  C  CA  . GLU A 1 104 ? -5.001  -13.807 -0.584  1.00 11.17 ? 104 GLU A CA  1 
ATOM   755  C  C   . GLU A 1 104 ? -3.674  -13.053 -0.334  1.00 11.42 ? 104 GLU A C   1 
ATOM   756  O  O   . GLU A 1 104 ? -3.399  -12.551 0.754   1.00 11.23 ? 104 GLU A O   1 
ATOM   757  C  CB  . GLU A 1 104 ? -5.924  -12.928 -1.442  1.00 10.02 ? 104 GLU A CB  1 
ATOM   758  C  CG  . GLU A 1 104 ? -7.018  -13.804 -2.116  1.00 10.27 ? 104 GLU A CG  1 
ATOM   759  C  CD  . GLU A 1 104 ? -7.764  -13.061 -3.175  1.00 15.69 ? 104 GLU A CD  1 
ATOM   760  O  OE1 . GLU A 1 104 ? -7.940  -11.833 -3.058  1.00 17.29 ? 104 GLU A OE1 1 
ATOM   761  O  OE2 . GLU A 1 104 ? -8.265  -13.699 -4.144  1.00 21.09 ? 104 GLU A OE2 1 
ATOM   762  N  N   . SER A 1 105 ? -2.823  -13.134 -1.335  1.00 9.41  ? 105 SER A N   1 
ATOM   763  C  CA  . SER A 1 105 ? -1.510  -12.469 -1.323  1.00 9.82  ? 105 SER A CA  1 
ATOM   764  C  C   . SER A 1 105 ? -1.328  -11.752 -2.672  1.00 9.12  ? 105 SER A C   1 
ATOM   765  O  O   . SER A 1 105 ? -1.821  -12.208 -3.676  1.00 11.80 ? 105 SER A O   1 
ATOM   766  C  CB  . SER A 1 105 ? -0.399  -13.520 -1.194  1.00 11.32 ? 105 SER A CB  1 
ATOM   767  O  OG  . SER A 1 105 ? -0.427  -14.084 0.126   1.00 16.71 ? 105 SER A OG  1 
ATOM   768  N  N   . GLY A 1 106 ? -0.696  -10.584 -2.592  1.00 8.57  ? 106 GLY A N   1 
ATOM   769  C  CA  . GLY A 1 106 ? -0.520  -9.827  -3.867  1.00 8.52  ? 106 GLY A CA  1 
ATOM   770  C  C   . GLY A 1 106 ? 0.723   -8.952  -3.722  1.00 9.51  ? 106 GLY A C   1 
ATOM   771  O  O   . GLY A 1 106 ? 1.094   -8.526  -2.635  1.00 9.03  ? 106 GLY A O   1 
ATOM   772  N  N   . SER A 1 107 ? 1.364   -8.712  -4.871  1.00 10.80 ? 107 SER A N   1 
ATOM   773  C  CA  . SER A 1 107 ? 2.594   -7.887  -4.782  1.00 9.88  ? 107 SER A CA  1 
ATOM   774  C  C   . SER A 1 107 ? 2.410   -6.610  -5.586  1.00 9.35  ? 107 SER A C   1 
ATOM   775  O  O   . SER A 1 107 ? 1.592   -6.499  -6.491  1.00 11.07 ? 107 SER A O   1 
ATOM   776  C  CB  . SER A 1 107 ? 3.790   -8.670  -5.338  1.00 12.18 ? 107 SER A CB  1 
ATOM   777  O  OG  . SER A 1 107 ? 3.992   -9.868  -4.583  1.00 13.46 ? 107 SER A OG  1 
ATOM   778  N  N   . VAL A 1 108 ? 3.388   -5.702  -5.355  1.00 8.47  ? 108 VAL A N   1 
ATOM   779  C  CA  . VAL A 1 108 ? 3.559   -4.558  -6.259  1.00 6.69  ? 108 VAL A CA  1 
ATOM   780  C  C   . VAL A 1 108 ? 5.068   -4.287  -6.413  1.00 10.25 ? 108 VAL A C   1 
ATOM   781  O  O   . VAL A 1 108 ? 5.781   -4.411  -5.445  1.00 8.90  ? 108 VAL A O   1 
ATOM   782  C  CB  . VAL A 1 108 ? 2.795   -3.328  -5.842  1.00 9.97  ? 108 VAL A CB  1 
ATOM   783  C  CG1 . VAL A 1 108 ? 3.181   -2.794  -4.479  1.00 11.49 ? 108 VAL A CG1 1 
ATOM   784  C  CG2 . VAL A 1 108 ? 2.862   -2.224  -6.900  1.00 11.28 ? 108 VAL A CG2 1 
ATOM   785  N  N   . THR A 1 109 ? 5.482   -4.046  -7.653  1.00 9.58  ? 109 THR A N   1 
ATOM   786  C  CA  . THR A 1 109 ? 6.930   -3.825  -7.899  1.00 8.54  ? 109 THR A CA  1 
ATOM   787  C  C   . THR A 1 109 ? 7.090   -2.388  -8.360  1.00 9.21  ? 109 THR A C   1 
ATOM   788  O  O   . THR A 1 109 ? 6.427   -1.953  -9.313  1.00 8.96  ? 109 THR A O   1 
ATOM   789  C  CB  . THR A 1 109 ? 7.458   -4.774  -8.964  1.00 7.19  ? 109 THR A CB  1 
ATOM   790  O  OG1 . THR A 1 109 ? 7.369   -6.137  -8.454  1.00 10.24 ? 109 THR A OG1 1 
ATOM   791  C  CG2 . THR A 1 109 ? 8.946   -4.483  -9.281  1.00 9.47  ? 109 THR A CG2 1 
ATOM   792  N  N   . PHE A 1 110 ? 7.894   -1.637  -7.619  1.00 7.87  ? 110 PHE A N   1 
ATOM   793  C  CA  . PHE A 1 110 ? 7.975   -0.210  -7.835  1.00 8.63  ? 110 PHE A CA  1 
ATOM   794  C  C   . PHE A 1 110 ? 9.387   0.308   -7.580  1.00 9.60  ? 110 PHE A C   1 
ATOM   795  O  O   . PHE A 1 110 ? 10.134  -0.275  -6.800  1.00 10.26 ? 110 PHE A O   1 
ATOM   796  C  CB  . PHE A 1 110 ? 6.945   0.556   -7.005  1.00 10.95 ? 110 PHE A CB  1 
ATOM   797  C  CG  . PHE A 1 110 ? 7.169   0.481   -5.515  1.00 9.41  ? 110 PHE A CG  1 
ATOM   798  C  CD1 . PHE A 1 110 ? 6.814   -0.642  -4.798  1.00 10.10 ? 110 PHE A CD1 1 
ATOM   799  C  CD2 . PHE A 1 110 ? 7.751   1.544   -4.834  1.00 9.81  ? 110 PHE A CD2 1 
ATOM   800  C  CE1 . PHE A 1 110 ? 7.034   -0.702  -3.437  1.00 10.82 ? 110 PHE A CE1 1 
ATOM   801  C  CE2 . PHE A 1 110 ? 8.010   1.479   -3.483  1.00 9.81  ? 110 PHE A CE2 1 
ATOM   802  C  CZ  . PHE A 1 110 ? 7.586   0.358   -2.757  1.00 13.37 ? 110 PHE A CZ  1 
ATOM   803  N  N   . ARG A 1 111 ? 9.644   1.503   -8.106  1.00 10.37 ? 111 ARG A N   1 
ATOM   804  C  CA  . ARG A 1 111 ? 10.887  2.209   -7.771  1.00 11.80 ? 111 ARG A CA  1 
ATOM   805  C  C   . ARG A 1 111 ? 10.600  3.133   -6.581  1.00 10.31 ? 111 ARG A C   1 
ATOM   806  O  O   . ARG A 1 111 ? 9.673   3.927   -6.602  1.00 12.30 ? 111 ARG A O   1 
ATOM   807  C  CB  . ARG A 1 111 ? 11.401  3.017   -8.968  1.00 15.23 ? 111 ARG A CB  1 
ATOM   808  C  CG  A ARG A 1 111 ? 12.754  3.683   -8.662  0.50 15.80 ? 111 ARG A CG  1 
ATOM   809  C  CG  B ARG A 1 111 ? 12.571  3.932   -8.611  0.50 18.81 ? 111 ARG A CG  1 
ATOM   810  C  CD  A ARG A 1 111 ? 13.338  4.299   -9.932  0.50 17.55 ? 111 ARG A CD  1 
ATOM   811  C  CD  B ARG A 1 111 ? 13.288  4.442   -9.855  0.50 22.44 ? 111 ARG A CD  1 
ATOM   812  N  NE  A ARG A 1 111 ? 13.530  3.286   -10.973 0.50 18.87 ? 111 ARG A NE  1 
ATOM   813  N  NE  B ARG A 1 111 ? 13.788  3.353   -10.683 0.50 24.35 ? 111 ARG A NE  1 
ATOM   814  C  CZ  A ARG A 1 111 ? 14.617  2.531   -11.074 0.50 16.36 ? 111 ARG A CZ  1 
ATOM   815  C  CZ  B ARG A 1 111 ? 13.222  2.951   -11.819 0.50 25.11 ? 111 ARG A CZ  1 
ATOM   816  N  NH1 A ARG A 1 111 ? 15.586  2.669   -10.167 0.50 16.49 ? 111 ARG A NH1 1 
ATOM   817  N  NH1 B ARG A 1 111 ? 12.176  3.611   -12.316 0.50 26.72 ? 111 ARG A NH1 1 
ATOM   818  N  NH2 A ARG A 1 111 ? 14.749  1.612   -12.012 0.50 15.54 ? 111 ARG A NH2 1 
ATOM   819  N  NH2 B ARG A 1 111 ? 13.729  1.940   -12.501 0.50 22.94 ? 111 ARG A NH2 1 
ATOM   820  N  N   . THR A 1 112 ? 11.367  2.919   -5.516  1.00 11.17 ? 112 THR A N   1 
ATOM   821  C  CA  . THR A 1 112 ? 11.139  3.800   -4.339  1.00 9.61  ? 112 THR A CA  1 
ATOM   822  C  C   . THR A 1 112 ? 11.429  5.249   -4.723  1.00 12.07 ? 112 THR A C   1 
ATOM   823  O  O   . THR A 1 112 ? 12.259  5.520   -5.600  1.00 10.00 ? 112 THR A O   1 
ATOM   824  C  CB  . THR A 1 112 ? 12.054  3.366   -3.200  1.00 11.74 ? 112 THR A CB  1 
ATOM   825  O  OG1 . THR A 1 112 ? 13.406  3.374   -3.713  1.00 11.03 ? 112 THR A OG1 1 
ATOM   826  C  CG2 . THR A 1 112 ? 11.744  1.948   -2.713  1.00 10.98 ? 112 THR A CG2 1 
ATOM   827  N  N   . PRO A 1 113 ? 10.767  6.183   -4.069  1.00 11.34 ? 113 PRO A N   1 
ATOM   828  C  CA  . PRO A 1 113 ? 10.929  7.602   -4.280  1.00 8.88  ? 113 PRO A CA  1 
ATOM   829  C  C   . PRO A 1 113 ? 12.207  8.154   -3.667  1.00 10.90 ? 113 PRO A C   1 
ATOM   830  O  O   . PRO A 1 113 ? 13.101  7.382   -3.286  1.00 10.81 ? 113 PRO A O   1 
ATOM   831  C  CB  . PRO A 1 113 ? 9.675   8.182   -3.588  1.00 11.74 ? 113 PRO A CB  1 
ATOM   832  C  CG  . PRO A 1 113 ? 9.526   7.255   -2.405  1.00 10.62 ? 113 PRO A CG  1 
ATOM   833  C  CD  . PRO A 1 113 ? 9.766   5.876   -3.005  1.00 11.56 ? 113 PRO A CD  1 
ATOM   834  N  N   . ALA A 1 114 ? 12.355  9.474   -3.655  1.00 10.79 ? 114 ALA A N   1 
ATOM   835  C  CA  . ALA A 1 114 ? 13.585  10.101  -3.081  1.00 11.23 ? 114 ALA A CA  1 
ATOM   836  C  C   . ALA A 1 114 ? 13.645  9.902   -1.587  1.00 11.38 ? 114 ALA A C   1 
ATOM   837  O  O   . ALA A 1 114 ? 12.596  9.589   -0.965  1.00 12.09 ? 114 ALA A O   1 
ATOM   838  C  CB  . ALA A 1 114 ? 13.413  11.617  -3.359  1.00 13.83 ? 114 ALA A CB  1 
ATOM   839  N  N   . PRO A 1 115 ? 14.750  10.129  -0.941  1.00 10.86 ? 115 PRO A N   1 
ATOM   840  C  CA  . PRO A 1 115 ? 14.887  9.986   0.501   1.00 10.25 ? 115 PRO A CA  1 
ATOM   841  C  C   . PRO A 1 115 ? 13.842  10.853  1.160   1.00 9.44  ? 115 PRO A C   1 
ATOM   842  O  O   . PRO A 1 115 ? 13.515  11.955  0.684   1.00 11.85 ? 115 PRO A O   1 
ATOM   843  C  CB  . PRO A 1 115 ? 16.303  10.533  0.798   1.00 10.21 ? 115 PRO A CB  1 
ATOM   844  C  CG  . PRO A 1 115 ? 17.039  10.138  -0.483  1.00 11.36 ? 115 PRO A CG  1 
ATOM   845  C  CD  . PRO A 1 115 ? 16.042  10.539  -1.566  1.00 9.47  ? 115 PRO A CD  1 
ATOM   846  N  N   . GLY A 1 116 ? 13.201  10.334  2.237   1.00 9.55  ? 116 GLY A N   1 
ATOM   847  C  CA  . GLY A 1 116 ? 12.155  11.103  2.891   1.00 10.83 ? 116 GLY A CA  1 
ATOM   848  C  C   . GLY A 1 116 ? 11.262  10.070  3.656   1.00 9.55  ? 116 GLY A C   1 
ATOM   849  O  O   . GLY A 1 116 ? 11.655  8.936   3.764   1.00 10.58 ? 116 GLY A O   1 
ATOM   850  N  N   . THR A 1 117 ? 10.181  10.610  4.153   1.00 9.86  ? 117 THR A N   1 
ATOM   851  C  CA  . THR A 1 117 ? 9.246   9.780   4.957   1.00 10.80 ? 117 THR A CA  1 
ATOM   852  C  C   . THR A 1 117 ? 7.875   9.855   4.293   1.00 8.94  ? 117 THR A C   1 
ATOM   853  O  O   . THR A 1 117 ? 7.416   10.847  3.772   1.00 11.04 ? 117 THR A O   1 
ATOM   854  C  CB  . THR A 1 117 ? 9.185   10.348  6.371   1.00 10.58 ? 117 THR A CB  1 
ATOM   855  O  OG1 A THR A 1 117 ? 10.480  10.224  6.972   0.50 8.93  ? 117 THR A OG1 1 
ATOM   856  O  OG1 B THR A 1 117 ? 8.771   11.727  6.292   0.50 12.33 ? 117 THR A OG1 1 
ATOM   857  C  CG2 A THR A 1 117 ? 8.180   9.612   7.250   0.50 7.30  ? 117 THR A CG2 1 
ATOM   858  C  CG2 B THR A 1 117 ? 10.497  10.244  7.094   0.50 11.69 ? 117 THR A CG2 1 
ATOM   859  N  N   . TYR A 1 118 ? 7.255   8.664   4.217   1.00 9.63  ? 118 TYR A N   1 
ATOM   860  C  CA  . TYR A 1 118 ? 6.060   8.490   3.412   1.00 11.15 ? 118 TYR A CA  1 
ATOM   861  C  C   . TYR A 1 118 ? 5.099   7.539   4.162   1.00 11.61 ? 118 TYR A C   1 
ATOM   862  O  O   . TYR A 1 118 ? 5.579   6.572   4.759   1.00 13.23 ? 118 TYR A O   1 
ATOM   863  C  CB  . TYR A 1 118 ? 6.428   7.769   2.094   1.00 10.88 ? 118 TYR A CB  1 
ATOM   864  C  CG  . TYR A 1 118 ? 7.435   8.538   1.255   1.00 10.39 ? 118 TYR A CG  1 
ATOM   865  C  CD1 . TYR A 1 118 ? 8.799   8.352   1.454   1.00 12.26 ? 118 TYR A CD1 1 
ATOM   866  C  CD2 . TYR A 1 118 ? 6.992   9.344   0.226   1.00 10.09 ? 118 TYR A CD2 1 
ATOM   867  C  CE1 . TYR A 1 118 ? 9.700   9.073   0.666   1.00 10.87 ? 118 TYR A CE1 1 
ATOM   868  C  CE2 . TYR A 1 118 ? 7.893   10.007  -0.606  1.00 13.16 ? 118 TYR A CE2 1 
ATOM   869  C  CZ  . TYR A 1 118 ? 9.234   9.870   -0.328  1.00 11.11 ? 118 TYR A CZ  1 
ATOM   870  O  OH  . TYR A 1 118 ? 10.147  10.543  -1.158  1.00 11.49 ? 118 TYR A OH  1 
ATOM   871  N  N   . LEU A 1 119 ? 3.822   7.832   4.106   1.00 11.34 ? 119 LEU A N   1 
ATOM   872  C  CA  . LEU A 1 119 ? 2.886   6.867   4.728   1.00 12.72 ? 119 LEU A CA  1 
ATOM   873  C  C   . LEU A 1 119 ? 2.523   5.782   3.717   1.00 9.90  ? 119 LEU A C   1 
ATOM   874  O  O   . LEU A 1 119 ? 2.373   6.048   2.528   1.00 9.46  ? 119 LEU A O   1 
ATOM   875  C  CB  . LEU A 1 119 ? 1.583   7.578   5.106   1.00 12.97 ? 119 LEU A CB  1 
ATOM   876  C  CG  . LEU A 1 119 ? 1.613   8.439   6.357   1.00 16.41 ? 119 LEU A CG  1 
ATOM   877  C  CD1 . LEU A 1 119 ? 0.211   9.054   6.558   1.00 18.12 ? 119 LEU A CD1 1 
ATOM   878  C  CD2 . LEU A 1 119 ? 2.016   7.661   7.580   1.00 18.05 ? 119 LEU A CD2 1 
ATOM   879  N  N   . TYR A 1 120 ? 2.288   4.589   4.264   1.00 8.18  ? 120 TYR A N   1 
ATOM   880  C  CA  . TYR A 1 120 ? 1.581   3.549   3.523   1.00 8.99  ? 120 TYR A CA  1 
ATOM   881  C  C   . TYR A 1 120 ? 0.254   3.294   4.326   1.00 9.27  ? 120 TYR A C   1 
ATOM   882  O  O   . TYR A 1 120 ? 0.286   3.434   5.547   1.00 10.11 ? 120 TYR A O   1 
ATOM   883  C  CB  . TYR A 1 120 ? 2.320   2.285   3.314   1.00 8.10  ? 120 TYR A CB  1 
ATOM   884  C  CG  . TYR A 1 120 ? 2.945   1.623   4.504   1.00 7.85  ? 120 TYR A CG  1 
ATOM   885  C  CD1 . TYR A 1 120 ? 4.279   1.971   4.880   1.00 8.15  ? 120 TYR A CD1 1 
ATOM   886  C  CD2 . TYR A 1 120 ? 2.294   0.643   5.255   1.00 7.94  ? 120 TYR A CD2 1 
ATOM   887  C  CE1 . TYR A 1 120 ? 4.866   1.321   5.926   1.00 8.50  ? 120 TYR A CE1 1 
ATOM   888  C  CE2 . TYR A 1 120 ? 2.903   0.023   6.315   1.00 8.92  ? 120 TYR A CE2 1 
ATOM   889  C  CZ  . TYR A 1 120 ? 4.206   0.363   6.658   1.00 9.40  ? 120 TYR A CZ  1 
ATOM   890  O  OH  . TYR A 1 120 ? 4.814   -0.236  7.726   1.00 10.58 ? 120 TYR A OH  1 
ATOM   891  N  N   . ILE A 1 121 ? -0.800  3.065   3.597   1.00 10.85 ? 121 ILE A N   1 
ATOM   892  C  CA  . ILE A 1 121 ? -2.114  2.874   4.240   1.00 10.47 ? 121 ILE A CA  1 
ATOM   893  C  C   . ILE A 1 121 ? -2.819  1.726   3.545   1.00 11.41 ? 121 ILE A C   1 
ATOM   894  O  O   . ILE A 1 121 ? -2.434  1.235   2.481   1.00 9.21  ? 121 ILE A O   1 
ATOM   895  C  CB  . ILE A 1 121 ? -3.031  4.132   4.065   1.00 12.90 ? 121 ILE A CB  1 
ATOM   896  C  CG1 . ILE A 1 121 ? -3.340  4.402   2.628   1.00 12.59 ? 121 ILE A CG1 1 
ATOM   897  C  CG2 . ILE A 1 121 ? -2.352  5.340   4.740   1.00 11.67 ? 121 ILE A CG2 1 
ATOM   898  C  CD1 . ILE A 1 121 ? -4.211  5.647   2.362   1.00 9.76  ? 121 ILE A CD1 1 
ATOM   899  N  N   . CYS A 1 122 ? -3.953  1.334   4.128   1.00 9.50  ? 122 CYS A N   1 
ATOM   900  C  CA  . CYS A 1 122 ? -4.890  0.446   3.453   1.00 13.46 ? 122 CYS A CA  1 
ATOM   901  C  C   . CYS A 1 122 ? -6.090  1.332   3.044   1.00 12.84 ? 122 CYS A C   1 
ATOM   902  O  O   . CYS A 1 122 ? -6.475  2.176   3.865   1.00 11.85 ? 122 CYS A O   1 
ATOM   903  C  CB  . CYS A 1 122 ? -5.327  -0.666  4.360   1.00 13.05 ? 122 CYS A CB  1 
ATOM   904  S  SG  . CYS A 1 122 ? -6.695  -1.659  3.676   1.00 11.85 ? 122 CYS A SG  1 
ATOM   905  N  N   . THR A 1 123 ? -6.588  1.189   1.850   1.00 14.02 ? 123 THR A N   1 
ATOM   906  C  CA  . THR A 1 123 ? -7.707  2.002   1.405   1.00 11.78 ? 123 THR A CA  1 
ATOM   907  C  C   . THR A 1 123 ? -9.060  1.300   1.472   1.00 13.99 ? 123 THR A C   1 
ATOM   908  O  O   . THR A 1 123 ? -10.033 1.947   1.047   1.00 13.99 ? 123 THR A O   1 
ATOM   909  C  CB  . THR A 1 123 ? -7.509  2.594   0.017   1.00 12.55 ? 123 THR A CB  1 
ATOM   910  O  OG1 . THR A 1 123 ? -7.279  1.593   -0.974  1.00 11.65 ? 123 THR A OG1 1 
ATOM   911  C  CG2 . THR A 1 123 ? -6.325  3.574   0.072   1.00 11.26 ? 123 THR A CG2 1 
ATOM   912  N  N   . PHE A 1 124 ? -9.121  0.109   2.034   1.00 12.55 ? 124 PHE A N   1 
ATOM   913  C  CA  . PHE A 1 124 ? -10.512 -0.477  2.162   1.00 13.87 ? 124 PHE A CA  1 
ATOM   914  C  C   . PHE A 1 124 ? -11.288 0.470   3.088   1.00 13.58 ? 124 PHE A C   1 
ATOM   915  O  O   . PHE A 1 124 ? -10.750 0.929   4.072   1.00 12.89 ? 124 PHE A O   1 
ATOM   916  C  CB  . PHE A 1 124 ? -10.382 -1.851  2.806   1.00 10.68 ? 124 PHE A CB  1 
ATOM   917  C  CG  . PHE A 1 124 ? -11.707 -2.582  2.624   1.00 15.20 ? 124 PHE A CG  1 
ATOM   918  C  CD1 . PHE A 1 124 ? -12.031 -3.159  1.428   1.00 14.07 ? 124 PHE A CD1 1 
ATOM   919  C  CD2 . PHE A 1 124 ? -12.637 -2.502  3.657   1.00 16.58 ? 124 PHE A CD2 1 
ATOM   920  C  CE1 . PHE A 1 124 ? -13.274 -3.760  1.259   1.00 17.67 ? 124 PHE A CE1 1 
ATOM   921  C  CE2 . PHE A 1 124 ? -13.880 -3.091  3.480   1.00 17.76 ? 124 PHE A CE2 1 
ATOM   922  C  CZ  . PHE A 1 124 ? -14.198 -3.709  2.288   1.00 19.43 ? 124 PHE A CZ  1 
ATOM   923  N  N   . PRO A 1 125 ? -12.524 0.776   2.728   1.00 15.66 ? 125 PRO A N   1 
ATOM   924  C  CA  . PRO A 1 125 ? -13.329 1.727   3.503   1.00 15.90 ? 125 PRO A CA  1 
ATOM   925  C  C   . PRO A 1 125 ? -13.221 1.576   4.985   1.00 15.30 ? 125 PRO A C   1 
ATOM   926  O  O   . PRO A 1 125 ? -13.391 0.517   5.568   1.00 17.15 ? 125 PRO A O   1 
ATOM   927  C  CB  . PRO A 1 125 ? -14.761 1.424   3.032   1.00 14.88 ? 125 PRO A CB  1 
ATOM   928  C  CG  . PRO A 1 125 ? -14.592 0.943   1.645   1.00 16.28 ? 125 PRO A CG  1 
ATOM   929  C  CD  . PRO A 1 125 ? -13.270 0.184   1.616   1.00 16.21 ? 125 PRO A CD  1 
ATOM   930  N  N   . GLY A 1 126 ? -12.871 2.704   5.674   1.00 15.59 ? 126 GLY A N   1 
ATOM   931  C  CA  . GLY A 1 126 ? -12.724 2.692   7.097   1.00 16.47 ? 126 GLY A CA  1 
ATOM   932  C  C   . GLY A 1 126 ? -11.413 2.316   7.692   1.00 15.53 ? 126 GLY A C   1 
ATOM   933  O  O   . GLY A 1 126 ? -11.104 2.630   8.854   1.00 16.54 ? 126 GLY A O   1 
ATOM   934  N  N   . HIS A 1 127 ? -10.563 1.529   6.979   1.00 14.56 ? 127 HIS A N   1 
ATOM   935  C  CA  . HIS A 1 127 ? -9.352  1.028   7.588   1.00 13.37 ? 127 HIS A CA  1 
ATOM   936  C  C   . HIS A 1 127 ? -8.315  2.104   7.872   1.00 9.69  ? 127 HIS A C   1 
ATOM   937  O  O   . HIS A 1 127 ? -7.713  2.080   8.941   1.00 12.37 ? 127 HIS A O   1 
ATOM   938  C  CB  . HIS A 1 127 ? -8.766  -0.060  6.637   1.00 10.97 ? 127 HIS A CB  1 
ATOM   939  C  CG  . HIS A 1 127 ? -9.622  -1.294  6.666   1.00 13.56 ? 127 HIS A CG  1 
ATOM   940  N  ND1 . HIS A 1 127 ? -9.133  -2.523  6.194   1.00 9.43  ? 127 HIS A ND1 1 
ATOM   941  C  CD2 . HIS A 1 127 ? -10.862 -1.554  7.107   1.00 17.06 ? 127 HIS A CD2 1 
ATOM   942  C  CE1 . HIS A 1 127 ? -10.068 -3.464  6.382   1.00 20.94 ? 127 HIS A CE1 1 
ATOM   943  N  NE2 . HIS A 1 127 ? -11.085 -2.900  6.926   1.00 17.62 ? 127 HIS A NE2 1 
ATOM   944  N  N   . TYR A 1 128 ? -8.173  3.049   6.947   1.00 12.88 ? 128 TYR A N   1 
ATOM   945  C  CA  . TYR A 1 128 ? -7.214  4.156   7.164   1.00 15.56 ? 128 TYR A CA  1 
ATOM   946  C  C   . TYR A 1 128 ? -7.613  5.005   8.361   1.00 14.15 ? 128 TYR A C   1 
ATOM   947  O  O   . TYR A 1 128 ? -6.843  5.131   9.319   1.00 15.95 ? 128 TYR A O   1 
ATOM   948  C  CB  . TYR A 1 128 ? -7.110  4.988   5.886   1.00 13.71 ? 128 TYR A CB  1 
ATOM   949  C  CG  . TYR A 1 128 ? -6.319  6.276   6.096   1.00 16.80 ? 128 TYR A CG  1 
ATOM   950  C  CD1 . TYR A 1 128 ? -5.054  6.241   6.643   1.00 17.85 ? 128 TYR A CD1 1 
ATOM   951  C  CD2 . TYR A 1 128 ? -6.935  7.503   5.886   1.00 21.38 ? 128 TYR A CD2 1 
ATOM   952  C  CE1 . TYR A 1 128 ? -4.375  7.408   6.954   1.00 18.30 ? 128 TYR A CE1 1 
ATOM   953  C  CE2 . TYR A 1 128 ? -6.265  8.686   6.194   1.00 22.78 ? 128 TYR A CE2 1 
ATOM   954  C  CZ  . TYR A 1 128 ? -4.983  8.622   6.673   1.00 20.72 ? 128 TYR A CZ  1 
ATOM   955  O  OH  . TYR A 1 128 ? -4.324  9.793   7.023   1.00 22.23 ? 128 TYR A OH  1 
ATOM   956  N  N   . LEU A 1 129 ? -8.927  5.282   8.469   1.00 16.22 ? 129 LEU A N   1 
ATOM   957  C  CA  . LEU A 1 129 ? -9.396  6.022   9.669   1.00 18.15 ? 129 LEU A CA  1 
ATOM   958  C  C   . LEU A 1 129 ? -9.301  5.197   10.916  1.00 16.39 ? 129 LEU A C   1 
ATOM   959  O  O   . LEU A 1 129 ? -9.031  5.745   12.019  1.00 18.52 ? 129 LEU A O   1 
ATOM   960  C  CB  . LEU A 1 129 ? -10.840 6.489   9.467   1.00 24.73 ? 129 LEU A CB  1 
ATOM   961  C  CG  . LEU A 1 129 ? -11.084 7.505   8.358   1.00 31.08 ? 129 LEU A CG  1 
ATOM   962  C  CD1 . LEU A 1 129 ? -12.580 7.819   8.263   1.00 34.05 ? 129 LEU A CD1 1 
ATOM   963  C  CD2 . LEU A 1 129 ? -10.285 8.772   8.587   1.00 32.14 ? 129 LEU A CD2 1 
ATOM   964  N  N   . ALA A 1 130 ? -9.365  3.866   10.832  1.00 14.29 ? 130 ALA A N   1 
ATOM   965  C  CA  . ALA A 1 130 ? -9.196  3.017   11.970  1.00 13.89 ? 130 ALA A CA  1 
ATOM   966  C  C   . ALA A 1 130 ? -7.766  2.849   12.419  1.00 13.96 ? 130 ALA A C   1 
ATOM   967  O  O   . ALA A 1 130 ? -7.498  2.152   13.401  1.00 16.19 ? 130 ALA A O   1 
ATOM   968  C  CB  . ALA A 1 130 ? -9.895  1.682   11.809  1.00 16.04 ? 130 ALA A CB  1 
ATOM   969  N  N   . GLY A 1 131 ? -6.808  3.422   11.655  1.00 14.57 ? 131 GLY A N   1 
ATOM   970  C  CA  . GLY A 1 131 ? -5.417  3.381   12.007  1.00 15.36 ? 131 GLY A CA  1 
ATOM   971  C  C   . GLY A 1 131 ? -4.548  2.449   11.151  1.00 12.70 ? 131 GLY A C   1 
ATOM   972  O  O   . GLY A 1 131 ? -3.405  2.167   11.588  1.00 15.33 ? 131 GLY A O   1 
ATOM   973  N  N   . MET A 1 132 ? -5.095  1.872   10.118  1.00 12.38 ? 132 MET A N   1 
ATOM   974  C  CA  . MET A 1 132 ? -4.320  0.914   9.288   1.00 11.17 ? 132 MET A CA  1 
ATOM   975  C  C   . MET A 1 132 ? -3.388  1.717   8.355   1.00 11.69 ? 132 MET A C   1 
ATOM   976  O  O   . MET A 1 132 ? -3.719  2.063   7.249   1.00 9.49  ? 132 MET A O   1 
ATOM   977  C  CB  . MET A 1 132 ? -5.224  0.021   8.464   1.00 11.34 ? 132 MET A CB  1 
ATOM   978  C  CG  . MET A 1 132 ? -4.342  -1.095  7.771   1.00 9.13  ? 132 MET A CG  1 
ATOM   979  S  SD  . MET A 1 132 ? -5.426  -2.525  7.409   1.00 11.99 ? 132 MET A SD  1 
ATOM   980  C  CE  . MET A 1 132 ? -4.168  -3.557  6.563   1.00 10.26 ? 132 MET A CE  1 
ATOM   981  N  N   . LYS A 1 133 ? -2.208  1.939   8.927   1.00 13.54 ? 133 LYS A N   1 
ATOM   982  C  CA  . LYS A 1 133 ? -1.205  2.779   8.216   1.00 12.49 ? 133 LYS A CA  1 
ATOM   983  C  C   . LYS A 1 133 ? 0.153   2.392   8.806   1.00 12.80 ? 133 LYS A C   1 
ATOM   984  O  O   . LYS A 1 133 ? 0.217   1.817   9.863   1.00 12.97 ? 133 LYS A O   1 
ATOM   985  C  CB  . LYS A 1 133 ? -1.494  4.229   8.414   1.00 14.58 ? 133 LYS A CB  1 
ATOM   986  C  CG  . LYS A 1 133 ? -1.427  4.768   9.838   1.00 17.67 ? 133 LYS A CG  1 
ATOM   987  C  CD  . LYS A 1 133 ? -1.774  6.263   9.767   1.00 22.81 ? 133 LYS A CD  1 
ATOM   988  C  CE  . LYS A 1 133 ? -2.220  6.794   11.122  1.00 25.49 ? 133 LYS A CE  1 
ATOM   989  N  NZ  . LYS A 1 133 ? -2.907  8.132   10.906  1.00 29.36 ? 133 LYS A NZ  1 
ATOM   990  N  N   . GLY A 1 134 ? 1.203   2.929   8.173   1.00 11.19 ? 134 GLY A N   1 
ATOM   991  C  CA  . GLY A 1 134 ? 2.566   2.695   8.715   1.00 10.70 ? 134 GLY A CA  1 
ATOM   992  C  C   . GLY A 1 134 ? 3.469   3.727   7.977   1.00 9.82  ? 134 GLY A C   1 
ATOM   993  O  O   . GLY A 1 134 ? 2.987   4.421   7.083   1.00 10.32 ? 134 GLY A O   1 
ATOM   994  N  N   . THR A 1 135 ? 4.695   3.803   8.436   1.00 11.52 ? 135 THR A N   1 
ATOM   995  C  CA  . THR A 1 135 ? 5.600   4.812   7.884   1.00 11.10 ? 135 THR A CA  1 
ATOM   996  C  C   . THR A 1 135 ? 6.760   4.121   7.145   1.00 9.07  ? 135 THR A C   1 
ATOM   997  O  O   . THR A 1 135 ? 7.456   3.311   7.722   1.00 9.20  ? 135 THR A O   1 
ATOM   998  C  CB  . THR A 1 135 ? 6.173   5.675   9.022   1.00 10.56 ? 135 THR A CB  1 
ATOM   999  O  OG1 . THR A 1 135 ? 5.084   6.428   9.614   1.00 14.74 ? 135 THR A OG1 1 
ATOM   1000 C  CG2 . THR A 1 135 ? 7.199   6.666   8.482   1.00 11.89 ? 135 THR A CG2 1 
ATOM   1001 N  N   . LEU A 1 136 ? 6.910   4.538   5.894   1.00 9.89  ? 136 LEU A N   1 
ATOM   1002 C  CA  . LEU A 1 136 ? 8.102   4.083   5.128   1.00 9.51  ? 136 LEU A CA  1 
ATOM   1003 C  C   . LEU A 1 136 ? 9.143   5.226   5.222   1.00 9.94  ? 136 LEU A C   1 
ATOM   1004 O  O   . LEU A 1 136 ? 8.860   6.337   4.786   1.00 9.92  ? 136 LEU A O   1 
ATOM   1005 C  CB  . LEU A 1 136 ? 7.735   3.873   3.653   1.00 9.77  ? 136 LEU A CB  1 
ATOM   1006 C  CG  . LEU A 1 136 ? 8.991   3.687   2.737   1.00 9.22  ? 136 LEU A CG  1 
ATOM   1007 C  CD1 . LEU A 1 136 ? 9.732   2.416   3.092   1.00 10.52 ? 136 LEU A CD1 1 
ATOM   1008 C  CD2 . LEU A 1 136 ? 8.532   3.656   1.290   1.00 9.52  ? 136 LEU A CD2 1 
ATOM   1009 N  N   . THR A 1 137 ? 10.309  4.896   5.717   1.00 10.07 ? 137 THR A N   1 
ATOM   1010 C  CA  . THR A 1 137 ? 11.437  5.862   5.655   1.00 10.36 ? 137 THR A CA  1 
ATOM   1011 C  C   . THR A 1 137 ? 12.383  5.409   4.502   1.00 7.86  ? 137 THR A C   1 
ATOM   1012 O  O   . THR A 1 137 ? 12.754  4.281   4.432   1.00 9.74  ? 137 THR A O   1 
ATOM   1013 C  CB  . THR A 1 137 ? 12.207  5.898   6.960   1.00 13.54 ? 137 THR A CB  1 
ATOM   1014 O  OG1 . THR A 1 137 ? 11.295  6.361   7.988   1.00 12.20 ? 137 THR A OG1 1 
ATOM   1015 C  CG2 . THR A 1 137 ? 13.331  6.946   6.871   1.00 13.24 ? 137 THR A CG2 1 
ATOM   1016 N  N   . VAL A 1 138 ? 12.518  6.351   3.569   1.00 10.58 ? 138 VAL A N   1 
ATOM   1017 C  CA  . VAL A 1 138 ? 13.368  6.036   2.396   1.00 10.16 ? 138 VAL A CA  1 
ATOM   1018 C  C   . VAL A 1 138 ? 14.724  6.719   2.632   1.00 10.10 ? 138 VAL A C   1 
ATOM   1019 O  O   . VAL A 1 138 ? 14.769  7.909   2.924   1.00 10.38 ? 138 VAL A O   1 
ATOM   1020 C  CB  . VAL A 1 138 ? 12.709  6.540   1.137   1.00 10.60 ? 138 VAL A CB  1 
ATOM   1021 C  CG1 . VAL A 1 138 ? 13.625  6.279   -0.072  1.00 13.40 ? 138 VAL A CG1 1 
ATOM   1022 C  CG2 . VAL A 1 138 ? 11.367  5.802   0.907   1.00 11.12 ? 138 VAL A CG2 1 
ATOM   1023 N  N   . THR A 1 139 ? 15.730  5.895   2.647   1.00 10.07 ? 139 THR A N   1 
ATOM   1024 C  CA  . THR A 1 139 ? 17.108  6.394   3.012   1.00 10.95 ? 139 THR A CA  1 
ATOM   1025 C  C   . THR A 1 139 ? 17.840  6.722   1.718   1.00 11.22 ? 139 THR A C   1 
ATOM   1026 O  O   . THR A 1 139 ? 17.354  6.616   0.621   1.00 12.04 ? 139 THR A O   1 
ATOM   1027 C  CB  . THR A 1 139 ? 17.809  5.266   3.765   1.00 11.04 ? 139 THR A CB  1 
ATOM   1028 O  OG1 . THR A 1 139 ? 17.965  4.127   2.881   1.00 11.37 ? 139 THR A OG1 1 
ATOM   1029 C  CG2 . THR A 1 139 ? 16.964  4.832   4.973   1.00 13.42 ? 139 THR A CG2 1 
ATOM   1030 N  N   . PRO A 1 140 ? 19.085  7.269   1.917   1.00 10.75 ? 140 PRO A N   1 
ATOM   1031 C  CA  . PRO A 1 140 ? 19.820  7.776   0.756   1.00 13.63 ? 140 PRO A CA  1 
ATOM   1032 C  C   . PRO A 1 140 ? 19.952  6.874   -0.415  1.00 16.46 ? 140 PRO A C   1 
ATOM   1033 O  O   . PRO A 1 140 ? 20.258  5.678   -0.309  1.00 18.44 ? 140 PRO A O   1 
ATOM   1034 C  CB  . PRO A 1 140 ? 21.175  8.196   1.329   1.00 11.54 ? 140 PRO A CB  1 
ATOM   1035 C  CG  . PRO A 1 140 ? 20.747  8.735   2.688   1.00 10.91 ? 140 PRO A CG  1 
ATOM   1036 C  CD  . PRO A 1 140 ? 19.841  7.606   3.187   1.00 10.59 ? 140 PRO A CD  1 
ATOM   1037 O  OXT . PRO A 1 140 ? 19.988  7.442   -1.567  1.00 17.94 ? 140 PRO A OXT 1 
HETATM 1038 CU CU  . CU  B 2 .   ? -7.335  -2.935  5.342   1.00 13.92 ? 141 CU  A CU  1 
HETATM 1039 CL CL  . CL  C 3 .   ? -14.042 -3.613  7.666   0.50 18.52 ? 142 CL  A CL  1 
HETATM 1040 S  S   . SO4 D 4 .   ? 12.073  -15.003 -4.013  0.25 39.39 ? 143 SO4 A S   1 
HETATM 1041 O  O1  . SO4 D 4 .   ? 11.104  -14.032 -3.411  0.25 39.74 ? 143 SO4 A O1  1 
HETATM 1042 O  O2  . SO4 D 4 .   ? 11.798  -15.134 -5.481  0.25 39.73 ? 143 SO4 A O2  1 
HETATM 1043 O  O3  . SO4 D 4 .   ? 13.462  -14.492 -3.787  0.25 39.75 ? 143 SO4 A O3  1 
HETATM 1044 O  O4  . SO4 D 4 .   ? 11.928  -16.350 -3.374  0.25 39.74 ? 143 SO4 A O4  1 
HETATM 1045 S  S   . SO4 E 4 .   ? 1.203   15.918  3.810   1.00 48.82 ? 144 SO4 A S   1 
HETATM 1046 O  O1  . SO4 E 4 .   ? 0.071   14.968  3.640   1.00 48.45 ? 144 SO4 A O1  1 
HETATM 1047 O  O2  . SO4 E 4 .   ? 0.847   17.252  3.208   1.00 50.15 ? 144 SO4 A O2  1 
HETATM 1048 O  O3  . SO4 E 4 .   ? 2.421   15.399  3.076   1.00 49.22 ? 144 SO4 A O3  1 
HETATM 1049 O  O4  . SO4 E 4 .   ? 1.523   16.080  5.261   1.00 48.75 ? 144 SO4 A O4  1 
HETATM 1050 O  O   . HOH F 5 .   ? 5.343   -10.132 -8.758  0.50 14.62 ? 145 HOH A O   1 
HETATM 1051 O  O   . HOH F 5 .   ? -1.565  -5.842  -13.449 0.50 21.46 ? 146 HOH A O   1 
HETATM 1052 O  O   . HOH F 5 .   ? 13.340  10.823  6.081   0.50 15.05 ? 147 HOH A O   1 
HETATM 1053 O  O   . HOH F 5 .   ? 9.973   13.735  3.773   0.50 7.67  ? 148 HOH A O   1 
HETATM 1054 O  O   . HOH F 5 .   ? -10.608 -10.188 16.331  0.50 15.88 ? 149 HOH A O   1 
HETATM 1055 O  O   . HOH F 5 .   ? -9.704  -11.619 18.350  0.50 32.88 ? 150 HOH A O   1 
HETATM 1056 O  O   . HOH F 5 .   ? 7.095   15.260  1.209   0.50 35.95 ? 151 HOH A O   1 
HETATM 1057 O  O   . HOH F 5 .   ? 15.435  -2.260  3.522   0.50 12.15 ? 152 HOH A O   1 
HETATM 1058 O  O   . HOH F 5 .   ? 16.442  0.149   4.889   0.50 19.78 ? 153 HOH A O   1 
HETATM 1059 O  O   . HOH F 5 .   ? 1.373   -7.414  -11.437 0.50 19.27 ? 154 HOH A O   1 
HETATM 1060 O  O   . HOH F 5 .   ? -5.295  -3.364  -14.664 0.50 30.63 ? 155 HOH A O   1 
HETATM 1061 O  O   . HOH F 5 .   ? -1.220  -6.925  -6.001  1.00 12.37 ? 156 HOH A O   1 
HETATM 1062 O  O   . HOH F 5 .   ? -6.789  -7.943  9.722   1.00 14.76 ? 157 HOH A O   1 
HETATM 1063 O  O   . HOH F 5 .   ? -9.747  3.422   4.380   1.00 16.42 ? 158 HOH A O   1 
HETATM 1064 O  O   . HOH F 5 .   ? 10.011  4.236   9.024   1.00 12.32 ? 159 HOH A O   1 
HETATM 1065 O  O   . HOH F 5 .   ? 11.426  -0.183  9.654   1.00 15.31 ? 160 HOH A O   1 
HETATM 1066 O  O   . HOH F 5 .   ? -13.797 -7.061  3.536   1.00 17.90 ? 161 HOH A O   1 
HETATM 1067 O  O   . HOH F 5 .   ? 15.522  9.136   5.269   1.00 12.44 ? 162 HOH A O   1 
HETATM 1068 O  O   . HOH F 5 .   ? 3.636   -3.096  -13.979 1.00 33.59 ? 163 HOH A O   1 
HETATM 1069 O  O   . HOH F 5 .   ? 1.078   -10.003 -7.453  1.00 16.01 ? 164 HOH A O   1 
HETATM 1070 O  O   . HOH F 5 .   ? -7.862  -10.087 -4.848  1.00 21.79 ? 165 HOH A O   1 
HETATM 1071 O  O   . HOH F 5 .   ? 21.286  2.165   -2.998  1.00 42.69 ? 166 HOH A O   1 
HETATM 1072 O  O   . HOH F 5 .   ? -7.005  12.849  -5.314  1.00 30.43 ? 167 HOH A O   1 
HETATM 1073 O  O   . HOH F 5 .   ? 7.812   11.409  -4.806  1.00 26.20 ? 168 HOH A O   1 
HETATM 1074 O  O   . HOH F 5 .   ? -12.349 5.186   3.242   1.00 29.02 ? 169 HOH A O   1 
HETATM 1075 O  O   . HOH F 5 .   ? -6.326  0.853   -9.762  1.00 24.14 ? 170 HOH A O   1 
HETATM 1076 O  O   . HOH F 5 .   ? 17.997  10.171  4.432   1.00 14.91 ? 171 HOH A O   1 
HETATM 1077 O  O   . HOH F 5 .   ? 6.937   9.625   -8.900  1.00 32.18 ? 172 HOH A O   1 
HETATM 1078 O  O   . HOH F 5 .   ? 3.695   -4.242  -9.955  1.00 18.26 ? 173 HOH A O   1 
HETATM 1079 O  O   . HOH F 5 .   ? 19.594  -2.069  1.068   1.00 20.72 ? 174 HOH A O   1 
HETATM 1080 O  O   . HOH F 5 .   ? 2.523   5.724   10.492  1.00 24.92 ? 175 HOH A O   1 
HETATM 1081 O  O   . HOH F 5 .   ? 2.499   -6.634  -9.215  1.00 18.12 ? 176 HOH A O   1 
HETATM 1082 O  O   . HOH F 5 .   ? -6.478  15.699  2.326   1.00 31.57 ? 177 HOH A O   1 
HETATM 1083 O  O   . HOH F 5 .   ? -13.065 3.295   10.569  1.00 27.98 ? 178 HOH A O   1 
HETATM 1084 O  O   . HOH F 5 .   ? 6.913   -2.810  12.994  1.00 32.25 ? 179 HOH A O   1 
HETATM 1085 O  O   . HOH F 5 .   ? -13.745 10.263  2.557   1.00 42.98 ? 180 HOH A O   1 
HETATM 1086 O  O   . HOH F 5 .   ? -9.217  12.715  -3.146  1.00 26.96 ? 181 HOH A O   1 
HETATM 1087 O  O   . HOH F 5 .   ? 12.841  7.394   -7.460  1.00 41.93 ? 182 HOH A O   1 
HETATM 1088 O  O   . HOH F 5 .   ? -10.535 13.841  1.527   1.00 42.35 ? 183 HOH A O   1 
HETATM 1089 O  O   . HOH F 5 .   ? -10.573 -8.462  -2.698  1.00 23.83 ? 184 HOH A O   1 
HETATM 1090 O  O   . HOH F 5 .   ? 2.462   -4.006  -16.549 1.00 36.91 ? 185 HOH A O   1 
HETATM 1091 O  O   . HOH F 5 .   ? -16.242 -6.163  -0.090  1.00 28.36 ? 186 HOH A O   1 
HETATM 1092 O  O   . HOH F 5 .   ? -4.605  -18.685 2.172   1.00 33.90 ? 187 HOH A O   1 
HETATM 1093 O  O   . HOH F 5 .   ? -5.504  15.005  6.961   1.00 29.45 ? 188 HOH A O   1 
HETATM 1094 O  O   . HOH F 5 .   ? 6.915   4.296   -13.065 1.00 27.96 ? 189 HOH A O   1 
HETATM 1095 O  O   . HOH F 5 .   ? 12.431  -12.397 -6.706  1.00 39.04 ? 190 HOH A O   1 
HETATM 1096 O  O   . HOH F 5 .   ? -9.854  11.439  5.993   1.00 35.39 ? 191 HOH A O   1 
HETATM 1097 O  O   . HOH F 5 .   ? -10.716 5.001   6.360   1.00 15.77 ? 192 HOH A O   1 
HETATM 1098 O  O   . HOH F 5 .   ? -11.493 -10.035 -4.995  1.00 31.35 ? 193 HOH A O   1 
HETATM 1099 O  O   . HOH F 5 .   ? 1.286   8.170   11.324  1.00 36.49 ? 194 HOH A O   1 
HETATM 1100 O  O   . HOH F 5 .   ? 0.908   -10.938 11.481  1.00 35.52 ? 195 HOH A O   1 
HETATM 1101 O  O   . HOH F 5 .   ? 12.059  -16.528 -7.744  1.00 40.39 ? 196 HOH A O   1 
HETATM 1102 O  O   . HOH F 5 .   ? 14.718  4.201   8.014   1.00 21.56 ? 197 HOH A O   1 
HETATM 1103 O  O   . HOH F 5 .   ? 8.806   -8.017  -9.558  1.00 16.07 ? 198 HOH A O   1 
HETATM 1104 O  O   . HOH F 5 .   ? 16.976  7.873   7.271   1.00 14.03 ? 199 HOH A O   1 
HETATM 1105 O  O   . HOH F 5 .   ? 20.360  4.182   1.623   1.00 16.47 ? 200 HOH A O   1 
HETATM 1106 O  O   . HOH F 5 .   ? 6.920   5.014   13.002  1.00 42.77 ? 201 HOH A O   1 
HETATM 1107 O  O   . HOH F 5 .   ? 1.673   -3.489  -11.652 1.00 28.43 ? 202 HOH A O   1 
HETATM 1108 O  O   . HOH F 5 .   ? 6.938   -6.410  -12.704 1.00 29.08 ? 203 HOH A O   1 
HETATM 1109 O  O   . HOH F 5 .   ? -11.281 12.197  -4.878  1.00 40.61 ? 204 HOH A O   1 
HETATM 1110 O  O   . HOH F 5 .   ? -8.235  9.273   -8.176  1.00 27.07 ? 205 HOH A O   1 
HETATM 1111 O  O   . HOH F 5 .   ? -8.693  15.324  0.607   1.00 31.49 ? 206 HOH A O   1 
HETATM 1112 O  O   . HOH F 5 .   ? -15.200 5.049   4.262   1.00 29.04 ? 207 HOH A O   1 
HETATM 1113 O  O   . HOH F 5 .   ? -12.242 5.861   12.880  1.00 52.46 ? 208 HOH A O   1 
HETATM 1114 O  O   . HOH F 5 .   ? -1.480  0.087   13.531  1.00 23.28 ? 209 HOH A O   1 
HETATM 1115 O  O   . HOH F 5 .   ? 14.817  13.762  -1.008  1.00 16.57 ? 210 HOH A O   1 
HETATM 1116 O  O   . HOH F 5 .   ? -9.190  15.148  -1.996  1.00 36.89 ? 211 HOH A O   1 
HETATM 1117 O  O   . HOH F 5 .   ? 19.586  -0.854  -7.027  1.00 28.38 ? 212 HOH A O   1 
HETATM 1118 O  O   . HOH F 5 .   ? -2.180  -15.783 1.139   1.00 37.06 ? 213 HOH A O   1 
HETATM 1119 O  O   . HOH F 5 .   ? 0.803   12.779  -9.074  1.00 48.85 ? 214 HOH A O   1 
HETATM 1120 O  O   . HOH F 5 .   ? -4.804  12.004  -3.941  1.00 19.74 ? 215 HOH A O   1 
HETATM 1121 O  O   . HOH F 5 .   ? 0.303   -13.423 8.850   1.00 33.74 ? 216 HOH A O   1 
HETATM 1122 O  O   . HOH F 5 .   ? -5.188  -15.508 10.285  1.00 34.17 ? 217 HOH A O   1 
HETATM 1123 O  O   . HOH F 5 .   ? -9.894  9.782   3.693   1.00 23.64 ? 218 HOH A O   1 
HETATM 1124 O  O   . HOH F 5 .   ? 9.293   5.198   -11.780 1.00 39.95 ? 219 HOH A O   1 
HETATM 1125 O  O   . HOH F 5 .   ? -10.714 -15.103 7.608   1.00 31.27 ? 220 HOH A O   1 
HETATM 1126 O  O   . HOH F 5 .   ? -5.701  7.458   10.388  1.00 27.19 ? 221 HOH A O   1 
HETATM 1127 O  O   . HOH F 5 .   ? 16.176  9.386   -5.477  1.00 35.75 ? 222 HOH A O   1 
HETATM 1128 O  O   . HOH F 5 .   ? -8.209  11.574  8.284   1.00 41.52 ? 223 HOH A O   1 
HETATM 1129 O  O   . HOH F 5 .   ? 4.401   4.016   12.385  1.00 30.11 ? 224 HOH A O   1 
HETATM 1130 O  O   . HOH F 5 .   ? -8.881  -17.463 4.808   1.00 53.17 ? 225 HOH A O   1 
HETATM 1131 O  O   . HOH F 5 .   ? -15.613 -8.436  -2.015  1.00 54.54 ? 226 HOH A O   1 
HETATM 1132 O  O   . HOH F 5 .   ? 21.571  7.779   6.481   1.00 14.49 ? 227 HOH A O   1 
HETATM 1133 O  O   . HOH F 5 .   ? 15.119  -9.296  -5.810  1.00 35.03 ? 228 HOH A O   1 
HETATM 1134 O  O   . HOH F 5 .   ? 0.459   2.656   12.480  1.00 27.30 ? 229 HOH A O   1 
HETATM 1135 O  O   . HOH F 5 .   ? 23.048  5.810   -1.297  1.00 42.32 ? 230 HOH A O   1 
HETATM 1136 O  O   . HOH F 5 .   ? 17.157  11.830  -5.050  1.00 38.19 ? 231 HOH A O   1 
HETATM 1137 O  O   . HOH F 5 .   ? 4.580   12.031  7.974   1.00 44.25 ? 232 HOH A O   1 
HETATM 1138 O  O   . HOH F 5 .   ? -10.402 13.784  4.649   1.00 45.50 ? 233 HOH A O   1 
HETATM 1139 O  O   . HOH F 5 .   ? -13.992 -13.509 12.552  1.00 46.98 ? 234 HOH A O   1 
HETATM 1140 O  O   . HOH F 5 .   ? -7.249  -14.949 -6.182  1.00 25.66 ? 235 HOH A O   1 
HETATM 1141 O  O   . HOH F 5 .   ? 8.365   -8.150  9.105   1.00 38.79 ? 236 HOH A O   1 
HETATM 1142 O  O   . HOH F 5 .   ? -0.968  17.785  0.327   1.00 52.12 ? 237 HOH A O   1 
HETATM 1143 O  O   . HOH F 5 .   ? 5.159   -13.778 0.005   1.00 45.79 ? 238 HOH A O   1 
HETATM 1144 O  O   . HOH F 5 .   ? -7.451  9.546   -11.316 1.00 47.18 ? 239 HOH A O   1 
HETATM 1145 O  O   . HOH F 5 .   ? 16.707  -3.359  -10.802 1.00 61.12 ? 240 HOH A O   1 
HETATM 1146 O  O   . HOH F 5 .   ? -7.513  16.054  5.019   1.00 49.61 ? 241 HOH A O   1 
HETATM 1147 O  O   . HOH F 5 .   ? 3.370   -13.780 -1.811  1.00 27.57 ? 242 HOH A O   1 
HETATM 1148 O  O   . HOH F 5 .   ? -6.412  -15.861 6.140   1.00 22.72 ? 243 HOH A O   1 
HETATM 1149 O  O   . HOH F 5 .   ? -8.245  -5.956  17.548  1.00 38.18 ? 244 HOH A O   1 
HETATM 1150 O  O   . HOH F 5 .   ? 17.497  1.050   -9.786  1.00 42.78 ? 245 HOH A O   1 
HETATM 1151 O  O   . HOH F 5 .   ? -11.973 15.877  -1.338  1.00 52.20 ? 246 HOH A O   1 
HETATM 1152 O  O   . HOH F 5 .   ? -9.227  8.594   12.179  1.00 48.59 ? 247 HOH A O   1 
HETATM 1153 O  O   . HOH F 5 .   ? 4.377   -10.436 10.398  1.00 37.07 ? 248 HOH A O   1 
HETATM 1154 O  O   . HOH F 5 .   ? 19.299  6.441   6.947   1.00 14.90 ? 249 HOH A O   1 
HETATM 1155 O  O   . HOH F 5 .   ? -1.222  -0.469  10.852  1.00 13.92 ? 250 HOH A O   1 
HETATM 1156 O  O   . HOH F 5 .   ? 5.488   -4.364  -12.096 1.00 15.03 ? 251 HOH A O   1 
HETATM 1157 O  O   . HOH F 5 .   ? 3.693   -6.699  -14.744 1.00 17.08 ? 252 HOH A O   1 
HETATM 1158 O  O   . HOH F 5 .   ? 17.133  -0.989  -8.289  1.00 14.33 ? 253 HOH A O   1 
HETATM 1159 O  O   . HOH F 5 .   ? 9.395   -7.318  -12.018 1.00 21.44 ? 254 HOH A O   1 
HETATM 1160 O  O   . HOH F 5 .   ? 4.862   -7.346  -8.667  1.00 18.68 ? 255 HOH A O   1 
HETATM 1161 O  O   . HOH F 5 .   ? 10.403  11.080  -5.196  1.00 17.37 ? 256 HOH A O   1 
HETATM 1162 O  O   . HOH F 5 .   ? -13.796 -0.470  8.029   1.00 16.87 ? 257 HOH A O   1 
HETATM 1163 O  O   . HOH F 5 .   ? 11.402  8.397   9.495   1.00 20.69 ? 258 HOH A O   1 
HETATM 1164 O  O   . HOH F 5 .   ? 10.698  -10.469 1.258   1.00 20.89 ? 259 HOH A O   1 
HETATM 1165 O  O   . HOH F 5 .   ? 12.717  3.602   9.854   1.00 21.19 ? 260 HOH A O   1 
HETATM 1166 O  O   . HOH F 5 .   ? 17.534  13.910  -1.014  1.00 16.34 ? 261 HOH A O   1 
HETATM 1167 O  O   . HOH F 5 .   ? 19.470  -2.246  -2.457  1.00 19.35 ? 262 HOH A O   1 
HETATM 1168 O  O   . HOH F 5 .   ? -11.453 4.326   1.077   1.00 22.51 ? 263 HOH A O   1 
HETATM 1169 O  O   . HOH F 5 .   ? 19.709  4.378   -2.880  1.00 17.45 ? 264 HOH A O   1 
HETATM 1170 O  O   . HOH F 5 .   ? -4.093  -8.675  15.763  1.00 26.02 ? 265 HOH A O   1 
HETATM 1171 O  O   . HOH F 5 .   ? 9.124   9.119   -6.870  1.00 26.29 ? 266 HOH A O   1 
HETATM 1172 O  O   . HOH F 5 .   ? -4.494  -0.159  -11.246 1.00 28.04 ? 267 HOH A O   1 
HETATM 1173 O  O   . HOH F 5 .   ? -2.370  3.549   13.612  1.00 31.88 ? 268 HOH A O   1 
HETATM 1174 O  O   . HOH F 5 .   ? -15.156 -11.435 11.303  1.00 18.53 ? 269 HOH A O   1 
HETATM 1175 O  O   . HOH F 5 .   ? -0.839  7.063   -9.087  1.00 23.84 ? 270 HOH A O   1 
HETATM 1176 O  O   . HOH F 5 .   ? 9.009   5.371   11.307  1.00 16.77 ? 271 HOH A O   1 
HETATM 1177 O  O   . HOH F 5 .   ? 9.203   -7.050  6.386   1.00 21.39 ? 272 HOH A O   1 
HETATM 1178 O  O   . HOH F 5 .   ? 19.120  13.313  1.308   1.00 16.25 ? 273 HOH A O   1 
HETATM 1179 O  O   . HOH F 5 .   ? 23.222  11.280  2.612   1.00 19.63 ? 274 HOH A O   1 
HETATM 1180 O  O   . HOH F 5 .   ? -12.174 -11.151 2.302   1.00 22.75 ? 275 HOH A O   1 
HETATM 1181 O  O   . HOH F 5 .   ? -1.217  -11.656 7.411   1.00 22.68 ? 276 HOH A O   1 
HETATM 1182 O  O   . HOH F 5 .   ? 19.596  0.163   -3.733  1.00 22.24 ? 277 HOH A O   1 
HETATM 1183 O  O   . HOH F 5 .   ? 15.935  -5.868  1.740   1.00 25.46 ? 278 HOH A O   1 
HETATM 1184 O  O   . HOH F 5 .   ? 5.394   8.267   11.438  1.00 24.54 ? 279 HOH A O   1 
HETATM 1185 O  O   . HOH F 5 .   ? 4.948   -12.148 -5.897  1.00 23.94 ? 280 HOH A O   1 
HETATM 1186 O  O   . HOH F 5 .   ? 0.301   -3.729  14.106  1.00 26.36 ? 281 HOH A O   1 
HETATM 1187 O  O   . HOH F 5 .   ? 18.828  12.303  -2.864  1.00 23.08 ? 282 HOH A O   1 
HETATM 1188 O  O   . HOH F 5 .   ? -1.792  -8.262  -11.288 1.00 30.00 ? 283 HOH A O   1 
HETATM 1189 O  O   . HOH F 5 .   ? 9.877   13.128  -1.407  1.00 22.09 ? 284 HOH A O   1 
HETATM 1190 O  O   . HOH F 5 .   ? 3.418   15.553  -1.170  1.00 28.31 ? 285 HOH A O   1 
HETATM 1191 O  O   . HOH F 5 .   ? -3.124  14.289  -3.504  1.00 29.41 ? 286 HOH A O   1 
HETATM 1192 O  O   . HOH F 5 .   ? -3.676  0.363   14.857  1.00 33.10 ? 287 HOH A O   1 
HETATM 1193 O  O   . HOH F 5 .   ? -6.164  15.564  -5.949  1.00 43.56 ? 288 HOH A O   1 
HETATM 1194 O  O   . HOH F 5 .   ? -2.511  -17.759 -0.565  1.00 28.88 ? 289 HOH A O   1 
HETATM 1195 O  O   . HOH F 5 .   ? 6.270   11.508  -7.070  1.00 37.29 ? 290 HOH A O   1 
HETATM 1196 O  O   . HOH F 5 .   ? -5.654  12.324  7.340   1.00 28.13 ? 291 HOH A O   1 
HETATM 1197 O  O   . HOH F 5 .   ? -1.686  3.397   -11.826 1.00 38.64 ? 292 HOH A O   1 
HETATM 1198 O  O   . HOH F 5 .   ? -11.141 -8.730  -7.471  1.00 32.01 ? 293 HOH A O   1 
HETATM 1199 O  O   . HOH F 5 .   ? 2.315   -11.962 -3.529  1.00 18.79 ? 294 HOH A O   1 
HETATM 1200 O  O   . HOH F 5 .   ? 20.442  10.201  -1.905  1.00 24.81 ? 295 HOH A O   1 
HETATM 1201 O  O   . HOH F 5 .   ? -5.930  -0.029  13.660  1.00 33.62 ? 296 HOH A O   1 
HETATM 1202 O  O   . HOH F 5 .   ? -14.875 -12.718 4.194   1.00 27.44 ? 297 HOH A O   1 
HETATM 1203 O  O   . HOH F 5 .   ? 2.198   9.737   -7.374  1.00 26.77 ? 298 HOH A O   1 
HETATM 1204 O  O   . HOH F 5 .   ? 19.584  7.361   -4.367  1.00 36.53 ? 299 HOH A O   1 
HETATM 1205 O  O   . HOH F 5 .   ? -11.566 -14.902 1.606   1.00 36.99 ? 300 HOH A O   1 
HETATM 1206 O  O   . HOH F 5 .   ? 21.214  11.837  0.306   1.00 30.27 ? 301 HOH A O   1 
HETATM 1207 O  O   . HOH F 5 .   ? -5.357  17.360  0.067   1.00 45.49 ? 302 HOH A O   1 
HETATM 1208 O  O   . HOH F 5 .   ? 10.960  1.199   -15.985 1.00 41.29 ? 303 HOH A O   1 
HETATM 1209 O  O   . HOH F 5 .   ? 1.405   17.301  -1.090  1.00 44.02 ? 304 HOH A O   1 
HETATM 1210 O  O   . HOH F 5 .   ? 10.810  -2.860  8.715   1.00 40.41 ? 305 HOH A O   1 
HETATM 1211 O  O   . HOH F 5 .   ? -12.864 15.006  -4.856  1.00 85.86 ? 306 HOH A O   1 
HETATM 1212 O  O   . HOH F 5 .   ? -3.966  9.994   13.344  1.00 97.49 ? 307 HOH A O   1 
HETATM 1213 O  O   . HOH F 5 .   ? -0.428  -1.547  15.286  1.00 33.68 ? 308 HOH A O   1 
HETATM 1214 O  O   . HOH F 5 .   ? 11.611  13.404  -6.053  1.00 43.09 ? 309 HOH A O   1 
HETATM 1215 O  O   . HOH F 5 .   ? -3.180  15.952  -1.228  1.00 35.79 ? 310 HOH A O   1 
HETATM 1216 O  O   . HOH F 5 .   ? 13.421  11.109  -7.527  1.00 88.81 ? 311 HOH A O   1 
HETATM 1217 O  O   . HOH F 5 .   ? -12.620 6.524   5.304   1.00 31.70 ? 312 HOH A O   1 
HETATM 1218 O  O   . HOH F 5 .   ? 4.875   9.562   8.011   1.00 57.60 ? 313 HOH A O   1 
HETATM 1219 O  O   . HOH F 5 .   ? -3.775  4.851   -16.589 1.00 51.77 ? 314 HOH A O   1 
HETATM 1220 O  O   . HOH F 5 .   ? -14.868 -10.497 0.628   1.00 41.83 ? 315 HOH A O   1 
HETATM 1221 O  O   . HOH F 5 .   ? 10.990  9.039   -8.542  1.00 46.12 ? 316 HOH A O   1 
HETATM 1222 O  O   . HOH F 5 .   ? 15.297  14.583  -5.210  1.00 57.99 ? 317 HOH A O   1 
HETATM 1223 O  O   . HOH F 5 .   ? -4.210  -2.568  16.165  1.00 45.47 ? 318 HOH A O   1 
HETATM 1224 O  O   . HOH F 5 .   ? -9.232  -16.274 -3.025  1.00 56.96 ? 319 HOH A O   1 
HETATM 1225 O  O   . HOH F 5 .   ? 4.326   16.736  1.515   1.00 74.02 ? 320 HOH A O   1 
HETATM 1226 O  O   . HOH F 5 .   ? 2.415   -11.456 -0.994  1.00 43.76 ? 321 HOH A O   1 
HETATM 1227 O  O   . HOH F 5 .   ? 24.486  6.386   0.859   1.00 53.33 ? 322 HOH A O   1 
HETATM 1228 O  O   . HOH F 5 .   ? -8.200  11.841  -7.484  1.00 33.87 ? 323 HOH A O   1 
HETATM 1229 O  O   . HOH F 5 .   ? -9.916  17.965  0.937   1.00 46.65 ? 324 HOH A O   1 
HETATM 1230 O  O   . HOH F 5 .   ? 6.870   0.829   14.240  1.00 45.51 ? 325 HOH A O   1 
HETATM 1231 O  O   . HOH F 5 .   ? -6.711  2.983   -17.082 1.00 68.11 ? 326 HOH A O   1 
HETATM 1232 O  O   . HOH F 5 .   ? 5.396   12.271  5.483   1.00 39.43 ? 327 HOH A O   1 
HETATM 1233 O  O   . HOH F 5 .   ? -3.557  16.396  -5.409  1.00 48.77 ? 328 HOH A O   1 
HETATM 1234 O  O   . HOH F 5 .   ? -6.323  -19.287 0.067   1.00 41.79 ? 329 HOH A O   1 
HETATM 1235 O  O   . HOH F 5 .   ? -13.014 11.131  7.001   1.00 44.72 ? 330 HOH A O   1 
HETATM 1236 O  O   . HOH F 5 .   ? -12.094 -6.541  -13.401 1.00 55.83 ? 331 HOH A O   1 
HETATM 1237 O  O   . HOH F 5 .   ? -11.485 -6.670  -10.892 1.00 42.23 ? 332 HOH A O   1 
HETATM 1238 O  O   . HOH F 5 .   ? 0.645   15.404  7.658   1.00 52.69 ? 333 HOH A O   1 
HETATM 1239 O  O   . HOH F 5 .   ? -12.861 -1.763  -15.230 1.00 61.41 ? 334 HOH A O   1 
HETATM 1240 O  O   . HOH F 5 .   ? -4.736  2.734   15.799  1.00 51.63 ? 335 HOH A O   1 
HETATM 1241 O  O   . HOH F 5 .   ? 18.900  -6.839  -8.687  1.00 50.15 ? 336 HOH A O   1 
HETATM 1242 O  O   . HOH F 5 .   ? -7.477  -7.498  -12.366 1.00 43.67 ? 337 HOH A O   1 
HETATM 1243 O  O   . HOH F 5 .   ? -9.129  1.407   15.870  1.00 45.84 ? 338 HOH A O   1 
HETATM 1244 O  O   . HOH F 5 .   ? 3.967   7.093   -13.726 1.00 46.19 ? 339 HOH A O   1 
HETATM 1245 O  O   . HOH F 5 .   ? 16.177  -12.420 -11.680 1.00 46.50 ? 340 HOH A O   1 
HETATM 1246 O  O   . HOH F 5 .   ? 0.042   -6.399  15.180  1.00 49.54 ? 341 HOH A O   1 
HETATM 1247 O  O   . HOH F 5 .   ? 0.392   1.829   15.363  1.00 47.83 ? 342 HOH A O   1 
HETATM 1248 O  O   . HOH F 5 .   ? 10.891  13.936  0.771   1.00 31.03 ? 343 HOH A O   1 
HETATM 1249 O  O   . HOH F 5 .   ? 0.547   -8.731  14.013  1.00 41.87 ? 344 HOH A O   1 
HETATM 1250 O  O   . HOH F 5 .   ? -12.923 9.158   4.841   1.00 47.56 ? 345 HOH A O   1 
HETATM 1251 O  O   . HOH F 5 .   ? -2.854  1.352   -12.872 1.00 47.66 ? 346 HOH A O   1 
HETATM 1252 O  O   . HOH F 5 .   ? 5.712   -13.867 -2.935  1.00 35.45 ? 347 HOH A O   1 
HETATM 1253 O  O   . HOH F 5 .   ? -3.229  0.949   -15.722 1.00 57.86 ? 348 HOH A O   1 
HETATM 1254 O  O   . HOH F 5 .   ? -1.956  -3.388  -12.714 1.00 33.28 ? 349 HOH A O   1 
HETATM 1255 O  O   . HOH F 5 .   ? -7.189  9.756   9.964   1.00 58.84 ? 350 HOH A O   1 
HETATM 1256 O  O   . HOH F 5 .   ? -10.998 9.411   -8.717  1.00 53.53 ? 351 HOH A O   1 
HETATM 1257 O  O   . HOH F 5 .   ? -2.641  -4.760  15.559  1.00 50.38 ? 352 HOH A O   1 
HETATM 1258 O  O   . HOH F 5 .   ? 0.297   -1.515  -12.645 1.00 46.17 ? 353 HOH A O   1 
HETATM 1259 O  O   . HOH F 5 .   ? 6.897   12.554  1.685   1.00 26.89 ? 354 HOH A O   1 
HETATM 1260 O  O   . HOH F 5 .   ? 11.027  14.924  -3.261  1.00 49.05 ? 355 HOH A O   1 
HETATM 1261 O  O   . HOH F 5 .   ? 8.136   -13.937 -0.869  1.00 38.60 ? 356 HOH A O   1 
HETATM 1262 O  O   . HOH F 5 .   ? 22.450  0.116   -5.284  1.00 54.62 ? 357 HOH A O   1 
HETATM 1263 O  O   . HOH F 5 .   ? -7.475  12.952  -10.934 1.00 74.46 ? 358 HOH A O   1 
HETATM 1264 O  O   . HOH F 5 .   ? 3.927   -8.726  14.747  1.00 76.99 ? 359 HOH A O   1 
HETATM 1265 O  O   . HOH F 5 .   ? -8.993  0.431   -10.616 1.00 40.05 ? 360 HOH A O   1 
HETATM 1266 O  O   . HOH F 5 .   ? -5.798  -17.093 8.302   1.00 47.33 ? 361 HOH A O   1 
HETATM 1267 O  O   . HOH F 5 .   ? 4.827   14.820  3.852   1.00 30.25 ? 362 HOH A O   1 
HETATM 1268 O  O   . HOH F 5 .   ? -3.786  -16.060 14.154  1.00 46.37 ? 363 HOH A O   1 
HETATM 1269 O  O   . HOH F 5 .   ? 16.393  -2.630  -13.611 1.00 61.35 ? 364 HOH A O   1 
HETATM 1270 O  O   . HOH F 5 .   ? 7.881   14.500  -4.448  1.00 54.07 ? 365 HOH A O   1 
HETATM 1271 O  O   . HOH F 5 .   ? -7.811  -17.217 -0.861  1.00 52.21 ? 366 HOH A O   1 
HETATM 1272 O  O   . HOH F 5 .   ? -6.713  -1.460  16.112  1.00 63.01 ? 367 HOH A O   1 
HETATM 1273 O  O   . HOH F 5 .   ? -0.027  7.088   -12.009 1.00 58.13 ? 368 HOH A O   1 
HETATM 1274 O  O   . HOH F 5 .   ? -11.329 -16.329 5.279   1.00 62.80 ? 369 HOH A O   1 
HETATM 1275 O  O   . HOH F 5 .   ? -12.476 8.266   -6.955  1.00 44.76 ? 370 HOH A O   1 
HETATM 1276 O  O   . HOH F 5 .   ? -13.000 -0.074  -12.825 1.00 66.09 ? 371 HOH A O   1 
HETATM 1277 O  O   . HOH F 5 .   ? -5.187  12.117  10.011  1.00 60.62 ? 372 HOH A O   1 
HETATM 1278 O  O   . HOH F 5 .   ? 16.210  -10.945 -7.883  1.00 65.54 ? 373 HOH A O   1 
HETATM 1279 O  O   . HOH F 5 .   ? -2.716  -15.783 10.861  1.00 48.92 ? 374 HOH A O   1 
HETATM 1280 O  O   . HOH F 5 .   ? 19.748  2.544   -6.818  1.00 58.88 ? 376 HOH A O   1 
HETATM 1281 O  O   . HOH F 5 .   ? 2.000   13.102  8.203   1.00 58.93 ? 377 HOH A O   1 
HETATM 1282 O  O   . HOH F 5 .   ? 23.374  6.884   4.586   1.00 21.71 ? 378 HOH A O   1 
HETATM 1283 O  O   . HOH F 5 .   ? 18.702  -7.388  -13.792 1.00 44.78 ? 379 HOH A O   1 
HETATM 1284 O  O   . HOH F 5 .   ? 14.618  2.720   -15.477 1.00 78.18 ? 380 HOH A O   1 
HETATM 1285 O  O   . HOH F 5 .   ? -17.296 -4.309  -6.389  1.00 73.33 ? 381 HOH A O   1 
HETATM 1286 O  O   . HOH F 5 .   ? 8.918   7.836   -11.637 1.00 82.72 ? 382 HOH A O   1 
HETATM 1287 O  O   . HOH F 5 .   ? 7.190   13.631  -1.114  1.00 27.45 ? 383 HOH A O   1 
HETATM 1288 O  O   . HOH F 5 .   ? 2.965   -16.872 3.184   1.00 56.75 ? 384 HOH A O   1 
HETATM 1289 O  O   . HOH F 5 .   ? 3.669   11.690  -7.204  1.00 47.72 ? 385 HOH A O   1 
HETATM 1290 O  O   . HOH F 5 .   ? -17.121 -7.503  -4.073  1.00 78.09 ? 386 HOH A O   1 
HETATM 1291 O  O   . HOH F 5 .   ? 6.862   7.374   14.309  1.00 67.31 ? 387 HOH A O   1 
HETATM 1292 O  O   . HOH F 5 .   ? -6.073  -6.049  -14.154 1.00 46.09 ? 388 HOH A O   1 
HETATM 1293 O  O   . HOH F 5 .   ? 1.013   17.382  -4.702  1.00 54.31 ? 389 HOH A O   1 
HETATM 1294 O  O   . HOH F 5 .   ? -5.821  18.507  2.611   1.00 54.57 ? 390 HOH A O   1 
HETATM 1295 O  O   . HOH F 5 .   ? -13.560 -14.948 3.776   1.00 63.63 ? 391 HOH A O   1 
HETATM 1296 O  O   . HOH F 5 .   ? -1.961  -12.119 10.542  1.00 69.11 ? 392 HOH A O   1 
# 
